data_7QPD
#
_entry.id   7QPD
#
_cell.length_a   1.00
_cell.length_b   1.00
_cell.length_c   1.00
_cell.angle_alpha   90.00
_cell.angle_beta   90.00
_cell.angle_gamma   90.00
#
_symmetry.space_group_name_H-M   'P 1'
#
loop_
_entity.id
_entity.type
_entity.pdbx_description
1 polymer Beta-2-microglobulin
2 polymer Tapasin
3 polymer 'Protein disulfide-isomerase A3'
4 polymer 'HLA class I histocompatibility antigen, A-3 alpha chain'
5 polymer Calreticulin
6 branched beta-D-mannopyranose-(1-4)-2-acetamido-2-deoxy-beta-D-glucopyranose-(1-4)-2-acetamido-2-deoxy-beta-D-glucopyranose
7 branched alpha-D-glucopyranose-(1-3)-alpha-D-mannopyranose-(1-2)-alpha-D-mannopyranose-(1-2)-alpha-D-mannopyranose-(1-3)-beta-D-mannopyranose-(1-4)-2-acetamido-2-deoxy-beta-D-glucopyranose-(1-4)-2-acetamido-2-deoxy-beta-D-glucopyranose
#
loop_
_entity_poly.entity_id
_entity_poly.type
_entity_poly.pdbx_seq_one_letter_code
_entity_poly.pdbx_strand_id
1 'polypeptide(L)'
;IQRTPKIQVYSRHPAENGKSNFLNCYVSGFHPSDIEVDLLKNGERIEKVEHSDLSFSKDWSFYLLYYTEFTPTEKDEYAC
RVNHVTLSQPKIVKWDRDM
;
B
2 'polypeptide(L)'
;GPAVIECWFVEDASGKGLAKRPGALLLRQGPGEPPPRPDLDPELYLSVHDPAGALQAAFRRYPRGAPAPHCEMSRFVPLP
ASAKWASGLTPAQNCPRALDGAWLMVSISSPVLSLSSLLRPQPEPQQEPVLITMATVVLTVLTHTPAPRVRLGQDALLDL
SFAYMPPTSEAASSLAPGPPPFGLEWRRQHLGKGHLLLAATPGLNGQMPAAQEGAVAFAAWDDDEPWGPWTGNGTFWLPR
VQPFQEGTYLATIHLPYLQGQVTLELAVYKPPKVSLMPATLARAAPGEAPPELLCLVSHFYPSGGLEVEWELRGGPGGRS
QKAEGQRWLSALRHHSDGSVSLSGHLQPPPVTTEQHGARYACRIHHPSLPASGRSAEVTLEVAGLSGPSLEDSVGLFLSA
FLLLGLFKALGWAAVYLSTCKDSKKKAE
;
T
3 'polypeptide(L)'
;SDVLELTDDNFESRISDTGSAGLMLVEFFAPWCGHCKRLAPEYEAAATRLKGIVPLAKVDCTANTNTCNKYGVSGYPTLK
IFRDGEEAGAYDGPRTADGIVSHLKKQAGPASVPLRTEEEFKKFISDKDASIVGFFDDSFSEAHSEFLKAASNLRDNYRF
AHTNVESLVNEYDDNGEGIILFRPSHLTNKFEDKTVAYTEQKMTSGKIKKFIQENIFGICPHMTEDNKDLIQGKDLLIAY
YDVDYEKNAKGSNYWRNRVMMVAKKFLDAGHKLNFAVASRKTFSHELSDFGLESTAGEIPVVAIRTAKGEKFVMQEEFSR
DGKALERFLQDYFDGNLKRYLKSEPIPESNDGPVKVVVAENFDEIVNNENKDVLIEFYAPWCGHCKNLEPKYKELGEKLS
KDPNIVIAKMDATANDVPSPYEVRGFPTIYFSPANKKLNPKKYEGGRELSDFISYLQREATNPPVIQEEKPKKKKKAQED
L
;
E
4 'polypeptide(L)'
;GSHSMRYFFTSVSRPGRGEPRFIAVGYVDDTQFVRFDSDAASQRMEPRAPWIEQEGPEYWDQETRNVKAQSQTDRVDLGT
LRGYYNQSEAGSHTIQIMYGCDVGSDGRFLRGYRQDAYDGKDYIALNEDLRSWTAADMAAQITKRKWEAAHEAEQLRAYL
DGTCVEWLRRYLENGKETLQRTDPPKTHMTHHPISDHEATLRCWALGFYPAEITLTWQRDGEDQTQDTELVETRPAGDGT
FQKWAAVVVPSGEEQRYTCHVQHEGLPKPLTLRWELSSQPTIPIVGIIAGLVLLGAVITGAVVAAVMWRRKSSDRKGGSY
TQAASSDSAQGSDVSLTACKV
;
M
5 'polypeptide(L)'
;EPAVYFKEQFLDGDGWTSRWIESKHKSDFGKFVLSSGKFYGDEEKDKGLQTSQDARFYALSASFEPFSNKGQTLVVQFTV
KHEQNIDCGGGYVKLFPNSLDQTDMHGDSEYNIMFGPDICGPGTKKVHVIFNYKGKNVLINKDIRCKDDEFTHLYTLIVR
PDNTYEVKIDNSQVESGSLEDDWDFLPPKKIKDPDASKPEDWDERAKIDDPTDSKPEDWDKPEHIPDPDAKKPEDWDEEM
DGEWEPPVIQNPEYKGEWKPRQIDNPDYKGTWIHPEIDNPEYSPDPSIYAYDNFGVLGLDLWQVKSGTIFDNFLITNDEA
YAEEFGNETWGVTKAAEKQMKDKQDEEQRLKEEEEDKKRKEEEEAEDKEDDEDKDEDEEDEEDKEEDEEEDVPGQAKDEL
;
C
#
# COMPACT_ATOMS: atom_id res chain seq x y z
N ILE A 1 -15.42 12.50 -2.22
CA ILE A 1 -15.02 12.66 -3.61
C ILE A 1 -16.22 12.45 -4.53
N GLN A 2 -17.11 13.43 -4.56
CA GLN A 2 -18.31 13.36 -5.39
C GLN A 2 -18.06 14.10 -6.71
N ARG A 3 -17.51 13.35 -7.66
CA ARG A 3 -17.24 13.91 -8.97
C ARG A 3 -18.54 14.08 -9.77
N THR A 4 -18.63 15.18 -10.51
CA THR A 4 -19.83 15.48 -11.26
C THR A 4 -19.87 14.65 -12.54
N PRO A 5 -21.06 14.26 -13.01
CA PRO A 5 -21.17 13.58 -14.30
C PRO A 5 -20.83 14.53 -15.44
N LYS A 6 -20.28 13.96 -16.50
CA LYS A 6 -19.90 14.72 -17.69
C LYS A 6 -20.73 14.20 -18.88
N ILE A 7 -21.88 14.81 -19.10
CA ILE A 7 -22.75 14.38 -20.19
C ILE A 7 -22.05 14.59 -21.51
N GLN A 8 -22.28 13.67 -22.45
CA GLN A 8 -21.84 13.83 -23.83
C GLN A 8 -22.94 13.25 -24.72
N VAL A 9 -23.81 14.12 -25.20
CA VAL A 9 -24.93 13.71 -26.06
C VAL A 9 -24.44 13.69 -27.50
N TYR A 10 -24.81 12.65 -28.23
CA TYR A 10 -24.42 12.48 -29.62
C TYR A 10 -25.37 11.47 -30.24
N SER A 11 -25.00 10.97 -31.41
CA SER A 11 -25.75 9.94 -32.10
C SER A 11 -24.79 8.96 -32.74
N ARG A 12 -25.22 7.71 -32.90
CA ARG A 12 -24.35 6.67 -33.43
C ARG A 12 -23.88 7.01 -34.84
N HIS A 13 -24.72 7.72 -35.59
CA HIS A 13 -24.41 8.18 -36.94
C HIS A 13 -24.62 9.69 -36.99
N PRO A 14 -23.94 10.38 -37.90
CA PRO A 14 -24.23 11.80 -38.10
C PRO A 14 -25.67 11.99 -38.54
N ALA A 15 -26.29 13.04 -38.02
CA ALA A 15 -27.71 13.26 -38.26
C ALA A 15 -27.99 13.49 -39.73
N GLU A 16 -29.02 12.81 -40.24
CA GLU A 16 -29.48 12.97 -41.60
C GLU A 16 -31.00 12.89 -41.62
N ASN A 17 -31.61 13.56 -42.59
CA ASN A 17 -33.07 13.64 -42.64
C ASN A 17 -33.68 12.27 -42.88
N GLY A 18 -34.71 11.95 -42.09
CA GLY A 18 -35.50 10.75 -42.29
C GLY A 18 -34.73 9.45 -42.20
N LYS A 19 -33.89 9.30 -41.19
CA LYS A 19 -33.12 8.08 -40.99
C LYS A 19 -33.01 7.79 -39.50
N SER A 20 -33.31 6.53 -39.13
CA SER A 20 -33.29 6.13 -37.73
C SER A 20 -31.88 6.19 -37.18
N ASN A 21 -31.75 6.54 -35.90
CA ASN A 21 -30.46 6.72 -35.28
C ASN A 21 -30.63 6.59 -33.77
N PHE A 22 -29.51 6.53 -33.05
CA PHE A 22 -29.50 6.15 -31.65
C PHE A 22 -28.92 7.29 -30.82
N LEU A 23 -29.78 8.05 -30.14
CA LEU A 23 -29.36 9.20 -29.35
C LEU A 23 -28.72 8.71 -28.04
N ASN A 24 -27.48 8.23 -28.18
CA ASN A 24 -26.77 7.68 -27.04
C ASN A 24 -26.33 8.78 -26.09
N CYS A 25 -27.07 9.00 -25.00
CA CYS A 25 -26.65 9.96 -23.97
C CYS A 25 -25.62 9.24 -23.11
N TYR A 26 -24.36 9.66 -23.22
CA TYR A 26 -23.24 9.00 -22.56
C TYR A 26 -22.88 9.76 -21.30
N VAL A 27 -23.37 9.29 -20.16
CA VAL A 27 -23.04 9.93 -18.90
C VAL A 27 -21.85 9.23 -18.28
N SER A 28 -20.83 10.00 -17.87
CA SER A 28 -19.60 9.37 -17.44
C SER A 28 -18.92 10.20 -16.38
N GLY A 29 -18.05 9.56 -15.61
CA GLY A 29 -17.23 10.23 -14.63
C GLY A 29 -17.91 10.53 -13.31
N PHE A 30 -19.15 10.09 -13.10
CA PHE A 30 -19.83 10.48 -11.87
C PHE A 30 -19.50 9.51 -10.74
N HIS A 31 -19.86 9.92 -9.54
CA HIS A 31 -19.65 9.16 -8.32
C HIS A 31 -20.44 9.82 -7.18
N PRO A 32 -21.23 9.06 -6.40
CA PRO A 32 -21.54 7.63 -6.47
C PRO A 32 -22.55 7.27 -7.55
N SER A 33 -23.18 6.10 -7.42
CA SER A 33 -24.10 5.59 -8.43
C SER A 33 -25.46 6.27 -8.41
N ASP A 34 -25.77 7.04 -7.37
CA ASP A 34 -27.09 7.67 -7.30
C ASP A 34 -27.23 8.68 -8.42
N ILE A 35 -27.99 8.30 -9.45
CA ILE A 35 -28.08 9.07 -10.68
C ILE A 35 -29.44 8.86 -11.31
N GLU A 36 -29.96 9.86 -12.03
CA GLU A 36 -31.13 9.64 -12.88
C GLU A 36 -30.92 10.47 -14.15
N VAL A 37 -30.89 9.77 -15.29
CA VAL A 37 -30.64 10.36 -16.59
C VAL A 37 -31.85 10.10 -17.46
N ASP A 38 -32.49 11.16 -17.94
CA ASP A 38 -33.70 11.06 -18.72
C ASP A 38 -33.54 11.84 -20.02
N LEU A 39 -33.88 11.20 -21.13
CA LEU A 39 -33.85 11.90 -22.40
C LEU A 39 -35.17 12.63 -22.62
N LEU A 40 -35.09 13.79 -23.28
CA LEU A 40 -36.24 14.64 -23.51
C LEU A 40 -36.39 14.92 -24.99
N LYS A 41 -37.62 14.76 -25.46
CA LYS A 41 -37.99 15.12 -26.84
C LYS A 41 -38.75 16.43 -26.78
N ASN A 42 -38.04 17.53 -26.98
CA ASN A 42 -38.62 18.87 -26.91
C ASN A 42 -39.30 19.11 -25.55
N GLY A 43 -38.56 18.84 -24.46
CA GLY A 43 -39.01 19.20 -23.14
C GLY A 43 -39.68 18.11 -22.34
N GLU A 44 -40.17 17.03 -22.97
CA GLU A 44 -40.86 15.99 -22.24
C GLU A 44 -40.05 14.70 -22.22
N ARG A 45 -40.16 13.97 -21.11
CA ARG A 45 -39.39 12.75 -20.92
C ARG A 45 -39.79 11.68 -21.93
N ILE A 46 -38.79 10.99 -22.48
CA ILE A 46 -39.04 9.88 -23.39
C ILE A 46 -39.30 8.62 -22.57
N GLU A 47 -40.31 7.86 -22.96
CA GLU A 47 -40.69 6.67 -22.21
C GLU A 47 -39.73 5.52 -22.47
N LYS A 48 -39.57 5.13 -23.73
CA LYS A 48 -38.79 3.95 -24.10
C LYS A 48 -37.33 4.33 -24.28
N VAL A 49 -36.64 4.51 -23.15
CA VAL A 49 -35.21 4.83 -23.12
C VAL A 49 -34.46 3.66 -22.49
N GLU A 50 -33.97 2.76 -23.33
CA GLU A 50 -33.19 1.63 -22.84
C GLU A 50 -31.82 2.10 -22.38
N HIS A 51 -31.44 1.69 -21.17
CA HIS A 51 -30.15 2.04 -20.60
C HIS A 51 -29.23 0.82 -20.62
N SER A 52 -27.95 1.07 -20.48
CA SER A 52 -26.97 -0.01 -20.37
C SER A 52 -26.57 -0.22 -18.92
N ASP A 53 -25.79 -1.27 -18.69
CA ASP A 53 -25.40 -1.62 -17.34
C ASP A 53 -24.49 -0.56 -16.73
N LEU A 54 -24.47 -0.52 -15.41
CA LEU A 54 -23.67 0.48 -14.68
C LEU A 54 -22.20 0.11 -14.82
N SER A 55 -21.65 0.31 -16.02
CA SER A 55 -20.28 -0.07 -16.29
C SER A 55 -19.31 0.79 -15.49
N PHE A 56 -18.27 0.14 -14.97
CA PHE A 56 -17.28 0.78 -14.13
C PHE A 56 -16.10 1.23 -14.98
N SER A 57 -15.25 2.07 -14.43
CA SER A 57 -14.07 2.55 -15.13
C SER A 57 -12.84 2.47 -14.24
N LYS A 58 -11.66 2.54 -14.86
CA LYS A 58 -10.41 2.35 -14.13
C LYS A 58 -10.17 3.46 -13.13
N ASP A 59 -10.65 4.68 -13.40
CA ASP A 59 -10.39 5.82 -12.55
C ASP A 59 -11.44 6.02 -11.47
N TRP A 60 -12.11 4.94 -11.06
CA TRP A 60 -13.09 4.96 -9.97
C TRP A 60 -14.30 5.81 -10.30
N SER A 61 -14.80 5.71 -11.53
CA SER A 61 -15.99 6.41 -11.95
C SER A 61 -16.83 5.50 -12.82
N PHE A 62 -18.13 5.78 -12.85
CA PHE A 62 -19.06 4.96 -13.59
C PHE A 62 -19.25 5.55 -14.98
N TYR A 63 -19.95 4.82 -15.84
CA TYR A 63 -20.44 5.44 -17.07
C TYR A 63 -21.58 4.63 -17.64
N LEU A 64 -22.70 5.30 -17.86
CA LEU A 64 -23.93 4.73 -18.39
C LEU A 64 -24.13 5.27 -19.80
N LEU A 65 -24.85 4.51 -20.62
CA LEU A 65 -25.14 4.89 -21.99
C LEU A 65 -26.63 4.75 -22.26
N TYR A 66 -27.38 5.81 -21.98
CA TYR A 66 -28.83 5.80 -22.12
C TYR A 66 -29.17 6.11 -23.57
N TYR A 67 -29.47 5.09 -24.36
CA TYR A 67 -29.70 5.26 -25.78
C TYR A 67 -31.14 4.93 -26.13
N THR A 68 -31.75 5.77 -26.98
CA THR A 68 -33.08 5.54 -27.51
C THR A 68 -33.10 5.91 -28.99
N GLU A 69 -33.95 5.25 -29.75
CA GLU A 69 -34.01 5.48 -31.19
C GLU A 69 -34.82 6.73 -31.51
N PHE A 70 -34.40 7.44 -32.56
CA PHE A 70 -35.12 8.63 -33.01
C PHE A 70 -34.76 8.89 -34.46
N THR A 71 -35.59 9.68 -35.15
CA THR A 71 -35.27 10.06 -36.55
C THR A 71 -34.91 11.54 -36.59
N PRO A 72 -33.60 11.90 -36.69
CA PRO A 72 -33.18 13.30 -36.66
C PRO A 72 -34.13 14.17 -37.50
N THR A 73 -34.82 15.12 -36.85
CA THR A 73 -35.76 16.03 -37.57
C THR A 73 -35.43 17.47 -37.16
N GLU A 74 -35.53 18.42 -38.10
CA GLU A 74 -35.12 19.83 -37.81
C GLU A 74 -36.27 20.62 -37.17
N LYS A 75 -37.16 19.95 -36.43
CA LYS A 75 -38.22 20.66 -35.73
C LYS A 75 -38.20 20.47 -34.23
N ASP A 76 -37.52 19.44 -33.73
CA ASP A 76 -37.42 19.18 -32.30
C ASP A 76 -35.97 19.20 -31.86
N GLU A 77 -35.73 19.64 -30.63
CA GLU A 77 -34.38 19.72 -30.06
C GLU A 77 -34.29 18.71 -28.92
N TYR A 78 -33.73 17.55 -29.22
CA TYR A 78 -33.55 16.51 -28.21
C TYR A 78 -32.57 16.96 -27.15
N ALA A 79 -32.80 16.56 -25.90
CA ALA A 79 -31.94 16.97 -24.80
C ALA A 79 -31.74 15.80 -23.86
N CYS A 80 -30.73 15.91 -23.00
CA CYS A 80 -30.50 14.93 -21.96
C CYS A 80 -30.46 15.66 -20.61
N ARG A 81 -31.28 15.21 -19.68
CA ARG A 81 -31.36 15.79 -18.34
C ARG A 81 -30.74 14.81 -17.35
N VAL A 82 -29.89 15.31 -16.45
CA VAL A 82 -29.19 14.39 -15.51
C VAL A 82 -29.17 14.99 -14.10
N ASN A 83 -29.70 14.26 -13.11
CA ASN A 83 -29.64 14.71 -11.73
C ASN A 83 -28.84 13.72 -10.90
N HIS A 84 -28.06 14.26 -9.97
CA HIS A 84 -27.08 13.53 -9.20
C HIS A 84 -27.06 14.07 -7.78
N VAL A 85 -26.22 13.47 -6.92
CA VAL A 85 -26.14 13.91 -5.51
C VAL A 85 -25.28 15.17 -5.40
N THR A 86 -24.37 15.39 -6.35
CA THR A 86 -23.46 16.55 -6.24
C THR A 86 -24.02 17.79 -6.93
N LEU A 87 -24.50 17.66 -8.16
CA LEU A 87 -25.01 18.82 -8.88
C LEU A 87 -26.35 19.26 -8.28
N SER A 88 -26.48 20.57 -8.08
CA SER A 88 -27.65 21.11 -7.38
C SER A 88 -28.91 20.95 -8.21
N GLN A 89 -28.88 21.38 -9.47
CA GLN A 89 -30.05 21.38 -10.33
C GLN A 89 -29.77 20.51 -11.54
N PRO A 90 -30.73 19.65 -11.92
CA PRO A 90 -30.53 18.77 -13.07
C PRO A 90 -29.99 19.47 -14.31
N LYS A 91 -28.80 19.08 -14.73
CA LYS A 91 -28.19 19.65 -15.93
C LYS A 91 -28.99 19.23 -17.16
N ILE A 92 -29.19 20.16 -18.09
CA ILE A 92 -29.91 19.88 -19.32
C ILE A 92 -28.94 20.21 -20.46
N VAL A 93 -28.44 19.17 -21.12
CA VAL A 93 -27.53 19.34 -22.24
C VAL A 93 -28.28 19.06 -23.54
N LYS A 94 -28.35 20.06 -24.40
CA LYS A 94 -29.03 19.90 -25.67
C LYS A 94 -28.17 19.08 -26.63
N TRP A 95 -28.83 18.45 -27.60
CA TRP A 95 -28.16 17.65 -28.61
C TRP A 95 -27.84 18.56 -29.78
N ASP A 96 -26.56 18.71 -30.08
CA ASP A 96 -26.12 19.55 -31.19
C ASP A 96 -25.52 18.66 -32.27
N ARG A 97 -25.97 18.86 -33.52
CA ARG A 97 -25.48 18.06 -34.63
C ARG A 97 -23.98 18.25 -34.80
N ASP A 98 -23.51 19.48 -34.66
CA ASP A 98 -22.13 19.82 -34.96
C ASP A 98 -21.19 19.30 -33.88
N MET A 99 -21.67 19.21 -32.65
CA MET A 99 -20.81 18.93 -31.51
C MET A 99 -21.13 17.58 -30.88
N GLY B 1 1.97 25.51 21.13
CA GLY B 1 0.56 25.32 20.81
C GLY B 1 -0.17 24.45 21.80
N PRO B 2 -1.07 23.60 21.30
CA PRO B 2 -1.78 22.68 22.21
C PRO B 2 -0.86 21.66 22.85
N ALA B 3 -0.88 21.58 24.17
CA ALA B 3 -0.02 20.65 24.90
C ALA B 3 -0.65 19.28 25.07
N VAL B 4 -1.89 19.10 24.63
CA VAL B 4 -2.56 17.80 24.68
C VAL B 4 -3.29 17.56 23.37
N ILE B 5 -2.81 16.60 22.58
CA ILE B 5 -3.38 16.32 21.27
C ILE B 5 -4.31 15.13 21.43
N GLU B 6 -5.61 15.37 21.38
CA GLU B 6 -6.57 14.29 21.44
C GLU B 6 -6.49 13.45 20.17
N CYS B 7 -6.30 12.15 20.33
CA CYS B 7 -5.97 11.28 19.21
C CYS B 7 -6.91 10.09 19.23
N TRP B 8 -6.62 9.11 18.37
CA TRP B 8 -7.43 7.91 18.24
C TRP B 8 -6.54 6.72 17.93
N PHE B 9 -6.44 5.78 18.87
CA PHE B 9 -5.62 4.59 18.70
C PHE B 9 -6.39 3.57 17.85
N VAL B 10 -6.11 3.58 16.55
CA VAL B 10 -6.67 2.58 15.67
C VAL B 10 -6.06 1.22 16.00
N GLU B 11 -6.93 0.24 16.21
CA GLU B 11 -6.46 -1.12 16.55
C GLU B 11 -6.25 -1.88 15.24
N ASP B 12 -5.23 -2.72 15.17
CA ASP B 12 -4.91 -3.40 13.92
C ASP B 12 -5.32 -4.86 13.88
N ALA B 13 -5.70 -5.45 15.00
CA ALA B 13 -6.06 -6.86 15.02
C ALA B 13 -7.26 -7.13 14.10
N SER B 14 -7.13 -8.16 13.26
CA SER B 14 -8.15 -8.46 12.27
C SER B 14 -9.45 -8.92 12.91
N GLY B 15 -9.37 -9.62 14.05
CA GLY B 15 -10.57 -10.11 14.70
C GLY B 15 -11.49 -8.99 15.16
N LYS B 16 -10.91 -7.87 15.58
CA LYS B 16 -11.66 -6.72 16.04
C LYS B 16 -11.83 -5.65 14.97
N GLY B 17 -11.43 -5.94 13.73
CA GLY B 17 -11.59 -4.97 12.66
C GLY B 17 -10.69 -3.75 12.87
N LEU B 18 -11.25 -2.58 12.58
CA LEU B 18 -10.54 -1.31 12.70
C LEU B 18 -11.14 -0.45 13.80
N ALA B 19 -11.48 -1.08 14.92
CA ALA B 19 -12.12 -0.37 16.03
C ALA B 19 -11.20 0.69 16.60
N LYS B 20 -11.76 1.83 16.96
CA LYS B 20 -10.99 2.94 17.51
C LYS B 20 -11.17 3.00 19.03
N ARG B 21 -10.09 3.27 19.74
CA ARG B 21 -10.20 3.59 21.16
C ARG B 21 -9.63 4.98 21.40
N PRO B 22 -10.09 5.65 22.44
CA PRO B 22 -9.50 6.95 22.79
C PRO B 22 -8.04 6.82 23.22
N GLY B 23 -7.41 7.95 23.51
CA GLY B 23 -6.00 7.99 23.88
C GLY B 23 -5.29 9.15 23.23
N ALA B 24 -4.67 10.00 24.04
CA ALA B 24 -4.15 11.28 23.59
C ALA B 24 -2.68 11.43 23.94
N LEU B 25 -1.93 12.00 23.01
CA LEU B 25 -0.52 12.29 23.24
C LEU B 25 -0.37 13.43 24.24
N LEU B 26 0.89 13.79 24.52
CA LEU B 26 1.19 14.92 25.38
C LEU B 26 2.59 15.41 25.04
N LEU B 27 2.66 16.60 24.46
CA LEU B 27 3.94 17.14 24.00
C LEU B 27 4.78 17.59 25.19
N ARG B 28 6.07 17.80 24.92
CA ARG B 28 7.04 18.23 25.93
C ARG B 28 7.10 17.26 27.10
N GLU B 33 4.72 17.83 36.19
CA GLU B 33 3.34 17.57 36.59
C GLU B 33 2.47 17.29 35.38
N PRO B 34 2.47 16.04 34.92
CA PRO B 34 1.66 15.68 33.75
C PRO B 34 0.18 15.71 34.09
N PRO B 35 -0.62 16.43 33.32
CA PRO B 35 -2.05 16.50 33.59
C PRO B 35 -2.71 15.14 33.40
N PRO B 36 -3.30 14.59 34.46
CA PRO B 36 -3.92 13.27 34.35
C PRO B 36 -5.39 13.34 33.93
N ARG B 37 -5.78 12.39 33.09
CA ARG B 37 -7.17 12.23 32.66
C ARG B 37 -7.49 10.73 32.66
N PRO B 38 -8.18 10.26 33.69
CA PRO B 38 -8.43 8.82 33.81
C PRO B 38 -9.29 8.23 32.70
N ASP B 39 -10.00 9.08 31.94
CA ASP B 39 -10.90 8.58 30.90
C ASP B 39 -10.18 7.70 29.88
N LEU B 40 -8.91 8.00 29.60
CA LEU B 40 -8.23 7.33 28.51
C LEU B 40 -7.70 5.97 28.96
N ASP B 41 -7.51 5.07 28.02
CA ASP B 41 -6.88 3.79 28.30
C ASP B 41 -5.42 4.01 28.66
N PRO B 42 -4.91 3.42 29.74
CA PRO B 42 -3.53 3.72 30.16
C PRO B 42 -2.48 3.29 29.16
N GLU B 43 -2.80 2.34 28.26
CA GLU B 43 -1.82 1.87 27.29
C GLU B 43 -1.61 2.88 26.16
N LEU B 44 -2.63 3.65 25.80
CA LEU B 44 -2.55 4.57 24.67
C LEU B 44 -2.47 6.03 25.08
N TYR B 45 -1.91 6.33 26.25
CA TYR B 45 -1.71 7.70 26.71
C TYR B 45 -0.21 7.95 26.83
N LEU B 46 0.37 8.56 25.81
CA LEU B 46 1.82 8.67 25.67
C LEU B 46 2.28 10.08 25.99
N SER B 47 3.23 10.20 26.90
CA SER B 47 3.90 11.47 27.15
C SER B 47 5.10 11.55 26.23
N VAL B 48 4.94 12.27 25.11
CA VAL B 48 5.96 12.28 24.06
C VAL B 48 7.17 13.09 24.50
N HIS B 49 8.22 12.39 24.92
CA HIS B 49 9.50 13.03 25.21
C HIS B 49 10.33 13.01 23.94
N ASP B 50 10.46 14.15 23.29
CA ASP B 50 11.07 14.23 21.96
C ASP B 50 12.51 14.71 22.10
N PRO B 51 13.50 13.86 21.81
CA PRO B 51 14.89 14.35 21.78
C PRO B 51 15.30 14.92 20.44
N ALA B 52 14.58 14.60 19.36
CA ALA B 52 14.92 15.15 18.04
C ALA B 52 14.76 16.66 18.02
N GLY B 53 13.70 17.17 18.64
CA GLY B 53 13.42 18.60 18.68
C GLY B 53 12.53 19.08 17.55
N ALA B 54 12.17 18.21 16.61
CA ALA B 54 11.40 18.64 15.46
C ALA B 54 9.92 18.75 15.79
N LEU B 55 9.35 17.70 16.39
CA LEU B 55 7.90 17.65 16.59
C LEU B 55 7.44 18.69 17.60
N GLN B 56 8.12 18.76 18.76
CA GLN B 56 7.68 19.66 19.81
C GLN B 56 7.86 21.12 19.39
N ALA B 57 8.90 21.42 18.62
CA ALA B 57 9.08 22.78 18.13
C ALA B 57 8.10 23.09 17.00
N ALA B 58 7.76 22.10 16.18
CA ALA B 58 6.81 22.31 15.10
C ALA B 58 5.43 22.64 15.65
N PHE B 59 4.97 21.88 16.64
CA PHE B 59 3.66 22.15 17.21
C PHE B 59 3.68 23.17 18.34
N ARG B 60 4.86 23.59 18.79
CA ARG B 60 4.94 24.73 19.70
C ARG B 60 4.51 26.02 19.02
N ARG B 61 4.91 26.19 17.76
CA ARG B 61 4.55 27.37 16.98
C ARG B 61 3.25 27.17 16.20
N TYR B 62 2.63 26.00 16.31
CA TYR B 62 1.36 25.75 15.64
C TYR B 62 0.32 26.74 16.16
N PRO B 63 -0.48 27.34 15.28
CA PRO B 63 -1.36 28.43 15.70
C PRO B 63 -2.32 28.03 16.81
N ARG B 64 -2.53 28.94 17.76
CA ARG B 64 -3.43 28.70 18.86
C ARG B 64 -4.88 28.86 18.41
N GLY B 65 -5.76 28.08 19.05
CA GLY B 65 -7.16 28.09 18.69
C GLY B 65 -7.50 27.29 17.46
N ALA B 66 -6.54 26.60 16.86
CA ALA B 66 -6.79 25.82 15.67
C ALA B 66 -7.62 24.59 16.02
N PRO B 67 -8.32 24.00 15.04
CA PRO B 67 -9.07 22.77 15.32
C PRO B 67 -8.16 21.66 15.79
N ALA B 68 -8.78 20.68 16.45
CA ALA B 68 -8.02 19.57 17.01
C ALA B 68 -7.32 18.80 15.89
N PRO B 69 -6.03 18.51 16.01
CA PRO B 69 -5.36 17.69 15.00
C PRO B 69 -6.01 16.33 14.88
N HIS B 70 -6.10 15.84 13.64
CA HIS B 70 -6.83 14.60 13.34
C HIS B 70 -5.89 13.42 13.52
N CYS B 71 -5.34 13.32 14.73
CA CYS B 71 -4.36 12.28 15.03
C CYS B 71 -4.96 10.90 14.89
N GLU B 72 -4.09 9.94 14.57
CA GLU B 72 -4.49 8.55 14.36
C GLU B 72 -3.28 7.69 14.72
N MET B 73 -3.43 6.82 15.70
CA MET B 73 -2.33 5.96 16.12
C MET B 73 -2.66 4.50 15.84
N SER B 74 -1.61 3.68 15.77
CA SER B 74 -1.77 2.24 15.60
C SER B 74 -0.46 1.56 15.89
N ARG B 75 -0.50 0.26 16.13
CA ARG B 75 0.72 -0.52 16.31
C ARG B 75 1.23 -1.01 14.96
N PHE B 76 2.55 -0.96 14.79
CA PHE B 76 3.16 -1.55 13.60
C PHE B 76 4.53 -2.07 14.00
N VAL B 77 4.89 -3.24 13.49
CA VAL B 77 6.19 -3.82 13.75
C VAL B 77 7.07 -3.53 12.53
N PRO B 78 8.37 -3.28 12.71
CA PRO B 78 9.20 -2.91 11.56
C PRO B 78 9.39 -4.04 10.57
N LEU B 79 8.78 -3.92 9.40
CA LEU B 79 9.04 -4.83 8.29
C LEU B 79 9.96 -4.16 7.28
N PRO B 80 10.86 -4.91 6.65
CA PRO B 80 11.81 -4.30 5.73
C PRO B 80 11.10 -3.70 4.52
N ALA B 81 11.75 -2.70 3.93
CA ALA B 81 11.21 -2.03 2.78
C ALA B 81 10.93 -3.04 1.66
N SER B 82 9.74 -2.96 1.10
CA SER B 82 9.29 -3.94 0.10
C SER B 82 9.87 -3.66 -1.28
N ALA B 83 9.97 -2.38 -1.66
CA ALA B 83 10.41 -2.04 -3.00
C ALA B 83 11.86 -2.49 -3.22
N LYS B 84 12.16 -2.89 -4.46
CA LYS B 84 13.49 -3.39 -4.78
C LYS B 84 14.54 -2.30 -4.65
N TRP B 85 14.22 -1.07 -5.06
CA TRP B 85 15.23 -0.01 -5.09
C TRP B 85 15.80 0.27 -3.72
N ALA B 86 15.08 -0.06 -2.65
CA ALA B 86 15.51 0.19 -1.28
C ALA B 86 16.34 -0.95 -0.71
N SER B 87 16.65 -1.97 -1.52
CA SER B 87 17.37 -3.13 -1.02
C SER B 87 18.70 -2.73 -0.41
N GLY B 88 19.38 -1.75 -1.00
CA GLY B 88 20.66 -1.31 -0.48
C GLY B 88 20.57 -0.86 0.97
N LEU B 89 19.41 -0.34 1.38
CA LEU B 89 19.23 0.07 2.76
C LEU B 89 19.33 -1.12 3.71
N THR B 90 18.80 -2.27 3.31
CA THR B 90 18.75 -3.46 4.15
C THR B 90 19.32 -4.66 3.39
N PRO B 91 20.65 -4.71 3.23
CA PRO B 91 21.27 -5.80 2.46
C PRO B 91 21.56 -7.06 3.26
N ALA B 92 21.35 -7.05 4.57
CA ALA B 92 21.60 -8.22 5.41
C ALA B 92 20.31 -9.01 5.63
N GLN B 93 20.48 -10.27 5.98
CA GLN B 93 19.35 -11.17 6.23
C GLN B 93 19.02 -11.31 7.70
N ASN B 94 19.51 -10.40 8.54
CA ASN B 94 19.19 -10.41 9.96
C ASN B 94 18.70 -9.03 10.38
N CYS B 95 17.63 -9.02 11.18
CA CYS B 95 17.02 -7.80 11.69
C CYS B 95 17.87 -7.23 12.83
N PRO B 96 18.21 -5.94 12.80
CA PRO B 96 19.05 -5.37 13.85
C PRO B 96 18.36 -5.47 15.22
N ARG B 97 19.19 -5.60 16.25
CA ARG B 97 18.66 -5.75 17.60
C ARG B 97 18.17 -4.45 18.18
N ALA B 98 18.57 -3.31 17.60
CA ALA B 98 18.18 -2.02 18.14
C ALA B 98 16.69 -1.74 17.98
N LEU B 99 15.98 -2.57 17.20
CA LEU B 99 14.55 -2.37 16.96
C LEU B 99 13.68 -3.17 17.91
N ASP B 100 14.17 -3.45 19.11
CA ASP B 100 13.38 -4.16 20.11
C ASP B 100 12.30 -3.23 20.66
N GLY B 101 11.17 -3.81 21.05
CA GLY B 101 10.06 -3.05 21.57
C GLY B 101 8.99 -2.76 20.52
N ALA B 102 7.91 -2.14 20.98
CA ALA B 102 6.79 -1.83 20.10
C ALA B 102 7.04 -0.54 19.33
N TRP B 103 6.28 -0.35 18.25
CA TRP B 103 6.40 0.83 17.41
C TRP B 103 5.02 1.31 17.02
N LEU B 104 4.80 2.61 17.12
CA LEU B 104 3.49 3.22 16.88
C LEU B 104 3.64 4.31 15.83
N MET B 105 2.79 4.23 14.79
CA MET B 105 2.80 5.24 13.70
C MET B 105 1.81 6.35 14.04
N VAL B 106 2.30 7.48 14.53
CA VAL B 106 1.46 8.61 14.92
C VAL B 106 1.39 9.55 13.73
N SER B 107 0.24 9.63 13.08
CA SER B 107 0.09 10.45 11.87
C SER B 107 -0.84 11.62 12.18
N ILE B 108 -0.27 12.72 12.64
CA ILE B 108 -1.03 13.91 12.98
C ILE B 108 -1.36 14.65 11.69
N SER B 109 -2.56 14.44 11.18
CA SER B 109 -2.98 15.02 9.90
C SER B 109 -3.76 16.30 10.17
N SER B 110 -3.06 17.30 10.74
CA SER B 110 -3.70 18.61 11.02
C SER B 110 -3.85 19.38 9.71
N PRO B 111 -4.90 20.22 9.56
CA PRO B 111 -5.15 20.94 8.29
C PRO B 111 -3.99 21.81 7.84
N VAL B 112 -3.08 22.16 8.73
CA VAL B 112 -1.98 23.06 8.38
C VAL B 112 -0.67 22.32 8.13
N LEU B 113 -0.45 21.15 8.74
CA LEU B 113 0.79 20.42 8.54
C LEU B 113 0.57 18.95 8.88
N SER B 114 0.92 18.06 7.96
CA SER B 114 0.89 16.63 8.22
C SER B 114 2.10 16.23 9.05
N LEU B 115 2.17 14.94 9.40
CA LEU B 115 3.24 14.41 10.21
C LEU B 115 3.08 12.90 10.27
N SER B 116 4.20 12.18 10.46
CA SER B 116 4.15 10.74 10.70
C SER B 116 5.39 10.36 11.52
N SER B 117 5.21 10.34 12.83
CA SER B 117 6.31 9.99 13.72
C SER B 117 6.22 8.52 14.14
N LEU B 118 7.37 7.98 14.52
CA LEU B 118 7.46 6.59 14.96
C LEU B 118 7.80 6.59 16.45
N LEU B 119 6.81 6.29 17.28
CA LEU B 119 6.95 6.34 18.73
C LEU B 119 7.25 4.94 19.25
N ARG B 120 8.37 4.80 19.96
CA ARG B 120 8.69 3.54 20.64
C ARG B 120 8.49 3.73 22.14
N PRO B 121 7.39 3.23 22.70
CA PRO B 121 7.08 3.54 24.10
C PRO B 121 7.85 2.66 25.06
N GLN B 122 7.56 2.86 26.34
CA GLN B 122 8.08 2.04 27.42
C GLN B 122 7.09 0.92 27.74
N PRO B 123 7.55 -0.12 28.43
CA PRO B 123 6.67 -1.31 28.60
C PRO B 123 5.40 -1.01 29.37
N GLU B 124 5.48 -0.38 30.53
CA GLU B 124 4.34 -0.27 31.42
C GLU B 124 4.06 1.20 31.75
N PRO B 125 2.79 1.55 31.97
CA PRO B 125 2.47 2.91 32.40
C PRO B 125 3.03 3.20 33.79
N GLN B 126 3.35 4.47 34.04
CA GLN B 126 3.86 4.90 35.32
C GLN B 126 2.87 4.61 36.44
N GLN B 127 3.36 4.00 37.52
CA GLN B 127 2.49 3.67 38.65
C GLN B 127 2.52 4.77 39.71
N GLU B 128 3.71 5.06 40.25
CA GLU B 128 3.83 6.14 41.24
C GLU B 128 3.42 7.49 40.68
N PRO B 129 3.88 7.91 39.48
CA PRO B 129 3.31 9.12 38.89
C PRO B 129 1.96 8.85 38.25
N VAL B 130 1.42 9.84 37.53
CA VAL B 130 0.11 9.67 36.84
C VAL B 130 0.26 8.59 35.75
N LEU B 131 -0.86 8.07 35.23
CA LEU B 131 -0.80 6.98 34.22
C LEU B 131 -0.29 7.53 32.89
N ILE B 132 1.03 7.62 32.73
CA ILE B 132 1.61 8.08 31.47
C ILE B 132 2.55 7.00 30.95
N THR B 133 2.38 6.63 29.68
CA THR B 133 3.25 5.66 29.02
C THR B 133 4.33 6.42 28.27
N MET B 134 5.48 6.60 28.90
CA MET B 134 6.56 7.36 28.29
C MET B 134 6.93 6.76 26.94
N ALA B 135 7.35 7.63 26.01
CA ALA B 135 7.63 7.20 24.65
C ALA B 135 8.74 8.08 24.08
N THR B 136 9.32 7.62 22.97
CA THR B 136 10.41 8.32 22.32
C THR B 136 10.13 8.39 20.82
N VAL B 137 10.38 9.56 20.23
CA VAL B 137 10.23 9.75 18.79
C VAL B 137 11.54 9.39 18.11
N VAL B 138 11.45 8.72 16.96
CA VAL B 138 12.63 8.30 16.24
C VAL B 138 12.68 8.99 14.88
N LEU B 139 11.62 8.85 14.09
CA LEU B 139 11.58 9.38 12.74
C LEU B 139 10.33 10.23 12.56
N THR B 140 10.51 11.54 12.49
CA THR B 140 9.41 12.48 12.26
C THR B 140 9.46 12.94 10.81
N VAL B 141 8.33 12.91 10.13
CA VAL B 141 8.24 13.32 8.73
C VAL B 141 7.12 14.36 8.65
N LEU B 142 7.47 15.64 8.78
CA LEU B 142 6.49 16.70 8.81
C LEU B 142 6.46 17.43 7.47
N THR B 143 5.26 17.65 6.94
CA THR B 143 5.05 18.41 5.72
C THR B 143 4.36 19.72 6.09
N HIS B 144 4.93 20.85 5.65
CA HIS B 144 4.36 22.14 5.98
C HIS B 144 3.24 22.56 5.04
N THR B 145 3.05 21.86 3.93
CA THR B 145 1.98 22.18 2.98
C THR B 145 1.19 20.90 2.70
N PRO B 146 0.18 20.59 3.53
CA PRO B 146 -0.58 19.36 3.34
C PRO B 146 -1.59 19.43 2.20
N ALA B 147 -1.75 20.60 1.57
CA ALA B 147 -2.66 20.74 0.42
C ALA B 147 -2.25 21.96 -0.38
N PRO B 148 -1.14 21.88 -1.11
CA PRO B 148 -0.72 23.00 -1.95
C PRO B 148 -1.71 23.23 -3.09
N ARG B 149 -1.68 24.45 -3.62
CA ARG B 149 -2.57 24.84 -4.71
C ARG B 149 -1.72 25.60 -5.72
N VAL B 150 -1.18 24.88 -6.69
CA VAL B 150 -0.29 25.48 -7.69
C VAL B 150 -1.08 25.85 -8.93
N ARG B 151 -0.85 27.05 -9.43
CA ARG B 151 -1.48 27.47 -10.68
C ARG B 151 -0.94 26.65 -11.84
N LEU B 152 -1.82 26.27 -12.75
CA LEU B 152 -1.45 25.44 -13.88
C LEU B 152 -0.35 26.09 -14.70
N GLY B 153 0.67 25.31 -15.03
CA GLY B 153 1.79 25.77 -15.84
C GLY B 153 3.06 26.03 -15.06
N GLN B 154 2.96 26.43 -13.79
CA GLN B 154 4.12 26.73 -12.98
C GLN B 154 4.57 25.47 -12.23
N ASP B 155 5.52 25.64 -11.31
CA ASP B 155 6.07 24.53 -10.55
C ASP B 155 5.53 24.53 -9.12
N ALA B 156 5.61 23.36 -8.50
CA ALA B 156 5.13 23.16 -7.14
C ALA B 156 6.29 22.77 -6.24
N LEU B 157 6.18 23.13 -4.97
CA LEU B 157 7.22 22.90 -3.96
C LEU B 157 6.58 22.17 -2.79
N LEU B 158 6.66 20.85 -2.81
CA LEU B 158 6.03 20.02 -1.76
C LEU B 158 7.02 19.89 -0.61
N ASP B 159 6.86 20.74 0.39
CA ASP B 159 7.74 20.74 1.54
C ASP B 159 7.69 19.39 2.25
N LEU B 160 8.86 18.93 2.71
CA LEU B 160 8.99 17.65 3.40
C LEU B 160 10.26 17.71 4.24
N SER B 161 10.11 17.86 5.55
CA SER B 161 11.26 17.90 6.45
C SER B 161 11.16 16.74 7.43
N PHE B 162 12.20 15.92 7.51
CA PHE B 162 12.22 14.79 8.42
C PHE B 162 13.33 14.95 9.43
N ALA B 163 13.21 14.24 10.55
CA ALA B 163 14.18 14.29 11.64
C ALA B 163 14.36 12.88 12.17
N TYR B 164 15.61 12.51 12.42
CA TYR B 164 15.97 11.17 12.87
C TYR B 164 16.87 11.24 14.09
N MET B 165 16.54 10.40 15.07
CA MET B 165 17.38 10.14 16.24
C MET B 165 17.57 8.63 16.32
N PRO B 166 18.79 8.12 16.31
CA PRO B 166 18.98 6.66 16.26
C PRO B 166 18.45 6.00 17.50
N PRO B 167 17.78 4.85 17.37
CA PRO B 167 17.22 4.17 18.54
C PRO B 167 18.27 3.84 19.58
N THR B 168 18.18 4.45 20.75
CA THR B 168 19.18 4.24 21.79
C THR B 168 19.04 2.85 22.38
N SER B 169 20.11 2.06 22.30
CA SER B 169 20.13 0.70 22.84
C SER B 169 21.48 0.47 23.51
N GLU B 170 21.58 -0.67 24.20
CA GLU B 170 22.84 -1.03 24.86
C GLU B 170 23.95 -1.21 23.84
N ALA B 171 23.65 -1.88 22.73
CA ALA B 171 24.64 -2.10 21.69
C ALA B 171 24.69 -0.91 20.73
N ALA B 172 25.84 -0.25 20.66
CA ALA B 172 26.03 0.91 19.79
C ALA B 172 26.69 0.44 18.50
N SER B 173 25.95 0.53 17.40
CA SER B 173 26.45 0.15 16.08
C SER B 173 26.96 1.40 15.36
N SER B 174 28.00 2.01 15.92
CA SER B 174 28.59 3.22 15.36
C SER B 174 29.72 2.88 14.40
N LEU B 175 29.43 2.02 13.42
CA LEU B 175 30.45 1.69 12.41
C LEU B 175 30.82 2.90 11.58
N ALA B 176 29.84 3.71 11.19
CA ALA B 176 30.07 4.91 10.41
C ALA B 176 29.40 6.08 11.12
N PRO B 177 30.07 6.65 12.12
CA PRO B 177 29.47 7.77 12.87
C PRO B 177 29.11 8.93 11.96
N GLY B 178 27.85 9.32 12.02
CA GLY B 178 27.33 10.36 11.16
C GLY B 178 25.94 10.01 10.66
N PRO B 179 25.46 10.76 9.66
CA PRO B 179 24.11 10.52 9.15
C PRO B 179 24.04 9.24 8.34
N PRO B 180 23.17 8.31 8.73
CA PRO B 180 23.02 7.09 7.94
C PRO B 180 22.31 7.38 6.64
N PRO B 181 22.57 6.59 5.60
CA PRO B 181 21.85 6.79 4.33
C PRO B 181 20.38 6.45 4.47
N PHE B 182 19.56 7.16 3.69
CA PHE B 182 18.12 6.99 3.72
C PHE B 182 17.60 6.92 2.29
N GLY B 183 16.34 6.52 2.14
CA GLY B 183 15.72 6.51 0.83
C GLY B 183 14.44 7.32 0.76
N LEU B 184 14.48 8.45 0.07
CA LEU B 184 13.26 9.21 -0.18
C LEU B 184 12.52 8.60 -1.35
N GLU B 185 11.19 8.64 -1.29
CA GLU B 185 10.37 8.02 -2.34
C GLU B 185 9.08 8.82 -2.48
N TRP B 186 8.95 9.54 -3.59
CA TRP B 186 7.71 10.26 -3.83
C TRP B 186 6.83 9.48 -4.79
N ARG B 187 5.52 9.53 -4.55
CA ARG B 187 4.61 8.68 -5.32
C ARG B 187 3.23 9.31 -5.46
N ARG B 188 2.77 9.46 -6.70
CA ARG B 188 1.45 10.01 -6.95
C ARG B 188 0.42 8.89 -7.03
N GLN B 189 -0.70 9.07 -6.32
CA GLN B 189 -1.81 8.08 -6.33
C GLN B 189 -3.10 8.83 -6.69
N HIS B 190 -3.36 9.01 -7.98
CA HIS B 190 -4.51 9.78 -8.44
C HIS B 190 -5.43 8.87 -9.25
N LEU B 191 -6.47 8.36 -8.60
CA LEU B 191 -7.52 7.59 -9.27
C LEU B 191 -6.94 6.42 -10.06
N GLY B 192 -6.20 5.55 -9.38
CA GLY B 192 -5.66 4.37 -10.06
C GLY B 192 -4.61 4.72 -11.09
N LYS B 193 -3.57 5.45 -10.71
CA LYS B 193 -2.44 5.71 -11.65
C LYS B 193 -1.19 5.12 -11.00
N GLY B 194 -0.84 5.58 -9.80
CA GLY B 194 0.27 5.00 -9.08
C GLY B 194 1.62 5.03 -9.77
N HIS B 195 2.12 6.23 -10.07
CA HIS B 195 3.43 6.39 -10.69
C HIS B 195 4.48 6.67 -9.63
N LEU B 196 5.65 6.07 -9.77
CA LEU B 196 6.78 6.34 -8.90
C LEU B 196 7.55 7.53 -9.45
N LEU B 197 7.33 8.70 -8.86
CA LEU B 197 7.91 9.92 -9.42
C LEU B 197 9.42 9.96 -9.27
N LEU B 198 9.92 9.71 -8.06
CA LEU B 198 11.37 9.60 -7.88
C LEU B 198 11.66 8.77 -6.64
N ALA B 199 12.76 8.03 -6.70
CA ALA B 199 13.30 7.31 -5.55
C ALA B 199 14.79 7.60 -5.46
N ALA B 200 15.22 8.09 -4.31
CA ALA B 200 16.59 8.52 -4.12
C ALA B 200 17.16 7.90 -2.87
N THR B 201 18.46 7.62 -2.90
CA THR B 201 19.19 7.07 -1.75
C THR B 201 20.44 7.90 -1.52
N PRO B 202 20.30 9.08 -0.91
CA PRO B 202 21.48 9.88 -0.59
C PRO B 202 22.42 9.14 0.34
N GLY B 203 23.72 9.36 0.13
CA GLY B 203 24.74 8.69 0.92
C GLY B 203 25.14 7.35 0.33
N LEU B 204 24.18 6.45 0.17
CA LEU B 204 24.42 5.18 -0.49
C LEU B 204 24.45 5.38 -2.00
N ASN B 205 25.09 4.43 -2.69
CA ASN B 205 25.24 4.49 -4.14
C ASN B 205 24.61 3.27 -4.78
N GLY B 206 23.79 3.51 -5.81
CA GLY B 206 23.15 2.44 -6.54
C GLY B 206 22.47 2.99 -7.77
N GLN B 207 21.93 2.07 -8.57
CA GLN B 207 21.21 2.44 -9.79
C GLN B 207 19.75 2.66 -9.44
N MET B 208 19.39 3.92 -9.21
CA MET B 208 18.05 4.27 -8.80
C MET B 208 17.10 4.27 -10.00
N PRO B 209 15.81 4.01 -9.77
CA PRO B 209 14.82 4.26 -10.82
C PRO B 209 14.86 5.72 -11.25
N ALA B 210 14.76 5.94 -12.55
CA ALA B 210 14.89 7.29 -13.08
C ALA B 210 13.77 8.19 -12.58
N ALA B 211 14.13 9.38 -12.15
CA ALA B 211 13.14 10.38 -11.75
C ALA B 211 12.26 10.74 -12.93
N GLN B 212 10.96 10.59 -12.77
CA GLN B 212 10.01 10.73 -13.87
C GLN B 212 9.38 12.11 -13.86
N GLU B 213 9.02 12.57 -15.06
CA GLU B 213 8.25 13.80 -15.25
C GLU B 213 9.04 15.04 -14.86
N GLY B 214 10.37 14.96 -14.91
CA GLY B 214 11.20 16.11 -14.62
C GLY B 214 11.31 16.46 -13.16
N ALA B 215 10.90 15.57 -12.27
CA ALA B 215 10.88 15.87 -10.85
C ALA B 215 12.28 15.77 -10.25
N VAL B 216 12.59 16.69 -9.34
CA VAL B 216 13.85 16.67 -8.60
C VAL B 216 13.55 16.97 -7.13
N ALA B 217 14.26 16.30 -6.23
CA ALA B 217 14.07 16.47 -4.80
C ALA B 217 15.38 16.86 -4.14
N PHE B 218 15.31 17.84 -3.24
CA PHE B 218 16.49 18.30 -2.51
C PHE B 218 16.83 17.40 -1.33
N ALA B 219 16.94 16.09 -1.56
CA ALA B 219 17.10 15.14 -0.46
C ALA B 219 18.54 15.10 0.05
N ALA B 220 18.77 15.67 1.23
CA ALA B 220 20.10 15.67 1.83
C ALA B 220 20.03 16.09 3.29
N TRP B 221 20.78 15.40 4.15
CA TRP B 221 20.88 15.79 5.55
C TRP B 221 21.43 17.21 5.65
N ASP B 222 20.73 18.06 6.41
CA ASP B 222 21.25 19.41 6.64
C ASP B 222 22.54 19.37 7.45
N ASP B 223 22.60 18.53 8.47
CA ASP B 223 23.76 18.40 9.33
C ASP B 223 24.57 17.18 8.91
N ASP B 224 25.85 17.16 9.33
CA ASP B 224 26.73 15.99 9.05
C ASP B 224 27.42 15.61 10.36
N GLU B 225 26.90 16.06 11.50
CA GLU B 225 27.50 15.79 12.79
C GLU B 225 27.59 14.29 13.02
N PRO B 226 28.58 13.83 13.79
CA PRO B 226 28.79 12.40 13.96
C PRO B 226 27.71 11.69 14.77
N TRP B 227 27.12 12.37 15.76
CA TRP B 227 26.14 11.68 16.60
C TRP B 227 24.80 12.41 16.70
N GLY B 228 24.82 13.75 16.60
CA GLY B 228 23.65 14.55 16.86
C GLY B 228 22.45 14.17 16.01
N PRO B 229 21.25 14.35 16.56
CA PRO B 229 20.03 14.07 15.78
C PRO B 229 20.03 14.86 14.48
N TRP B 230 19.68 14.19 13.40
CA TRP B 230 19.88 14.73 12.05
C TRP B 230 18.54 15.13 11.44
N THR B 231 18.45 16.39 11.00
CA THR B 231 17.18 16.89 10.41
C THR B 231 17.36 17.05 8.90
N GLY B 232 16.84 16.11 8.11
CA GLY B 232 17.06 16.14 6.65
C GLY B 232 16.05 17.00 5.91
N ASN B 233 16.30 17.24 4.61
CA ASN B 233 15.39 18.06 3.78
C ASN B 233 14.94 17.22 2.57
N GLY B 234 13.64 17.14 2.32
CA GLY B 234 13.13 16.28 1.22
C GLY B 234 12.01 16.91 0.44
N THR B 235 12.08 18.22 0.18
CA THR B 235 11.03 18.92 -0.60
C THR B 235 10.98 18.34 -2.03
N PHE B 236 9.83 18.47 -2.70
CA PHE B 236 9.67 17.90 -4.07
C PHE B 236 9.47 19.04 -5.07
N TRP B 237 10.40 19.21 -6.02
CA TRP B 237 10.30 20.33 -6.95
C TRP B 237 9.79 19.80 -8.29
N LEU B 238 8.46 19.72 -8.41
CA LEU B 238 7.83 19.27 -9.64
C LEU B 238 7.60 20.45 -10.56
N PRO B 239 8.22 20.51 -11.73
CA PRO B 239 8.07 21.66 -12.62
C PRO B 239 6.94 21.48 -13.62
N ARG B 240 6.31 22.60 -13.97
CA ARG B 240 5.25 22.67 -14.99
C ARG B 240 4.13 21.68 -14.67
N VAL B 241 3.45 21.96 -13.55
CA VAL B 241 2.41 21.07 -13.05
C VAL B 241 1.25 21.07 -14.04
N GLN B 242 1.10 19.94 -14.74
CA GLN B 242 -0.01 19.79 -15.72
C GLN B 242 -1.15 19.03 -15.06
N PRO B 243 -2.40 19.11 -15.57
CA PRO B 243 -3.56 18.50 -14.91
C PRO B 243 -3.39 17.03 -14.58
N PHE B 244 -2.69 16.26 -15.41
CA PHE B 244 -2.54 14.83 -15.12
C PHE B 244 -1.63 14.58 -13.92
N GLN B 245 -0.94 15.60 -13.42
CA GLN B 245 -0.11 15.48 -12.23
C GLN B 245 -0.86 15.86 -10.95
N GLU B 246 -2.15 16.13 -11.07
CA GLU B 246 -2.99 16.37 -9.90
C GLU B 246 -3.19 15.07 -9.13
N GLY B 247 -3.37 15.18 -7.81
CA GLY B 247 -3.60 14.02 -6.99
C GLY B 247 -2.80 14.04 -5.71
N THR B 248 -2.96 13.01 -4.87
CA THR B 248 -2.24 12.95 -3.61
C THR B 248 -0.83 12.45 -3.84
N TYR B 249 0.16 13.14 -3.27
CA TYR B 249 1.57 12.84 -3.47
C TYR B 249 2.12 12.32 -2.14
N LEU B 250 2.04 11.01 -1.95
CA LEU B 250 2.57 10.47 -0.71
C LEU B 250 4.08 10.29 -0.81
N ALA B 251 4.77 10.77 0.22
CA ALA B 251 6.22 10.74 0.29
C ALA B 251 6.62 9.87 1.46
N THR B 252 7.55 8.95 1.21
CA THR B 252 8.03 8.01 2.21
C THR B 252 9.52 8.22 2.42
N ILE B 253 9.91 8.39 3.68
CA ILE B 253 11.31 8.35 4.09
C ILE B 253 11.59 6.92 4.52
N HIS B 254 12.50 6.27 3.81
CA HIS B 254 12.91 4.91 4.12
C HIS B 254 14.22 4.94 4.90
N LEU B 255 14.24 4.25 6.03
CA LEU B 255 15.40 4.07 6.87
C LEU B 255 15.54 2.57 7.09
N PRO B 256 16.67 2.08 7.63
CA PRO B 256 16.75 0.64 7.91
C PRO B 256 15.57 0.16 8.72
N TYR B 257 14.69 -0.60 8.08
CA TYR B 257 13.46 -1.12 8.68
C TYR B 257 12.58 -0.03 9.29
N LEU B 258 12.55 1.15 8.70
CA LEU B 258 11.69 2.24 9.17
C LEU B 258 11.07 2.93 7.97
N GLN B 259 9.78 3.28 8.08
CA GLN B 259 9.08 3.97 7.01
C GLN B 259 8.29 5.12 7.61
N GLY B 260 8.54 6.33 7.12
CA GLY B 260 7.70 7.46 7.47
C GLY B 260 6.99 8.03 6.26
N GLN B 261 5.69 7.85 6.16
CA GLN B 261 4.94 8.19 4.96
C GLN B 261 3.90 9.26 5.27
N VAL B 262 3.89 10.33 4.49
CA VAL B 262 2.91 11.41 4.65
C VAL B 262 2.36 11.80 3.28
N THR B 263 1.07 12.09 3.25
CA THR B 263 0.38 12.42 2.01
C THR B 263 0.07 13.91 1.96
N LEU B 264 -0.19 14.39 0.74
CA LEU B 264 -0.57 15.78 0.52
C LEU B 264 -1.24 15.87 -0.85
N GLU B 265 -2.38 16.55 -0.89
CA GLU B 265 -3.20 16.65 -2.09
C GLU B 265 -2.81 17.90 -2.85
N LEU B 266 -2.23 17.71 -4.03
CA LEU B 266 -1.80 18.83 -4.88
C LEU B 266 -2.95 19.20 -5.80
N ALA B 267 -3.67 20.26 -5.45
CA ALA B 267 -4.76 20.75 -6.27
C ALA B 267 -4.26 21.76 -7.28
N VAL B 268 -4.70 21.62 -8.53
CA VAL B 268 -4.28 22.48 -9.63
C VAL B 268 -5.46 23.37 -10.00
N TYR B 269 -5.21 24.67 -10.07
CA TYR B 269 -6.24 25.64 -10.43
C TYR B 269 -5.73 26.53 -11.54
N LYS B 270 -6.61 26.83 -12.49
CA LYS B 270 -6.29 27.75 -13.58
C LYS B 270 -7.48 28.67 -13.79
N PRO B 271 -7.39 29.93 -13.39
CA PRO B 271 -8.54 30.82 -13.46
C PRO B 271 -9.04 30.97 -14.90
N PRO B 272 -10.35 30.89 -15.10
CA PRO B 272 -10.88 30.98 -16.46
C PRO B 272 -10.92 32.40 -16.98
N LYS B 273 -11.29 32.52 -18.25
CA LYS B 273 -11.60 33.79 -18.87
C LYS B 273 -12.93 33.66 -19.60
N VAL B 274 -13.78 34.67 -19.44
CA VAL B 274 -15.15 34.60 -19.91
C VAL B 274 -15.33 35.55 -21.09
N SER B 275 -16.36 35.27 -21.88
CA SER B 275 -16.63 36.05 -23.09
C SER B 275 -18.08 35.87 -23.49
N LEU B 276 -18.78 36.97 -23.71
CA LEU B 276 -20.14 36.92 -24.25
C LEU B 276 -20.14 37.27 -25.73
N MET B 277 -20.78 36.43 -26.53
CA MET B 277 -20.83 36.60 -27.96
C MET B 277 -22.29 36.64 -28.39
N PRO B 278 -22.66 37.55 -29.30
CA PRO B 278 -24.04 37.61 -29.82
C PRO B 278 -24.40 36.35 -30.62
N PRO B 291 -32.09 36.96 -29.67
CA PRO B 291 -30.87 36.23 -30.00
C PRO B 291 -30.42 35.33 -28.87
N GLU B 292 -29.38 34.52 -29.10
CA GLU B 292 -28.94 33.48 -28.16
C GLU B 292 -27.57 33.87 -27.63
N LEU B 293 -27.49 34.10 -26.33
CA LEU B 293 -26.24 34.54 -25.72
C LEU B 293 -25.40 33.33 -25.32
N LEU B 294 -24.14 33.34 -25.77
CA LEU B 294 -23.19 32.26 -25.51
C LEU B 294 -22.15 32.75 -24.51
N CYS B 295 -22.33 32.40 -23.23
CA CYS B 295 -21.30 32.63 -22.23
C CYS B 295 -20.22 31.58 -22.43
N LEU B 296 -19.16 31.99 -23.13
CA LEU B 296 -18.05 31.10 -23.44
C LEU B 296 -16.96 31.24 -22.40
N VAL B 297 -16.43 30.11 -21.95
CA VAL B 297 -15.39 30.07 -20.93
C VAL B 297 -14.09 29.59 -21.56
N SER B 298 -13.01 30.31 -21.30
CA SER B 298 -11.71 29.98 -21.87
C SER B 298 -11.10 28.82 -21.09
N HIS B 299 -9.81 28.57 -21.31
CA HIS B 299 -9.12 27.45 -20.66
C HIS B 299 -9.15 27.62 -19.14
N PHE B 300 -9.50 26.55 -18.43
CA PHE B 300 -9.53 26.59 -16.98
C PHE B 300 -9.45 25.19 -16.42
N TYR B 301 -9.23 25.11 -15.10
CA TYR B 301 -9.10 23.85 -14.40
C TYR B 301 -9.24 24.15 -12.92
N PRO B 302 -9.85 23.26 -12.12
CA PRO B 302 -10.40 21.95 -12.48
C PRO B 302 -11.73 22.03 -13.24
N SER B 303 -12.07 20.93 -13.91
CA SER B 303 -13.28 20.90 -14.73
C SER B 303 -14.53 21.14 -13.90
N GLY B 304 -14.63 20.51 -12.73
CA GLY B 304 -15.81 20.60 -11.91
C GLY B 304 -15.86 21.87 -11.08
N GLY B 305 -17.01 22.07 -10.42
CA GLY B 305 -17.22 23.20 -9.56
C GLY B 305 -17.74 24.45 -10.23
N LEU B 306 -17.70 24.51 -11.55
CA LEU B 306 -18.17 25.68 -12.28
C LEU B 306 -19.68 25.82 -12.12
N GLU B 307 -20.15 27.06 -11.97
CA GLU B 307 -21.57 27.36 -11.89
C GLU B 307 -21.84 28.61 -12.72
N VAL B 308 -22.66 28.46 -13.76
CA VAL B 308 -23.06 29.61 -14.56
C VAL B 308 -24.28 30.27 -13.92
N GLU B 309 -24.25 31.59 -13.79
CA GLU B 309 -25.38 32.36 -13.31
C GLU B 309 -25.65 33.48 -14.32
N TRP B 310 -26.91 33.90 -14.40
CA TRP B 310 -27.34 34.84 -15.42
C TRP B 310 -28.10 35.97 -14.76
N GLU B 311 -27.80 37.21 -15.16
CA GLU B 311 -28.38 38.38 -14.52
C GLU B 311 -28.77 39.40 -15.59
N LEU B 312 -29.98 39.94 -15.48
CA LEU B 312 -30.42 41.03 -16.34
C LEU B 312 -30.32 42.35 -15.56
N ARG B 313 -29.32 43.16 -15.91
CA ARG B 313 -29.09 44.42 -15.21
C ARG B 313 -29.71 45.58 -15.98
N SER B 320 -30.01 44.78 -10.25
CA SER B 320 -30.20 43.74 -11.25
C SER B 320 -31.06 42.60 -10.69
N GLN B 321 -31.45 41.68 -11.58
CA GLN B 321 -32.27 40.54 -11.21
C GLN B 321 -31.85 39.34 -12.02
N LYS B 322 -32.25 38.14 -11.56
CA LYS B 322 -31.95 36.91 -12.27
C LYS B 322 -32.51 36.95 -13.68
N ALA B 323 -31.69 36.59 -14.66
CA ALA B 323 -32.10 36.68 -16.06
C ALA B 323 -33.18 35.66 -16.39
N GLU B 324 -34.22 36.12 -17.10
CA GLU B 324 -35.28 35.23 -17.55
C GLU B 324 -34.90 34.57 -18.87
N GLY B 325 -35.65 33.54 -19.22
CA GLY B 325 -35.39 32.76 -20.41
C GLY B 325 -34.71 31.45 -20.07
N GLN B 326 -34.89 30.46 -20.94
CA GLN B 326 -34.36 29.13 -20.68
C GLN B 326 -32.92 29.02 -21.17
N ARG B 327 -32.13 28.28 -20.40
CA ARG B 327 -30.70 28.18 -20.74
C ARG B 327 -30.24 26.73 -20.62
N TRP B 328 -29.14 26.40 -21.28
CA TRP B 328 -28.55 25.06 -21.24
C TRP B 328 -27.03 25.20 -21.34
N LEU B 329 -26.34 24.08 -21.24
CA LEU B 329 -24.89 24.05 -21.22
C LEU B 329 -24.36 23.32 -22.44
N SER B 330 -23.05 23.34 -22.59
CA SER B 330 -22.35 22.61 -23.64
C SER B 330 -21.39 21.60 -23.02
N ALA B 331 -21.03 20.59 -23.81
CA ALA B 331 -20.12 19.57 -23.33
C ALA B 331 -18.72 20.14 -23.16
N LEU B 332 -17.96 19.53 -22.24
CA LEU B 332 -16.61 19.99 -21.96
C LEU B 332 -15.69 19.69 -23.14
N ARG B 333 -15.22 20.74 -23.81
CA ARG B 333 -14.29 20.59 -24.92
C ARG B 333 -12.88 20.53 -24.34
N HIS B 334 -12.40 19.31 -24.11
CA HIS B 334 -11.09 19.10 -23.52
C HIS B 334 -9.97 19.58 -24.45
N HIS B 335 -9.27 20.64 -24.05
CA HIS B 335 -8.00 20.95 -24.69
C HIS B 335 -6.95 19.92 -24.29
N SER B 336 -6.04 19.64 -25.22
CA SER B 336 -5.13 18.51 -25.04
C SER B 336 -4.22 18.74 -23.83
N ASP B 337 -4.06 19.99 -23.41
CA ASP B 337 -3.22 20.30 -22.22
C ASP B 337 -3.90 19.73 -20.97
N GLY B 338 -5.23 19.80 -20.91
CA GLY B 338 -5.98 19.30 -19.76
C GLY B 338 -7.05 20.30 -19.36
N SER B 339 -6.79 21.58 -19.58
CA SER B 339 -7.79 22.61 -19.32
C SER B 339 -8.99 22.42 -20.23
N VAL B 340 -10.17 22.72 -19.72
CA VAL B 340 -11.41 22.51 -20.43
C VAL B 340 -12.06 23.85 -20.76
N SER B 341 -13.17 23.79 -21.48
CA SER B 341 -13.88 25.00 -21.90
C SER B 341 -15.29 24.64 -22.34
N LEU B 342 -16.28 25.30 -21.74
CA LEU B 342 -17.67 25.07 -22.07
C LEU B 342 -18.32 26.40 -22.44
N SER B 343 -19.51 26.32 -23.02
CA SER B 343 -20.24 27.50 -23.49
C SER B 343 -21.71 27.35 -23.13
N GLY B 344 -22.15 28.12 -22.15
CA GLY B 344 -23.55 28.12 -21.76
C GLY B 344 -24.40 28.99 -22.65
N HIS B 345 -25.50 28.45 -23.18
CA HIS B 345 -26.34 29.18 -24.14
C HIS B 345 -27.66 29.52 -23.44
N LEU B 346 -28.03 30.81 -23.47
CA LEU B 346 -29.30 31.26 -22.94
C LEU B 346 -30.11 31.93 -24.03
N GLN B 347 -31.42 31.69 -24.00
CA GLN B 347 -32.36 32.30 -24.95
C GLN B 347 -33.38 33.13 -24.18
N PRO B 348 -33.30 34.47 -24.22
CA PRO B 348 -34.29 35.32 -23.54
C PRO B 348 -35.58 35.44 -24.33
N ALA B 358 -30.53 48.59 -20.79
CA ALA B 358 -30.30 47.39 -19.97
C ALA B 358 -29.15 46.57 -20.52
N ARG B 359 -28.73 45.56 -19.76
CA ARG B 359 -27.62 44.71 -20.16
C ARG B 359 -27.86 43.30 -19.65
N TYR B 360 -27.19 42.33 -20.29
CA TYR B 360 -27.27 40.93 -19.90
C TYR B 360 -25.88 40.46 -19.53
N ALA B 361 -25.74 39.86 -18.35
CA ALA B 361 -24.43 39.44 -17.86
C ALA B 361 -24.47 37.99 -17.42
N CYS B 362 -23.37 37.29 -17.66
CA CYS B 362 -23.18 35.94 -17.14
C CYS B 362 -22.03 35.95 -16.15
N ARG B 363 -22.27 35.37 -14.98
CA ARG B 363 -21.27 35.27 -13.92
C ARG B 363 -20.85 33.82 -13.77
N ILE B 364 -19.55 33.59 -13.86
CA ILE B 364 -18.96 32.27 -13.65
C ILE B 364 -18.58 32.16 -12.18
N HIS B 365 -18.92 31.04 -11.57
CA HIS B 365 -18.58 30.76 -10.17
C HIS B 365 -17.65 29.55 -10.18
N HIS B 366 -16.37 29.80 -9.98
CA HIS B 366 -15.33 28.79 -9.94
C HIS B 366 -14.48 28.98 -8.69
N PRO B 367 -14.09 27.89 -8.02
CA PRO B 367 -13.32 28.04 -6.78
C PRO B 367 -12.02 28.81 -6.94
N SER B 368 -11.33 28.62 -8.08
CA SER B 368 -10.02 29.29 -8.28
C SER B 368 -10.19 30.81 -8.27
N LEU B 369 -11.11 31.33 -9.10
CA LEU B 369 -11.33 32.76 -9.19
C LEU B 369 -12.02 33.27 -7.92
N PRO B 370 -11.92 34.58 -7.63
CA PRO B 370 -12.62 35.12 -6.46
C PRO B 370 -14.11 34.77 -6.47
N ALA B 371 -14.58 34.19 -5.36
CA ALA B 371 -15.91 33.58 -5.33
C ALA B 371 -17.02 34.55 -5.71
N SER B 372 -16.73 35.84 -5.82
CA SER B 372 -17.71 36.79 -6.33
C SER B 372 -18.09 36.46 -7.77
N GLY B 373 -17.10 36.12 -8.59
CA GLY B 373 -17.37 35.71 -9.95
C GLY B 373 -16.85 36.67 -11.01
N ARG B 374 -15.93 36.20 -11.84
CA ARG B 374 -15.42 37.01 -12.95
C ARG B 374 -16.47 37.02 -14.05
N SER B 375 -17.45 37.91 -13.89
CA SER B 375 -18.59 37.98 -14.80
C SER B 375 -18.25 38.81 -16.04
N ALA B 376 -19.04 38.60 -17.09
CA ALA B 376 -18.94 39.39 -18.31
C ALA B 376 -20.33 39.83 -18.72
N GLU B 377 -20.43 41.07 -19.17
CA GLU B 377 -21.72 41.69 -19.49
C GLU B 377 -21.70 42.25 -20.90
N VAL B 378 -22.89 42.27 -21.51
CA VAL B 378 -23.10 42.88 -22.81
C VAL B 378 -24.27 43.85 -22.71
N THR B 379 -24.05 45.09 -23.13
CA THR B 379 -25.09 46.11 -23.07
C THR B 379 -25.47 46.60 -24.46
N ASP C 2 8.65 -28.71 18.41
CA ASP C 2 9.47 -29.84 18.85
C ASP C 2 10.68 -29.38 19.65
N VAL C 3 11.21 -28.19 19.35
CA VAL C 3 12.40 -27.70 20.05
C VAL C 3 12.02 -27.14 21.42
N LEU C 4 12.99 -27.11 22.31
CA LEU C 4 12.82 -26.55 23.64
C LEU C 4 13.18 -25.07 23.63
N GLU C 5 12.40 -24.27 24.36
CA GLU C 5 12.65 -22.84 24.48
C GLU C 5 13.67 -22.62 25.58
N LEU C 6 14.90 -22.25 25.20
CA LEU C 6 16.02 -22.14 26.13
C LEU C 6 16.09 -20.72 26.68
N THR C 7 15.22 -20.41 27.63
CA THR C 7 15.24 -19.09 28.24
C THR C 7 16.46 -18.94 29.13
N ASP C 8 16.60 -17.74 29.72
CA ASP C 8 17.80 -17.42 30.48
C ASP C 8 17.93 -18.31 31.71
N ASP C 9 16.86 -18.43 32.50
CA ASP C 9 16.96 -19.08 33.80
C ASP C 9 17.39 -20.54 33.69
N ASN C 10 17.21 -21.16 32.53
CA ASN C 10 17.61 -22.54 32.32
C ASN C 10 18.52 -22.66 31.12
N PHE C 11 19.23 -21.59 30.78
CA PHE C 11 20.09 -21.61 29.60
C PHE C 11 21.32 -22.48 29.85
N GLU C 12 22.18 -22.04 30.77
CA GLU C 12 23.40 -22.77 31.05
C GLU C 12 23.11 -24.15 31.62
N SER C 13 21.94 -24.33 32.24
CA SER C 13 21.54 -25.65 32.72
C SER C 13 21.36 -26.62 31.57
N ARG C 14 20.76 -26.17 30.46
CA ARG C 14 20.47 -27.08 29.36
C ARG C 14 21.36 -26.87 28.15
N ILE C 15 22.23 -25.86 28.18
CA ILE C 15 23.17 -25.63 27.09
C ILE C 15 24.24 -26.70 27.12
N SER C 16 24.47 -27.27 28.30
CA SER C 16 25.48 -28.31 28.47
C SER C 16 25.09 -29.60 27.75
N LEU C 23 26.52 -32.11 18.89
CA LEU C 23 26.63 -30.82 19.55
C LEU C 23 25.26 -30.15 19.65
N MET C 24 25.28 -28.90 20.13
CA MET C 24 24.00 -28.17 20.36
C MET C 24 23.86 -26.99 19.39
N LEU C 25 22.66 -26.81 18.84
CA LEU C 25 22.35 -25.71 17.94
C LEU C 25 21.21 -24.92 18.53
N VAL C 26 21.44 -23.62 18.75
CA VAL C 26 20.44 -22.70 19.28
C VAL C 26 20.34 -21.50 18.35
N GLU C 27 19.12 -21.12 17.99
CA GLU C 27 18.89 -19.97 17.11
C GLU C 27 18.20 -18.89 17.93
N PHE C 28 18.84 -17.74 18.06
CA PHE C 28 18.19 -16.59 18.67
C PHE C 28 17.24 -15.96 17.66
N PHE C 29 16.06 -15.53 18.13
CA PHE C 29 15.06 -14.98 17.22
C PHE C 29 14.22 -13.94 17.94
N ALA C 30 13.62 -13.07 17.14
CA ALA C 30 12.70 -12.04 17.60
C ALA C 30 11.41 -12.12 16.80
N PRO C 31 10.26 -12.23 17.48
CA PRO C 31 9.02 -12.56 16.76
C PRO C 31 8.63 -11.57 15.67
N TRP C 32 8.94 -10.28 15.83
CA TRP C 32 8.50 -9.29 14.86
C TRP C 32 9.23 -9.44 13.53
N CYS C 33 10.49 -9.85 13.56
CA CYS C 33 11.27 -9.96 12.33
C CYS C 33 10.71 -11.05 11.44
N GLY C 34 10.59 -10.74 10.13
CA GLY C 34 10.07 -11.72 9.20
C GLY C 34 11.09 -12.79 8.85
N HIS C 35 12.38 -12.51 9.07
CA HIS C 35 13.41 -13.47 8.73
C HIS C 35 13.30 -14.74 9.57
N CYS C 36 13.05 -14.60 10.87
CA CYS C 36 12.92 -15.77 11.74
C CYS C 36 11.67 -16.55 11.41
N LYS C 37 10.55 -15.86 11.18
CA LYS C 37 9.31 -16.54 10.85
C LYS C 37 9.41 -17.25 9.50
N ARG C 38 10.21 -16.72 8.59
CA ARG C 38 10.38 -17.37 7.29
C ARG C 38 11.02 -18.75 7.44
N LEU C 39 12.03 -18.85 8.30
CA LEU C 39 12.74 -20.11 8.51
C LEU C 39 12.14 -20.95 9.63
N ALA C 40 11.14 -20.45 10.35
CA ALA C 40 10.50 -21.23 11.42
C ALA C 40 10.03 -22.62 10.98
N PRO C 41 9.29 -22.80 9.88
CA PRO C 41 8.95 -24.17 9.47
C PRO C 41 10.18 -24.92 8.99
N GLU C 42 11.11 -24.21 8.34
CA GLU C 42 12.38 -24.82 7.96
C GLU C 42 13.17 -25.25 9.18
N TYR C 43 13.19 -24.42 10.23
CA TYR C 43 13.88 -24.79 11.45
C TYR C 43 13.22 -25.99 12.12
N GLU C 44 11.90 -26.04 12.11
CA GLU C 44 11.20 -27.20 12.68
C GLU C 44 11.51 -28.47 11.90
N ALA C 45 11.55 -28.37 10.56
CA ALA C 45 11.88 -29.53 9.74
C ALA C 45 13.31 -29.98 10.01
N ALA C 46 14.24 -29.03 10.17
CA ALA C 46 15.62 -29.38 10.50
C ALA C 46 15.71 -30.05 11.86
N ALA C 47 14.92 -29.58 12.83
CA ALA C 47 14.90 -30.22 14.14
C ALA C 47 14.39 -31.64 14.06
N THR C 48 13.35 -31.87 13.25
CA THR C 48 12.78 -33.24 13.10
C THR C 48 13.81 -34.14 12.39
N ARG C 49 14.51 -33.60 11.38
CA ARG C 49 15.49 -34.37 10.62
C ARG C 49 16.83 -34.52 11.33
N LEU C 50 17.08 -33.79 12.42
CA LEU C 50 18.34 -33.91 13.13
C LEU C 50 18.18 -34.42 14.56
N LYS C 51 17.05 -35.06 14.88
CA LYS C 51 16.85 -35.60 16.22
C LYS C 51 17.87 -36.69 16.53
N GLY C 52 18.42 -36.64 17.74
CA GLY C 52 19.40 -37.62 18.16
C GLY C 52 20.83 -37.21 17.86
N ILE C 53 21.05 -36.64 16.67
CA ILE C 53 22.38 -36.22 16.25
C ILE C 53 22.75 -34.93 16.97
N VAL C 54 21.97 -33.87 16.74
CA VAL C 54 22.20 -32.59 17.38
C VAL C 54 20.86 -32.01 17.85
N PRO C 55 20.70 -31.72 19.14
CA PRO C 55 19.46 -31.08 19.60
C PRO C 55 19.35 -29.65 19.08
N LEU C 56 18.12 -29.22 18.83
CA LEU C 56 17.84 -27.85 18.38
C LEU C 56 16.97 -27.15 19.42
N ALA C 57 17.13 -25.82 19.51
CA ALA C 57 16.39 -25.02 20.48
C ALA C 57 16.11 -23.65 19.92
N LYS C 58 15.05 -23.02 20.44
CA LYS C 58 14.68 -21.65 20.10
C LYS C 58 14.82 -20.78 21.34
N VAL C 59 15.22 -19.53 21.14
CA VAL C 59 15.32 -18.55 22.21
C VAL C 59 14.67 -17.25 21.76
N ASP C 60 13.63 -16.85 22.50
CA ASP C 60 12.95 -15.54 22.22
C ASP C 60 13.74 -14.48 22.99
N CYS C 61 14.70 -13.85 22.34
CA CYS C 61 15.59 -12.88 22.98
C CYS C 61 14.86 -11.66 23.51
N THR C 62 13.68 -11.34 22.98
CA THR C 62 12.96 -10.15 23.43
C THR C 62 12.62 -10.22 24.91
N ALA C 63 12.48 -11.44 25.44
CA ALA C 63 12.23 -11.61 26.88
C ALA C 63 13.52 -11.55 27.68
N ASN C 64 14.47 -12.45 27.39
CA ASN C 64 15.71 -12.56 28.14
C ASN C 64 16.83 -11.81 27.42
N THR C 65 17.11 -10.61 27.92
CA THR C 65 18.15 -9.78 27.34
C THR C 65 19.55 -10.28 27.74
N ASN C 66 19.64 -10.97 28.88
CA ASN C 66 20.93 -11.38 29.41
C ASN C 66 21.64 -12.36 28.46
N THR C 67 20.89 -13.30 27.88
CA THR C 67 21.48 -14.30 27.02
C THR C 67 22.15 -13.67 25.81
N CYS C 68 21.44 -12.79 25.11
CA CYS C 68 22.02 -12.10 23.97
C CYS C 68 23.11 -11.12 24.37
N ASN C 69 22.99 -10.47 25.53
CA ASN C 69 24.05 -9.58 25.99
C ASN C 69 25.35 -10.34 26.22
N LYS C 70 25.26 -11.53 26.82
CA LYS C 70 26.45 -12.35 27.04
C LYS C 70 26.97 -12.95 25.73
N TYR C 71 26.07 -13.48 24.91
CA TYR C 71 26.47 -14.13 23.66
C TYR C 71 26.86 -13.14 22.57
N GLY C 72 26.58 -11.85 22.75
CA GLY C 72 26.88 -10.88 21.72
C GLY C 72 26.05 -11.05 20.47
N VAL C 73 24.76 -11.33 20.62
CA VAL C 73 23.88 -11.62 19.48
C VAL C 73 23.15 -10.32 19.14
N SER C 74 23.66 -9.60 18.15
CA SER C 74 23.09 -8.33 17.75
C SER C 74 22.12 -8.45 16.57
N GLY C 75 21.84 -9.66 16.10
CA GLY C 75 20.94 -9.83 14.98
C GLY C 75 19.84 -10.84 15.22
N TYR C 76 18.84 -10.85 14.33
CA TYR C 76 17.76 -11.83 14.37
C TYR C 76 17.43 -12.30 12.96
N PRO C 77 17.58 -13.60 12.66
CA PRO C 77 18.15 -14.63 13.53
C PRO C 77 19.67 -14.69 13.42
N THR C 78 20.32 -15.25 14.45
CA THR C 78 21.78 -15.30 14.56
C THR C 78 22.20 -16.70 15.01
N LEU C 79 21.68 -17.72 14.33
CA LEU C 79 21.92 -19.12 14.67
C LEU C 79 23.35 -19.37 15.11
N LYS C 80 23.50 -19.86 16.34
CA LYS C 80 24.80 -20.09 16.95
C LYS C 80 24.85 -21.47 17.58
N ILE C 81 25.92 -22.20 17.30
CA ILE C 81 26.12 -23.55 17.81
C ILE C 81 26.87 -23.49 19.12
N PHE C 82 26.55 -24.41 20.03
CA PHE C 82 27.16 -24.47 21.36
C PHE C 82 27.69 -25.89 21.58
N ARG C 83 28.98 -26.07 21.30
CA ARG C 83 29.60 -27.38 21.45
C ARG C 83 29.76 -27.73 22.93
N ASP C 84 28.89 -28.62 23.42
CA ASP C 84 28.92 -29.08 24.80
C ASP C 84 28.87 -27.90 25.78
N GLY C 85 27.93 -27.00 25.53
CA GLY C 85 27.80 -25.81 26.37
C GLY C 85 28.97 -24.86 26.28
N GLU C 86 29.56 -24.74 25.10
CA GLU C 86 30.66 -23.81 24.85
C GLU C 86 30.37 -23.07 23.55
N GLU C 87 30.48 -21.74 23.59
CA GLU C 87 30.21 -20.93 22.42
C GLU C 87 31.16 -21.28 21.28
N ALA C 88 30.61 -21.46 20.09
CA ALA C 88 31.38 -21.80 18.91
C ALA C 88 31.08 -20.80 17.79
N GLY C 89 31.69 -21.02 16.63
CA GLY C 89 31.49 -20.17 15.49
C GLY C 89 30.05 -20.11 15.02
N ALA C 90 29.58 -18.91 14.68
CA ALA C 90 28.20 -18.75 14.23
C ALA C 90 27.98 -19.50 12.93
N TYR C 91 26.78 -20.06 12.78
CA TYR C 91 26.44 -20.80 11.56
C TYR C 91 26.48 -19.88 10.36
N ASP C 92 27.47 -20.05 9.51
CA ASP C 92 27.67 -19.22 8.32
C ASP C 92 27.23 -20.03 7.10
N GLY C 93 25.94 -19.95 6.80
CA GLY C 93 25.38 -20.68 5.68
C GLY C 93 23.92 -20.34 5.48
N PRO C 94 23.32 -20.89 4.42
CA PRO C 94 21.90 -20.63 4.16
C PRO C 94 21.03 -21.10 5.33
N ARG C 95 20.01 -20.30 5.64
CA ARG C 95 19.09 -20.62 6.73
C ARG C 95 18.03 -21.63 6.33
N THR C 96 18.11 -22.20 5.13
CA THR C 96 17.17 -23.22 4.73
C THR C 96 17.38 -24.50 5.54
N ALA C 97 16.34 -25.33 5.57
CA ALA C 97 16.40 -26.57 6.35
C ALA C 97 17.49 -27.49 5.83
N ASP C 98 17.61 -27.60 4.50
CA ASP C 98 18.58 -28.52 3.90
C ASP C 98 20.00 -28.12 4.27
N GLY C 99 20.33 -26.84 4.17
CA GLY C 99 21.68 -26.41 4.51
C GLY C 99 21.98 -26.56 5.98
N ILE C 100 21.00 -26.28 6.84
CA ILE C 100 21.17 -26.46 8.28
C ILE C 100 21.44 -27.93 8.59
N VAL C 101 20.67 -28.83 7.97
CA VAL C 101 20.86 -30.25 8.19
C VAL C 101 22.24 -30.70 7.70
N SER C 102 22.64 -30.21 6.52
CA SER C 102 23.94 -30.59 5.98
C SER C 102 25.08 -30.15 6.90
N HIS C 103 25.03 -28.91 7.37
CA HIS C 103 26.09 -28.41 8.24
C HIS C 103 26.05 -29.11 9.60
N LEU C 104 24.85 -29.45 10.08
CA LEU C 104 24.73 -30.15 11.35
C LEU C 104 25.32 -31.55 11.26
N LYS C 105 25.06 -32.26 10.17
CA LYS C 105 25.65 -33.58 9.99
C LYS C 105 27.15 -33.48 9.78
N LYS C 106 27.62 -32.40 9.14
CA LYS C 106 29.06 -32.17 9.07
C LYS C 106 29.67 -31.97 10.44
N GLN C 107 28.97 -31.25 11.32
CA GLN C 107 29.46 -31.02 12.68
C GLN C 107 29.38 -32.28 13.52
N ALA C 108 28.41 -33.16 13.22
CA ALA C 108 28.18 -34.34 14.05
C ALA C 108 29.39 -35.28 14.02
N GLY C 109 29.99 -35.45 12.85
CA GLY C 109 31.16 -36.29 12.73
C GLY C 109 32.34 -35.70 13.45
N PRO C 110 33.34 -36.54 13.78
CA PRO C 110 34.54 -36.03 14.45
C PRO C 110 35.33 -35.08 13.57
N ALA C 111 36.43 -34.53 14.10
CA ALA C 111 37.26 -33.63 13.32
C ALA C 111 37.83 -34.32 12.10
N SER C 112 38.27 -35.56 12.26
CA SER C 112 38.68 -36.41 11.15
C SER C 112 37.89 -37.71 11.23
N VAL C 113 37.28 -38.10 10.11
CA VAL C 113 36.42 -39.28 10.08
C VAL C 113 37.28 -40.54 10.11
N PRO C 114 37.12 -41.41 11.09
CA PRO C 114 37.89 -42.66 11.10
C PRO C 114 37.33 -43.68 10.12
N LEU C 115 38.03 -43.89 9.01
CA LEU C 115 37.60 -44.91 8.06
C LEU C 115 37.97 -46.29 8.57
N ARG C 116 36.98 -47.18 8.66
CA ARG C 116 37.17 -48.53 9.16
C ARG C 116 37.24 -49.58 8.06
N THR C 117 36.59 -49.34 6.93
CA THR C 117 36.57 -50.28 5.82
C THR C 117 37.00 -49.58 4.54
N GLU C 118 37.53 -50.37 3.60
CA GLU C 118 37.92 -49.83 2.30
C GLU C 118 36.72 -49.30 1.53
N GLU C 119 35.58 -50.01 1.58
CA GLU C 119 34.37 -49.49 0.96
C GLU C 119 34.00 -48.13 1.53
N GLU C 120 34.22 -47.95 2.84
CA GLU C 120 34.02 -46.63 3.43
C GLU C 120 35.01 -45.62 2.85
N PHE C 121 36.22 -46.06 2.53
CA PHE C 121 37.19 -45.16 1.91
C PHE C 121 36.69 -44.66 0.56
N LYS C 122 36.21 -45.57 -0.28
CA LYS C 122 35.66 -45.14 -1.57
C LYS C 122 34.42 -44.27 -1.38
N LYS C 123 33.56 -44.61 -0.42
CA LYS C 123 32.37 -43.80 -0.19
C LYS C 123 32.74 -42.39 0.23
N PHE C 124 33.78 -42.25 1.07
CA PHE C 124 34.21 -40.93 1.51
C PHE C 124 34.84 -40.15 0.37
N ILE C 125 35.69 -40.79 -0.43
CA ILE C 125 36.35 -40.09 -1.52
C ILE C 125 35.44 -39.87 -2.72
N SER C 126 34.24 -40.44 -2.71
CA SER C 126 33.28 -40.24 -3.78
C SER C 126 32.41 -39.00 -3.58
N ASP C 127 32.62 -38.24 -2.51
CA ASP C 127 31.80 -37.08 -2.23
C ASP C 127 32.05 -35.98 -3.24
N LYS C 128 31.11 -35.02 -3.30
CA LYS C 128 31.15 -33.96 -4.30
C LYS C 128 32.22 -32.91 -4.01
N ASP C 129 32.79 -32.95 -2.81
CA ASP C 129 33.79 -31.97 -2.41
C ASP C 129 35.14 -32.64 -2.19
N ALA C 130 36.21 -31.83 -2.19
CA ALA C 130 37.56 -32.38 -1.99
C ALA C 130 37.63 -33.16 -0.68
N SER C 131 38.63 -34.03 -0.51
CA SER C 131 38.70 -34.88 0.70
C SER C 131 40.15 -35.13 1.13
N ILE C 132 40.54 -34.67 2.32
CA ILE C 132 41.87 -34.95 2.84
C ILE C 132 41.81 -36.26 3.61
N VAL C 133 42.73 -37.18 3.28
CA VAL C 133 42.75 -38.51 3.88
C VAL C 133 44.13 -38.74 4.48
N GLY C 134 44.16 -39.13 5.76
CA GLY C 134 45.41 -39.47 6.40
C GLY C 134 45.52 -40.98 6.63
N PHE C 135 46.72 -41.49 6.40
CA PHE C 135 47.02 -42.92 6.58
C PHE C 135 48.07 -43.03 7.67
N PHE C 136 47.66 -43.45 8.86
CA PHE C 136 48.54 -43.59 10.02
C PHE C 136 48.31 -44.97 10.62
N ASP C 137 49.22 -45.90 10.32
CA ASP C 137 49.12 -47.24 10.88
C ASP C 137 49.26 -47.21 12.40
N ASP C 138 50.20 -46.42 12.91
CA ASP C 138 50.39 -46.28 14.35
C ASP C 138 49.38 -45.30 14.93
N SER C 139 48.68 -45.73 15.98
CA SER C 139 47.69 -44.86 16.60
C SER C 139 48.34 -43.77 17.44
N PHE C 140 49.50 -44.05 18.03
CA PHE C 140 50.19 -43.10 18.89
C PHE C 140 51.21 -42.26 18.13
N SER C 141 51.29 -42.39 16.82
CA SER C 141 52.24 -41.60 16.05
C SER C 141 51.91 -40.12 16.12
N GLU C 142 52.95 -39.29 16.21
CA GLU C 142 52.75 -37.85 16.32
C GLU C 142 52.13 -37.27 15.05
N ALA C 143 52.34 -37.93 13.91
CA ALA C 143 51.73 -37.46 12.67
C ALA C 143 50.21 -37.51 12.74
N HIS C 144 49.67 -38.60 13.30
CA HIS C 144 48.22 -38.71 13.47
C HIS C 144 47.68 -37.62 14.38
N SER C 145 48.37 -37.34 15.49
CA SER C 145 47.91 -36.31 16.42
C SER C 145 47.95 -34.93 15.76
N GLU C 146 49.04 -34.63 15.05
CA GLU C 146 49.14 -33.35 14.35
C GLU C 146 48.05 -33.22 13.30
N PHE C 147 47.76 -34.31 12.59
CA PHE C 147 46.66 -34.30 11.63
C PHE C 147 45.32 -34.07 12.33
N LEU C 148 45.17 -34.61 13.55
CA LEU C 148 43.94 -34.41 14.30
C LEU C 148 43.76 -32.94 14.67
N LYS C 149 44.83 -32.29 15.17
CA LYS C 149 44.72 -30.86 15.46
C LYS C 149 44.50 -30.04 14.19
N ALA C 150 45.15 -30.42 13.08
CA ALA C 150 44.92 -29.72 11.83
C ALA C 150 43.46 -29.84 11.40
N ALA C 151 42.88 -31.03 11.57
CA ALA C 151 41.46 -31.22 11.27
C ALA C 151 40.59 -30.36 12.17
N SER C 152 40.91 -30.30 13.46
CA SER C 152 40.12 -29.51 14.39
C SER C 152 40.16 -28.03 14.02
N ASN C 153 41.34 -27.52 13.67
CA ASN C 153 41.48 -26.09 13.41
C ASN C 153 40.78 -25.68 12.11
N LEU C 154 41.00 -26.43 11.03
CA LEU C 154 40.41 -26.12 9.73
C LEU C 154 39.18 -26.95 9.43
N ARG C 155 38.41 -27.33 10.46
CA ARG C 155 37.28 -28.27 10.24
C ARG C 155 36.17 -27.66 9.38
N ASP C 156 35.86 -26.37 9.54
CA ASP C 156 34.74 -25.76 8.84
C ASP C 156 35.03 -25.44 7.38
N ASN C 157 36.15 -25.92 6.84
CA ASN C 157 36.48 -25.60 5.46
C ASN C 157 36.81 -26.82 4.62
N TYR C 158 37.27 -27.90 5.23
CA TYR C 158 37.73 -29.08 4.50
C TYR C 158 37.16 -30.34 5.13
N ARG C 159 37.06 -31.39 4.29
CA ARG C 159 36.54 -32.70 4.76
C ARG C 159 37.73 -33.58 5.14
N PHE C 160 37.91 -33.81 6.43
CA PHE C 160 39.03 -34.61 6.93
C PHE C 160 38.60 -36.04 7.23
N ALA C 161 39.49 -36.98 6.95
CA ALA C 161 39.30 -38.36 7.36
C ALA C 161 40.65 -38.99 7.64
N HIS C 162 40.64 -40.04 8.46
CA HIS C 162 41.86 -40.77 8.78
C HIS C 162 41.53 -42.26 8.82
N THR C 163 42.56 -43.07 8.59
CA THR C 163 42.37 -44.52 8.59
C THR C 163 43.71 -45.20 8.86
N ASN C 164 43.64 -46.49 9.19
CA ASN C 164 44.81 -47.30 9.45
C ASN C 164 44.73 -48.67 8.78
N VAL C 165 43.89 -48.82 7.75
CA VAL C 165 43.77 -50.10 7.06
C VAL C 165 45.10 -50.42 6.38
N GLU C 166 45.55 -51.67 6.52
CA GLU C 166 46.86 -52.05 6.00
C GLU C 166 46.95 -51.84 4.50
N SER C 167 45.93 -52.25 3.75
CA SER C 167 45.92 -52.03 2.31
C SER C 167 45.90 -50.54 1.99
N LEU C 168 45.08 -49.78 2.73
CA LEU C 168 44.99 -48.33 2.49
C LEU C 168 46.29 -47.63 2.82
N VAL C 169 46.94 -48.00 3.92
CA VAL C 169 48.21 -47.38 4.30
C VAL C 169 49.30 -47.76 3.31
N ASN C 170 49.33 -49.01 2.86
CA ASN C 170 50.35 -49.46 1.94
C ASN C 170 50.19 -48.85 0.55
N GLU C 171 48.93 -48.66 0.13
CA GLU C 171 48.65 -48.09 -1.21
C GLU C 171 48.76 -46.56 -1.15
N TYR C 172 49.09 -46.02 0.03
CA TYR C 172 49.16 -44.54 0.19
C TYR C 172 50.32 -44.17 1.12
N ASP C 173 51.41 -43.65 0.57
CA ASP C 173 52.59 -43.24 1.40
C ASP C 173 53.26 -44.47 2.01
N ASP C 174 52.61 -45.11 2.99
CA ASP C 174 53.21 -46.28 3.67
C ASP C 174 54.61 -45.90 4.18
N ASN C 175 54.76 -44.67 4.66
CA ASN C 175 56.07 -44.19 5.17
C ASN C 175 55.84 -43.21 6.32
N GLY C 176 54.58 -42.92 6.65
CA GLY C 176 54.27 -42.02 7.74
C GLY C 176 53.89 -40.65 7.23
N GLU C 177 52.99 -39.97 7.95
CA GLU C 177 52.45 -38.67 7.53
C GLU C 177 51.84 -38.78 6.13
N GLY C 178 51.09 -39.85 5.91
CA GLY C 178 50.50 -40.12 4.61
C GLY C 178 49.24 -39.33 4.36
N ILE C 179 49.40 -38.04 4.05
CA ILE C 179 48.29 -37.13 3.82
C ILE C 179 48.11 -37.00 2.31
N ILE C 180 46.94 -37.38 1.81
CA ILE C 180 46.64 -37.34 0.38
C ILE C 180 45.35 -36.56 0.17
N LEU C 181 45.35 -35.68 -0.82
CA LEU C 181 44.19 -34.84 -1.13
C LEU C 181 43.53 -35.39 -2.39
N PHE C 182 42.32 -35.92 -2.24
CA PHE C 182 41.52 -36.37 -3.37
C PHE C 182 40.57 -35.26 -3.79
N ARG C 183 40.77 -34.77 -5.01
CA ARG C 183 39.88 -33.71 -5.57
C ARG C 183 38.56 -34.35 -6.00
N PRO C 184 37.45 -33.60 -6.08
CA PRO C 184 36.14 -34.17 -6.37
C PRO C 184 36.13 -35.02 -7.64
N SER C 185 35.40 -36.12 -7.60
CA SER C 185 35.41 -37.10 -8.68
C SER C 185 34.80 -36.55 -9.97
N HIS C 186 33.95 -35.53 -9.88
CA HIS C 186 33.37 -34.90 -11.06
C HIS C 186 34.24 -33.78 -11.59
N LEU C 187 35.43 -33.59 -11.03
CA LEU C 187 36.35 -32.54 -11.44
C LEU C 187 37.65 -33.10 -12.02
N THR C 188 37.66 -34.36 -12.45
CA THR C 188 38.87 -34.98 -12.97
C THR C 188 39.29 -34.33 -14.27
N ASN C 189 40.59 -34.34 -14.53
CA ASN C 189 41.16 -33.71 -15.71
C ASN C 189 42.42 -34.47 -16.12
N LYS C 190 43.19 -33.87 -17.03
CA LYS C 190 44.38 -34.51 -17.58
C LYS C 190 45.68 -33.88 -17.10
N PHE C 191 45.85 -32.58 -17.29
CA PHE C 191 47.14 -31.96 -17.03
C PHE C 191 47.48 -31.94 -15.55
N GLU C 192 46.45 -31.92 -14.69
CA GLU C 192 46.65 -31.93 -13.25
C GLU C 192 46.24 -33.29 -12.69
N ASP C 193 47.13 -33.85 -11.88
CA ASP C 193 46.86 -35.13 -11.24
C ASP C 193 45.74 -34.99 -10.22
N LYS C 194 44.85 -35.99 -10.19
CA LYS C 194 43.71 -35.95 -9.28
C LYS C 194 44.17 -36.00 -7.82
N THR C 195 45.18 -36.83 -7.54
CA THR C 195 45.64 -37.05 -6.17
C THR C 195 46.99 -36.38 -5.97
N VAL C 196 47.12 -35.65 -4.86
CA VAL C 196 48.36 -34.98 -4.49
C VAL C 196 48.74 -35.44 -3.09
N ALA C 197 50.00 -35.86 -2.94
CA ALA C 197 50.51 -36.40 -1.69
C ALA C 197 51.31 -35.35 -0.93
N TYR C 198 51.22 -35.41 0.40
CA TYR C 198 51.97 -34.51 1.26
C TYR C 198 53.42 -34.97 1.33
N THR C 199 54.35 -34.03 1.10
CA THR C 199 55.79 -34.34 1.03
C THR C 199 56.54 -33.40 1.96
N GLU C 200 56.79 -33.87 3.18
CA GLU C 200 57.59 -33.15 4.15
C GLU C 200 58.16 -34.12 5.17
N GLN C 201 59.17 -33.66 5.90
CA GLN C 201 59.82 -34.52 6.90
C GLN C 201 58.86 -34.85 8.04
N LYS C 202 58.12 -33.86 8.52
CA LYS C 202 57.18 -34.06 9.61
C LYS C 202 55.86 -33.37 9.30
N MET C 203 54.76 -34.04 9.63
CA MET C 203 53.44 -33.45 9.44
C MET C 203 53.15 -32.46 10.55
N THR C 204 52.99 -31.18 10.18
CA THR C 204 52.70 -30.12 11.13
C THR C 204 51.35 -29.52 10.80
N SER C 205 50.58 -29.17 11.84
CA SER C 205 49.23 -28.63 11.64
C SER C 205 49.27 -27.39 10.76
N GLY C 206 50.17 -26.46 11.07
CA GLY C 206 50.31 -25.28 10.21
C GLY C 206 50.81 -25.63 8.83
N LYS C 207 51.80 -26.53 8.75
CA LYS C 207 52.33 -26.93 7.45
C LYS C 207 51.28 -27.66 6.63
N ILE C 208 50.52 -28.56 7.26
CA ILE C 208 49.47 -29.29 6.55
C ILE C 208 48.39 -28.33 6.09
N LYS C 209 48.02 -27.38 6.95
CA LYS C 209 47.00 -26.40 6.59
C LYS C 209 47.45 -25.57 5.39
N LYS C 210 48.71 -25.12 5.40
CA LYS C 210 49.23 -24.36 4.26
C LYS C 210 49.27 -25.21 3.00
N PHE C 211 49.67 -26.48 3.13
CA PHE C 211 49.70 -27.39 1.98
C PHE C 211 48.32 -27.54 1.37
N ILE C 212 47.30 -27.74 2.21
CA ILE C 212 45.94 -27.87 1.70
C ILE C 212 45.48 -26.56 1.06
N GLN C 213 45.77 -25.44 1.71
CA GLN C 213 45.36 -24.15 1.15
C GLN C 213 45.99 -23.90 -0.21
N GLU C 214 47.23 -24.34 -0.42
CA GLU C 214 47.90 -24.14 -1.69
C GLU C 214 47.68 -25.27 -2.69
N ASN C 215 47.03 -26.37 -2.29
CA ASN C 215 46.88 -27.50 -3.20
C ASN C 215 45.46 -28.02 -3.34
N ILE C 216 44.50 -27.60 -2.51
CA ILE C 216 43.15 -28.11 -2.66
C ILE C 216 42.47 -27.58 -3.92
N PHE C 217 42.82 -26.38 -4.36
CA PHE C 217 42.19 -25.78 -5.53
C PHE C 217 42.83 -26.24 -6.83
N GLY C 218 44.11 -26.60 -6.80
CA GLY C 218 44.80 -27.00 -8.01
C GLY C 218 44.86 -25.87 -9.02
N ILE C 219 44.11 -26.00 -10.10
CA ILE C 219 44.05 -24.99 -11.15
C ILE C 219 42.63 -24.48 -11.37
N CYS C 220 41.68 -25.37 -11.57
CA CYS C 220 40.31 -25.00 -11.93
C CYS C 220 39.31 -25.68 -11.00
N PRO C 221 39.02 -25.08 -9.85
CA PRO C 221 38.00 -25.64 -8.96
C PRO C 221 36.59 -25.23 -9.36
N HIS C 222 35.63 -26.04 -8.91
CA HIS C 222 34.21 -25.72 -9.09
C HIS C 222 33.70 -25.15 -7.78
N MET C 223 33.74 -23.83 -7.65
CA MET C 223 33.31 -23.14 -6.45
C MET C 223 31.91 -22.57 -6.70
N THR C 224 30.90 -23.20 -6.10
CA THR C 224 29.51 -22.77 -6.24
C THR C 224 28.88 -22.80 -4.84
N GLU C 225 28.97 -21.66 -4.15
CA GLU C 225 28.38 -21.45 -2.83
C GLU C 225 29.15 -22.25 -1.77
N ASP C 226 30.08 -23.08 -2.20
CA ASP C 226 30.97 -23.78 -1.29
C ASP C 226 32.42 -23.41 -1.59
N ASN C 227 33.24 -23.33 -0.54
CA ASN C 227 34.56 -22.74 -0.57
C ASN C 227 34.52 -21.30 -1.08
N LYS C 228 33.43 -20.58 -0.78
CA LYS C 228 33.21 -19.26 -1.37
C LYS C 228 34.29 -18.27 -0.97
N ASP C 229 34.65 -18.25 0.31
CA ASP C 229 35.70 -17.35 0.80
C ASP C 229 37.10 -17.88 0.50
N LEU C 230 37.27 -19.20 0.44
CA LEU C 230 38.59 -19.78 0.30
C LEU C 230 39.26 -19.44 -1.02
N ILE C 231 38.50 -19.07 -2.03
CA ILE C 231 39.05 -18.68 -3.33
C ILE C 231 39.00 -17.18 -3.54
N GLN C 232 37.84 -16.56 -3.29
CA GLN C 232 37.72 -15.12 -3.43
C GLN C 232 38.59 -14.41 -2.39
N GLY C 233 39.35 -13.42 -2.84
CA GLY C 233 40.25 -12.69 -1.96
C GLY C 233 41.64 -12.52 -2.54
N LYS C 234 41.94 -13.26 -3.60
CA LYS C 234 43.22 -13.20 -4.29
C LYS C 234 43.00 -12.77 -5.73
N ASP C 235 44.09 -12.66 -6.48
CA ASP C 235 44.03 -12.31 -7.91
C ASP C 235 43.48 -13.53 -8.65
N LEU C 236 42.17 -13.51 -8.88
CA LEU C 236 41.46 -14.67 -9.40
C LEU C 236 40.99 -14.44 -10.83
N LEU C 237 40.25 -15.42 -11.34
CA LEU C 237 39.69 -15.39 -12.69
C LEU C 237 38.49 -16.34 -12.70
N ILE C 238 37.29 -15.79 -12.73
CA ILE C 238 36.08 -16.61 -12.66
C ILE C 238 35.43 -16.69 -14.03
N ALA C 239 35.10 -17.90 -14.44
CA ALA C 239 34.29 -18.14 -15.64
C ALA C 239 32.90 -18.57 -15.19
N TYR C 240 31.90 -17.72 -15.42
CA TYR C 240 30.52 -18.00 -15.10
C TYR C 240 29.83 -18.63 -16.29
N TYR C 241 29.11 -19.73 -16.05
CA TYR C 241 28.36 -20.42 -17.14
C TYR C 241 27.44 -21.47 -16.51
N ASP C 242 26.45 -21.94 -17.27
CA ASP C 242 25.54 -22.99 -16.76
C ASP C 242 26.37 -24.14 -16.16
N VAL C 243 26.33 -24.31 -14.83
CA VAL C 243 27.18 -25.35 -14.18
C VAL C 243 26.31 -26.27 -13.31
N ASP C 244 25.56 -27.18 -13.93
CA ASP C 244 24.74 -28.16 -13.19
C ASP C 244 25.24 -29.56 -13.59
N TYR C 245 26.13 -30.15 -12.79
CA TYR C 245 26.74 -31.45 -13.17
C TYR C 245 25.70 -32.56 -13.30
N GLU C 246 24.81 -32.73 -12.31
CA GLU C 246 23.91 -33.87 -12.38
C GLU C 246 23.07 -33.86 -13.65
N LYS C 247 23.02 -32.73 -14.35
CA LYS C 247 22.28 -32.65 -15.61
C LYS C 247 23.17 -32.44 -16.83
N ASN C 248 24.19 -31.60 -16.74
CA ASN C 248 25.05 -31.35 -17.90
C ASN C 248 26.53 -31.41 -17.51
N ALA C 249 26.92 -32.47 -16.79
CA ALA C 249 28.31 -32.60 -16.35
C ALA C 249 29.28 -32.53 -17.52
N LYS C 250 28.88 -33.03 -18.69
CA LYS C 250 29.77 -33.04 -19.85
C LYS C 250 30.15 -31.63 -20.27
N GLY C 251 29.17 -30.72 -20.35
CA GLY C 251 29.47 -29.36 -20.73
C GLY C 251 30.32 -28.62 -19.72
N SER C 252 30.03 -28.83 -18.43
CA SER C 252 30.84 -28.22 -17.39
C SER C 252 32.28 -28.71 -17.45
N ASN C 253 32.47 -30.02 -17.65
CA ASN C 253 33.82 -30.56 -17.81
C ASN C 253 34.51 -29.98 -19.04
N TYR C 254 33.79 -29.85 -20.15
CA TYR C 254 34.34 -29.27 -21.37
C TYR C 254 34.86 -27.85 -21.12
N TRP C 255 34.01 -27.00 -20.53
CA TRP C 255 34.40 -25.60 -20.36
C TRP C 255 35.49 -25.45 -19.31
N ARG C 256 35.40 -26.18 -18.20
CA ARG C 256 36.48 -26.13 -17.22
C ARG C 256 37.77 -26.71 -17.78
N ASN C 257 37.70 -27.62 -18.75
CA ASN C 257 38.91 -28.13 -19.37
C ASN C 257 39.54 -27.08 -20.29
N ARG C 258 38.71 -26.33 -21.02
CA ARG C 258 39.22 -25.19 -21.77
C ARG C 258 39.95 -24.20 -20.86
N VAL C 259 39.28 -23.79 -19.78
CA VAL C 259 39.89 -22.83 -18.86
C VAL C 259 41.14 -23.44 -18.23
N MET C 260 41.10 -24.72 -17.93
CA MET C 260 42.24 -25.41 -17.32
C MET C 260 43.44 -25.41 -18.25
N MET C 261 43.24 -25.70 -19.53
CA MET C 261 44.38 -25.79 -20.42
C MET C 261 45.00 -24.43 -20.64
N VAL C 262 44.18 -23.39 -20.78
CA VAL C 262 44.76 -22.05 -20.96
C VAL C 262 45.47 -21.60 -19.68
N ALA C 263 44.87 -21.88 -18.52
CA ALA C 263 45.50 -21.51 -17.25
C ALA C 263 46.79 -22.27 -17.03
N LYS C 264 46.84 -23.55 -17.39
CA LYS C 264 48.05 -24.34 -17.22
C LYS C 264 49.13 -23.89 -18.19
N LYS C 265 48.74 -23.48 -19.40
CA LYS C 265 49.72 -22.94 -20.34
C LYS C 265 50.38 -21.69 -19.76
N PHE C 266 49.57 -20.78 -19.21
CA PHE C 266 50.17 -19.57 -18.64
C PHE C 266 50.89 -19.85 -17.33
N LEU C 267 50.47 -20.87 -16.58
CA LEU C 267 51.20 -21.25 -15.37
C LEU C 267 52.58 -21.81 -15.72
N ASP C 268 52.65 -22.63 -16.77
CA ASP C 268 53.95 -23.08 -17.27
C ASP C 268 54.76 -21.91 -17.78
N ALA C 269 54.10 -20.92 -18.39
CA ALA C 269 54.78 -19.67 -18.74
C ALA C 269 55.28 -18.94 -17.50
N GLY C 270 54.70 -19.20 -16.33
CA GLY C 270 55.25 -18.71 -15.08
C GLY C 270 54.71 -17.41 -14.55
N HIS C 271 53.38 -17.31 -14.43
CA HIS C 271 52.75 -16.16 -13.80
C HIS C 271 51.72 -16.65 -12.80
N LYS C 272 51.44 -15.81 -11.79
CA LYS C 272 50.56 -16.18 -10.68
C LYS C 272 49.17 -15.65 -10.96
N LEU C 273 48.21 -16.57 -11.14
CA LEU C 273 46.81 -16.19 -11.36
C LEU C 273 45.97 -17.42 -11.05
N ASN C 274 45.11 -17.32 -10.03
CA ASN C 274 44.21 -18.42 -9.69
C ASN C 274 42.97 -18.38 -10.60
N PHE C 275 42.38 -19.55 -10.80
CA PHE C 275 41.27 -19.70 -11.72
C PHE C 275 40.11 -20.37 -11.01
N ALA C 276 38.91 -20.20 -11.56
CA ALA C 276 37.71 -20.81 -10.99
C ALA C 276 36.60 -20.78 -12.02
N VAL C 277 35.70 -21.77 -11.91
CA VAL C 277 34.49 -21.82 -12.71
C VAL C 277 33.30 -21.81 -11.78
N ALA C 278 32.25 -21.10 -12.18
CA ALA C 278 31.07 -20.93 -11.35
C ALA C 278 29.80 -21.06 -12.17
N SER C 279 28.73 -21.48 -11.50
CA SER C 279 27.41 -21.52 -12.11
C SER C 279 26.80 -20.13 -12.14
N ARG C 280 26.25 -19.77 -13.30
CA ARG C 280 25.72 -18.42 -13.47
C ARG C 280 24.56 -18.14 -12.52
N LYS C 281 23.66 -19.11 -12.33
CA LYS C 281 22.48 -18.89 -11.51
C LYS C 281 22.85 -18.67 -10.04
N THR C 282 23.77 -19.47 -9.50
CA THR C 282 24.11 -19.37 -8.10
C THR C 282 24.79 -18.03 -7.78
N PHE C 283 25.67 -17.58 -8.65
CA PHE C 283 26.41 -16.34 -8.46
C PHE C 283 25.82 -15.19 -9.27
N SER C 284 24.55 -15.29 -9.66
CA SER C 284 23.93 -14.25 -10.48
C SER C 284 23.97 -12.90 -9.79
N HIS C 285 24.00 -12.89 -8.45
CA HIS C 285 24.17 -11.64 -7.72
C HIS C 285 25.53 -11.01 -8.01
N GLU C 286 26.57 -11.84 -8.16
CA GLU C 286 27.91 -11.31 -8.41
C GLU C 286 28.09 -10.84 -9.84
N LEU C 287 27.25 -11.29 -10.77
CA LEU C 287 27.37 -10.88 -12.16
C LEU C 287 27.11 -9.38 -12.30
N SER C 288 26.28 -8.82 -11.43
CA SER C 288 25.99 -7.38 -11.49
C SER C 288 27.23 -6.55 -11.18
N ASP C 289 28.06 -7.01 -10.23
CA ASP C 289 29.25 -6.27 -9.87
C ASP C 289 30.19 -6.10 -11.05
N PHE C 290 30.25 -7.10 -11.93
CA PHE C 290 31.05 -7.03 -13.14
C PHE C 290 30.27 -6.47 -14.33
N GLY C 291 29.05 -5.99 -14.11
CA GLY C 291 28.25 -5.41 -15.16
C GLY C 291 27.99 -6.37 -16.30
N LEU C 292 27.77 -7.64 -15.96
CA LEU C 292 27.56 -8.69 -16.95
C LEU C 292 26.11 -9.10 -17.12
N GLU C 293 25.19 -8.49 -16.35
CA GLU C 293 23.77 -8.77 -16.44
C GLU C 293 23.48 -10.26 -16.31
N SER C 294 22.89 -10.85 -17.36
CA SER C 294 22.56 -12.28 -17.39
C SER C 294 22.74 -12.75 -18.83
N THR C 295 23.87 -13.40 -19.10
CA THR C 295 24.13 -13.90 -20.45
C THR C 295 23.10 -14.96 -20.85
N ALA C 296 22.80 -15.88 -19.93
CA ALA C 296 21.82 -16.94 -20.17
C ALA C 296 22.12 -17.72 -21.45
N GLY C 297 23.40 -18.03 -21.64
CA GLY C 297 23.85 -18.72 -22.84
C GLY C 297 24.91 -19.74 -22.50
N GLU C 298 25.05 -20.72 -23.41
CA GLU C 298 26.05 -21.76 -23.22
C GLU C 298 27.46 -21.19 -23.22
N ILE C 299 27.66 -20.03 -23.81
CA ILE C 299 28.97 -19.37 -23.84
C ILE C 299 29.34 -18.94 -22.42
N PRO C 300 30.51 -19.33 -21.93
CA PRO C 300 30.92 -18.90 -20.59
C PRO C 300 31.48 -17.49 -20.61
N VAL C 301 30.97 -16.65 -19.73
CA VAL C 301 31.51 -15.30 -19.57
C VAL C 301 32.69 -15.37 -18.62
N VAL C 302 33.74 -14.60 -18.90
CA VAL C 302 34.96 -14.65 -18.11
C VAL C 302 35.25 -13.27 -17.54
N ALA C 303 35.62 -13.21 -16.26
CA ALA C 303 35.92 -11.96 -15.59
C ALA C 303 37.07 -12.16 -14.62
N ILE C 304 37.73 -11.06 -14.27
CA ILE C 304 38.86 -11.08 -13.34
C ILE C 304 38.63 -10.03 -12.26
N ARG C 305 38.88 -10.41 -11.02
CA ARG C 305 39.10 -9.45 -9.94
C ARG C 305 40.48 -9.74 -9.37
N THR C 306 41.25 -8.69 -9.11
CA THR C 306 42.55 -8.84 -8.50
C THR C 306 42.45 -8.64 -6.99
N ALA C 307 43.56 -8.91 -6.30
CA ALA C 307 43.58 -8.76 -4.85
C ALA C 307 43.36 -7.30 -4.44
N LYS C 308 43.72 -6.35 -5.30
CA LYS C 308 43.55 -4.93 -5.00
C LYS C 308 42.14 -4.43 -5.26
N GLY C 309 41.29 -5.24 -5.89
CA GLY C 309 39.92 -4.84 -6.15
C GLY C 309 39.63 -4.40 -7.57
N GLU C 310 40.64 -4.47 -8.44
CA GLU C 310 40.43 -4.10 -9.87
C GLU C 310 39.52 -5.12 -10.53
N LYS C 311 38.75 -4.70 -11.53
CA LYS C 311 37.86 -5.58 -12.27
C LYS C 311 38.18 -5.52 -13.75
N PHE C 312 38.16 -6.68 -14.40
CA PHE C 312 38.50 -6.79 -15.83
C PHE C 312 37.46 -7.70 -16.48
N VAL C 313 36.97 -7.28 -17.66
CA VAL C 313 35.92 -7.98 -18.38
C VAL C 313 36.32 -8.15 -19.84
N MET C 314 36.08 -9.32 -20.41
CA MET C 314 36.20 -9.55 -21.85
C MET C 314 34.94 -9.09 -22.56
N GLN C 315 35.10 -8.17 -23.51
CA GLN C 315 34.05 -7.92 -24.49
C GLN C 315 34.01 -9.03 -25.53
N GLU C 316 35.14 -9.68 -25.79
CA GLU C 316 35.23 -10.70 -26.82
C GLU C 316 34.56 -12.00 -26.36
N GLU C 317 33.93 -12.68 -27.30
CA GLU C 317 33.30 -13.96 -27.02
C GLU C 317 34.35 -15.01 -26.66
N PHE C 318 33.99 -15.91 -25.75
CA PHE C 318 34.90 -16.96 -25.30
C PHE C 318 34.94 -18.06 -26.36
N SER C 319 35.99 -18.06 -27.17
CA SER C 319 36.12 -18.98 -28.28
C SER C 319 36.30 -20.42 -27.78
N ARG C 320 35.73 -21.35 -28.54
CA ARG C 320 35.92 -22.77 -28.23
C ARG C 320 37.35 -23.21 -28.45
N ASP C 321 38.12 -22.51 -29.29
CA ASP C 321 39.52 -22.84 -29.48
C ASP C 321 40.37 -22.39 -28.29
N GLY C 322 39.93 -21.36 -27.57
CA GLY C 322 40.66 -20.83 -26.44
C GLY C 322 41.58 -19.67 -26.78
N LYS C 323 41.55 -19.17 -28.02
CA LYS C 323 42.38 -18.04 -28.39
C LYS C 323 42.01 -16.80 -27.61
N ALA C 324 40.71 -16.57 -27.39
CA ALA C 324 40.26 -15.41 -26.63
C ALA C 324 40.77 -15.46 -25.20
N LEU C 325 40.76 -16.65 -24.59
CA LEU C 325 41.19 -16.79 -23.20
C LEU C 325 42.67 -16.44 -23.05
N GLU C 326 43.52 -17.02 -23.91
CA GLU C 326 44.95 -16.74 -23.81
C GLU C 326 45.24 -15.30 -24.19
N ARG C 327 44.48 -14.75 -25.14
CA ARG C 327 44.64 -13.35 -25.51
C ARG C 327 44.34 -12.44 -24.31
N PHE C 328 43.25 -12.71 -23.59
CA PHE C 328 42.93 -11.91 -22.43
C PHE C 328 43.96 -12.09 -21.32
N LEU C 329 44.45 -13.31 -21.15
CA LEU C 329 45.46 -13.56 -20.14
C LEU C 329 46.73 -12.75 -20.42
N GLN C 330 47.19 -12.74 -21.67
CA GLN C 330 48.40 -12.01 -21.99
C GLN C 330 48.15 -10.50 -21.97
N ASP C 331 46.94 -10.07 -22.30
CA ASP C 331 46.60 -8.65 -22.16
C ASP C 331 46.66 -8.22 -20.70
N TYR C 332 46.05 -9.01 -19.81
CA TYR C 332 46.07 -8.69 -18.39
C TYR C 332 47.49 -8.71 -17.83
N PHE C 333 48.29 -9.68 -18.25
CA PHE C 333 49.68 -9.74 -17.79
C PHE C 333 50.46 -8.54 -18.28
N ASP C 334 50.23 -8.11 -19.53
CA ASP C 334 50.80 -6.86 -20.00
C ASP C 334 50.20 -5.67 -19.24
N GLY C 335 48.90 -5.70 -19.00
CA GLY C 335 48.24 -4.63 -18.26
C GLY C 335 47.80 -3.48 -19.14
N ASN C 336 46.98 -3.76 -20.14
CA ASN C 336 46.52 -2.73 -21.08
C ASN C 336 45.06 -2.35 -20.88
N LEU C 337 44.18 -3.32 -20.67
CA LEU C 337 42.76 -3.02 -20.59
C LEU C 337 42.46 -2.23 -19.32
N LYS C 338 41.58 -1.24 -19.46
CA LYS C 338 41.23 -0.36 -18.36
C LYS C 338 40.24 -1.04 -17.43
N ARG C 339 40.39 -0.73 -16.14
CA ARG C 339 39.46 -1.30 -15.12
C ARG C 339 38.04 -0.99 -15.55
N TYR C 340 37.17 -2.00 -15.49
CA TYR C 340 35.76 -1.81 -15.83
C TYR C 340 35.02 -1.21 -14.65
N LEU C 341 34.66 0.06 -14.75
CA LEU C 341 33.80 0.73 -13.79
C LEU C 341 32.47 1.03 -14.46
N LYS C 342 31.38 0.89 -13.70
CA LYS C 342 30.04 1.11 -14.25
C LYS C 342 29.96 2.50 -14.87
N SER C 343 29.80 2.54 -16.18
CA SER C 343 29.81 3.80 -16.92
C SER C 343 28.78 3.74 -18.04
N GLU C 344 27.95 4.77 -18.14
CA GLU C 344 27.04 4.87 -19.27
C GLU C 344 27.83 5.06 -20.55
N PRO C 345 27.35 4.57 -21.69
CA PRO C 345 28.06 4.79 -22.96
C PRO C 345 28.25 6.27 -23.25
N ILE C 346 29.51 6.71 -23.25
CA ILE C 346 29.78 8.15 -23.42
C ILE C 346 29.39 8.57 -24.83
N PRO C 347 28.73 9.71 -25.01
CA PRO C 347 28.45 10.19 -26.37
C PRO C 347 29.70 10.80 -27.00
N GLU C 348 29.87 10.54 -28.30
CA GLU C 348 30.97 11.17 -29.02
C GLU C 348 30.76 12.68 -29.15
N SER C 349 29.52 13.15 -29.00
CA SER C 349 29.21 14.57 -29.08
C SER C 349 29.35 15.20 -27.70
N ASN C 350 30.62 15.33 -27.28
CA ASN C 350 30.95 15.98 -26.00
C ASN C 350 31.07 17.48 -26.13
N ASP C 351 30.50 18.08 -27.18
CA ASP C 351 30.55 19.51 -27.36
C ASP C 351 29.65 20.22 -26.36
N GLY C 352 29.90 21.51 -26.17
CA GLY C 352 29.10 22.31 -25.27
C GLY C 352 29.96 23.12 -24.31
N PRO C 353 29.35 24.11 -23.65
CA PRO C 353 30.11 24.88 -22.66
C PRO C 353 30.66 24.03 -21.53
N VAL C 354 29.92 23.01 -21.11
CA VAL C 354 30.35 22.09 -20.07
C VAL C 354 30.63 20.73 -20.70
N LYS C 355 31.78 20.15 -20.38
CA LYS C 355 32.15 18.88 -20.98
C LYS C 355 31.51 17.73 -20.23
N VAL C 356 30.89 16.81 -20.97
CA VAL C 356 30.19 15.68 -20.38
C VAL C 356 31.20 14.59 -20.08
N VAL C 357 31.56 14.42 -18.80
CA VAL C 357 32.53 13.44 -18.38
C VAL C 357 31.81 12.19 -17.89
N VAL C 358 32.35 11.03 -18.22
CA VAL C 358 31.84 9.74 -17.78
C VAL C 358 33.00 8.99 -17.16
N ALA C 359 32.68 8.01 -16.31
CA ALA C 359 33.72 7.20 -15.68
C ALA C 359 34.56 6.46 -16.71
N GLU C 360 34.02 6.29 -17.92
CA GLU C 360 34.76 5.65 -19.00
C GLU C 360 35.98 6.47 -19.40
N ASN C 361 35.79 7.78 -19.59
CA ASN C 361 36.84 8.67 -20.06
C ASN C 361 37.25 9.70 -19.01
N PHE C 362 37.06 9.37 -17.73
CA PHE C 362 37.48 10.28 -16.66
C PHE C 362 38.98 10.50 -16.69
N ASP C 363 39.76 9.44 -16.92
CA ASP C 363 41.20 9.60 -17.02
C ASP C 363 41.60 10.42 -18.24
N GLU C 364 40.92 10.21 -19.37
CA GLU C 364 41.23 10.96 -20.58
C GLU C 364 40.95 12.45 -20.39
N ILE C 365 39.84 12.79 -19.74
CA ILE C 365 39.47 14.19 -19.61
C ILE C 365 40.01 14.79 -18.32
N VAL C 366 39.57 14.27 -17.17
CA VAL C 366 39.86 14.92 -15.90
C VAL C 366 41.33 14.76 -15.53
N ASN C 367 41.87 13.55 -15.68
CA ASN C 367 43.24 13.26 -15.27
C ASN C 367 44.26 13.83 -16.24
N ASN C 368 43.84 14.70 -17.16
CA ASN C 368 44.72 15.31 -18.14
C ASN C 368 45.83 16.12 -17.48
N GLU C 369 47.05 16.01 -18.01
CA GLU C 369 48.23 16.55 -17.35
C GLU C 369 48.48 18.03 -17.64
N ASN C 370 48.05 18.54 -18.78
CA ASN C 370 48.41 19.89 -19.18
C ASN C 370 47.24 20.88 -19.08
N LYS C 371 46.27 20.61 -18.20
CA LYS C 371 45.17 21.54 -18.01
C LYS C 371 44.65 21.43 -16.58
N ASP C 372 44.06 22.52 -16.10
CA ASP C 372 43.41 22.56 -14.80
C ASP C 372 41.91 22.36 -15.03
N VAL C 373 41.31 21.40 -14.34
CA VAL C 373 39.94 20.99 -14.61
C VAL C 373 39.11 21.20 -13.36
N LEU C 374 37.88 21.69 -13.54
CA LEU C 374 36.91 21.85 -12.46
C LEU C 374 35.70 20.98 -12.78
N ILE C 375 35.51 19.93 -12.00
CA ILE C 375 34.45 18.95 -12.24
C ILE C 375 33.39 19.11 -11.18
N GLU C 376 32.16 18.72 -11.52
CA GLU C 376 30.98 18.92 -10.68
C GLU C 376 30.14 17.65 -10.69
N PHE C 377 30.24 16.86 -9.63
CA PHE C 377 29.44 15.64 -9.53
C PHE C 377 27.99 16.01 -9.30
N TYR C 378 27.10 15.51 -10.14
CA TYR C 378 25.69 15.83 -10.06
C TYR C 378 24.85 14.58 -10.26
N ALA C 379 23.67 14.56 -9.64
CA ALA C 379 22.71 13.48 -9.79
C ALA C 379 21.43 13.99 -10.47
N PRO C 380 20.73 13.13 -11.21
CA PRO C 380 19.52 13.61 -11.89
C PRO C 380 18.43 14.09 -10.95
N TRP C 381 18.01 13.24 -9.99
CA TRP C 381 16.96 13.63 -9.06
C TRP C 381 17.39 14.76 -8.14
N CYS C 382 18.68 15.05 -8.06
CA CYS C 382 19.21 16.13 -7.25
C CYS C 382 18.62 17.48 -7.62
N GLY C 383 17.82 18.06 -6.72
CA GLY C 383 17.28 19.39 -6.96
C GLY C 383 18.32 20.47 -6.85
N HIS C 384 19.27 20.32 -5.93
CA HIS C 384 20.39 21.26 -5.84
C HIS C 384 21.17 21.30 -7.15
N CYS C 385 21.43 20.12 -7.74
CA CYS C 385 22.18 20.06 -8.98
C CYS C 385 21.40 20.66 -10.15
N LYS C 386 20.08 20.43 -10.18
CA LYS C 386 19.26 21.05 -11.21
C LYS C 386 19.24 22.56 -11.06
N ASN C 387 19.23 23.06 -9.83
CA ASN C 387 19.29 24.50 -9.60
C ASN C 387 20.64 25.09 -9.95
N LEU C 388 21.73 24.33 -9.77
CA LEU C 388 23.06 24.82 -10.09
C LEU C 388 23.43 24.65 -11.56
N GLU C 389 22.68 23.83 -12.30
CA GLU C 389 23.02 23.57 -13.71
C GLU C 389 23.04 24.81 -14.59
N PRO C 390 22.03 25.69 -14.59
CA PRO C 390 22.10 26.86 -15.50
C PRO C 390 23.28 27.78 -15.22
N LYS C 391 23.58 28.04 -13.95
CA LYS C 391 24.73 28.88 -13.63
C LYS C 391 26.04 28.21 -14.05
N TYR C 392 26.15 26.90 -13.89
CA TYR C 392 27.34 26.19 -14.33
C TYR C 392 27.48 26.25 -15.84
N LYS C 393 26.37 26.13 -16.56
CA LYS C 393 26.40 26.26 -18.02
C LYS C 393 26.85 27.65 -18.46
N GLU C 394 26.34 28.69 -17.78
CA GLU C 394 26.78 30.04 -18.10
C GLU C 394 28.26 30.23 -17.78
N LEU C 395 28.73 29.62 -16.69
CA LEU C 395 30.15 29.65 -16.37
C LEU C 395 30.96 29.02 -17.50
N GLY C 396 30.49 27.87 -18.00
CA GLY C 396 31.19 27.21 -19.09
C GLY C 396 31.23 28.03 -20.36
N GLU C 397 30.11 28.65 -20.72
CA GLU C 397 30.09 29.43 -21.95
C GLU C 397 30.93 30.69 -21.82
N LYS C 398 30.99 31.26 -20.61
CA LYS C 398 31.85 32.41 -20.40
C LYS C 398 33.33 32.03 -20.47
N LEU C 399 33.72 30.94 -19.82
CA LEU C 399 35.12 30.55 -19.77
C LEU C 399 35.51 29.54 -20.84
N SER C 400 34.70 29.42 -21.89
CA SER C 400 35.10 28.62 -23.06
C SER C 400 36.32 29.22 -23.77
N LYS C 401 36.59 30.51 -23.58
CA LYS C 401 37.72 31.15 -24.23
C LYS C 401 39.05 30.84 -23.56
N ASP C 402 39.02 30.29 -22.34
CA ASP C 402 40.26 29.89 -21.69
C ASP C 402 40.67 28.50 -22.19
N PRO C 403 41.83 28.37 -22.83
CA PRO C 403 42.21 27.06 -23.37
C PRO C 403 42.72 26.11 -22.30
N ASN C 404 43.35 26.66 -21.26
CA ASN C 404 44.00 25.85 -20.25
C ASN C 404 43.01 25.28 -19.24
N ILE C 405 41.80 25.84 -19.16
CA ILE C 405 40.82 25.46 -18.16
C ILE C 405 39.53 25.03 -18.83
N VAL C 406 38.99 23.89 -18.42
CA VAL C 406 37.68 23.44 -18.85
C VAL C 406 36.92 22.88 -17.66
N ILE C 407 35.65 23.20 -17.55
CA ILE C 407 34.83 22.70 -16.47
C ILE C 407 34.03 21.50 -16.95
N ALA C 408 33.72 20.60 -16.01
CA ALA C 408 33.13 19.31 -16.37
C ALA C 408 32.07 18.92 -15.35
N LYS C 409 31.16 18.05 -15.79
CA LYS C 409 30.15 17.44 -14.93
C LYS C 409 30.06 15.96 -15.23
N MET C 410 30.09 15.12 -14.19
CA MET C 410 29.97 13.69 -14.34
C MET C 410 28.84 13.17 -13.48
N ASP C 411 27.88 12.50 -14.10
CA ASP C 411 26.77 11.90 -13.36
C ASP C 411 27.34 10.89 -12.36
N ALA C 412 27.04 11.09 -11.08
CA ALA C 412 27.65 10.32 -10.02
C ALA C 412 26.77 9.19 -9.50
N THR C 413 25.64 8.92 -10.16
CA THR C 413 24.80 7.78 -9.77
C THR C 413 24.86 6.65 -10.80
N ALA C 414 25.09 6.97 -12.07
CA ALA C 414 25.22 5.96 -13.11
C ALA C 414 26.66 5.77 -13.57
N ASN C 415 27.61 6.53 -13.03
CA ASN C 415 29.01 6.42 -13.38
C ASN C 415 29.83 6.42 -12.11
N ASP C 416 30.54 5.32 -11.86
CA ASP C 416 31.28 5.17 -10.62
C ASP C 416 32.43 6.18 -10.56
N VAL C 417 32.45 6.98 -9.49
CA VAL C 417 33.47 8.07 -9.36
C VAL C 417 34.87 7.45 -9.17
N PRO C 418 35.85 7.70 -10.06
CA PRO C 418 37.18 7.10 -9.94
C PRO C 418 38.19 8.06 -9.31
N SER C 419 39.44 7.60 -9.15
CA SER C 419 40.51 8.47 -8.60
C SER C 419 40.20 8.81 -7.14
N PRO C 420 41.05 9.57 -6.40
CA PRO C 420 40.74 9.97 -5.03
C PRO C 420 39.37 10.68 -4.96
N TYR C 421 38.84 11.09 -6.12
CA TYR C 421 37.56 11.83 -6.14
C TYR C 421 36.50 11.02 -5.40
N GLU C 422 35.81 11.65 -4.44
CA GLU C 422 34.79 10.93 -3.63
C GLU C 422 33.63 11.90 -3.31
N VAL C 423 32.39 11.48 -3.57
CA VAL C 423 31.24 12.40 -3.37
C VAL C 423 30.40 11.92 -2.19
N ARG C 424 30.18 12.80 -1.19
CA ARG C 424 29.31 12.45 -0.05
C ARG C 424 27.93 13.08 -0.29
N GLY C 425 27.89 14.34 -0.71
CA GLY C 425 26.64 15.02 -0.96
C GLY C 425 26.64 15.84 -2.24
N PHE C 426 25.70 15.54 -3.13
CA PHE C 426 25.60 16.23 -4.40
C PHE C 426 24.99 17.62 -4.22
N PRO C 427 25.43 18.61 -4.99
CA PRO C 427 26.54 18.53 -5.95
C PRO C 427 27.86 18.98 -5.34
N THR C 428 28.89 18.15 -5.42
CA THR C 428 30.21 18.51 -4.93
C THR C 428 31.10 18.87 -6.11
N ILE C 429 31.93 19.88 -5.93
CA ILE C 429 32.76 20.42 -6.99
C ILE C 429 34.23 20.27 -6.60
N TYR C 430 35.03 19.79 -7.54
CA TYR C 430 36.44 19.53 -7.30
C TYR C 430 37.28 20.23 -8.35
N PHE C 431 38.48 20.64 -7.95
CA PHE C 431 39.43 21.32 -8.84
C PHE C 431 40.75 20.57 -8.82
N SER C 432 41.18 20.12 -9.99
CA SER C 432 42.44 19.40 -10.16
C SER C 432 43.37 20.22 -11.03
N PRO C 433 44.47 20.75 -10.50
CA PRO C 433 45.43 21.49 -11.33
C PRO C 433 46.11 20.57 -12.33
N ALA C 434 46.88 21.19 -13.23
CA ALA C 434 47.58 20.43 -14.27
C ALA C 434 48.56 19.44 -13.65
N ASN C 435 49.42 19.93 -12.76
CA ASN C 435 50.48 19.11 -12.16
C ASN C 435 50.10 18.62 -10.77
N LYS C 436 48.80 18.56 -10.47
CA LYS C 436 48.35 18.09 -9.16
C LYS C 436 47.18 17.12 -9.33
N LYS C 437 47.30 16.19 -10.26
CA LYS C 437 46.23 15.23 -10.52
C LYS C 437 45.96 14.32 -9.33
N LEU C 438 46.90 14.21 -8.40
CA LEU C 438 46.74 13.33 -7.24
C LEU C 438 46.12 14.02 -6.04
N ASN C 439 46.07 15.36 -6.02
CA ASN C 439 45.57 16.11 -4.88
C ASN C 439 44.54 17.15 -5.31
N PRO C 440 43.34 16.70 -5.69
CA PRO C 440 42.28 17.67 -6.01
C PRO C 440 41.81 18.41 -4.76
N LYS C 441 41.32 19.62 -4.96
CA LYS C 441 40.78 20.45 -3.89
C LYS C 441 39.26 20.52 -4.00
N LYS C 442 38.58 20.33 -2.88
CA LYS C 442 37.12 20.31 -2.85
C LYS C 442 36.61 21.73 -2.61
N TYR C 443 36.03 22.33 -3.65
CA TYR C 443 35.51 23.69 -3.59
C TYR C 443 34.20 23.69 -2.82
N GLU C 444 34.30 23.92 -1.51
CA GLU C 444 33.14 23.95 -0.63
C GLU C 444 32.80 25.37 -0.17
N GLY C 445 33.05 26.36 -1.02
CA GLY C 445 32.74 27.73 -0.67
C GLY C 445 31.32 28.12 -1.04
N GLY C 446 31.18 29.19 -1.82
CA GLY C 446 29.87 29.60 -2.27
C GLY C 446 29.39 28.82 -3.47
N ARG C 447 28.21 29.20 -3.97
CA ARG C 447 27.62 28.53 -5.12
C ARG C 447 27.15 29.53 -6.18
N GLU C 448 27.75 30.70 -6.23
CA GLU C 448 27.39 31.73 -7.20
C GLU C 448 28.35 31.73 -8.37
N LEU C 449 27.82 32.14 -9.53
CA LEU C 449 28.62 32.18 -10.76
C LEU C 449 29.80 33.11 -10.61
N SER C 450 29.57 34.30 -10.04
CA SER C 450 30.67 35.23 -9.81
C SER C 450 31.69 34.64 -8.85
N ASP C 451 31.23 33.91 -7.85
CA ASP C 451 32.14 33.25 -6.93
C ASP C 451 32.99 32.20 -7.66
N PHE C 452 32.37 31.46 -8.58
CA PHE C 452 33.12 30.50 -9.39
C PHE C 452 34.19 31.19 -10.21
N ILE C 453 33.82 32.29 -10.88
CA ILE C 453 34.79 33.00 -11.71
C ILE C 453 35.93 33.53 -10.85
N SER C 454 35.58 34.04 -9.66
CA SER C 454 36.61 34.55 -8.73
C SER C 454 37.56 33.39 -8.34
N TYR C 455 37.00 32.21 -8.07
CA TYR C 455 37.85 31.09 -7.65
C TYR C 455 38.80 30.67 -8.77
N LEU C 456 38.29 30.56 -10.00
CA LEU C 456 39.17 30.20 -11.10
C LEU C 456 40.14 31.33 -11.43
N GLN C 457 39.83 32.55 -11.00
CA GLN C 457 40.82 33.63 -11.07
C GLN C 457 41.90 33.48 -10.00
N ARG C 458 41.54 33.07 -8.80
CA ARG C 458 42.50 32.88 -7.71
C ARG C 458 43.43 31.70 -7.92
N GLU C 459 42.90 30.55 -8.35
CA GLU C 459 43.65 29.30 -8.33
C GLU C 459 44.37 29.02 -9.65
N ALA C 460 43.63 28.96 -10.76
CA ALA C 460 44.23 28.60 -12.03
C ALA C 460 45.30 29.61 -12.44
N THR C 461 46.42 29.11 -12.97
CA THR C 461 47.53 29.98 -13.33
C THR C 461 47.18 30.87 -14.52
N ASN C 462 46.56 30.29 -15.54
CA ASN C 462 46.23 31.06 -16.74
C ASN C 462 45.08 32.02 -16.42
N PRO C 463 45.18 33.31 -16.83
CA PRO C 463 44.12 34.29 -16.57
C PRO C 463 42.79 33.85 -17.18
N PRO C 464 41.70 33.72 -16.40
CA PRO C 464 40.40 33.32 -16.93
C PRO C 464 39.87 34.33 -17.93
N VAL C 465 38.93 33.89 -18.76
CA VAL C 465 38.32 34.75 -19.76
C VAL C 465 36.89 35.09 -19.33
N ILE C 466 36.27 36.02 -20.04
CA ILE C 466 34.91 36.44 -19.71
C ILE C 466 33.92 35.88 -20.72
N GLY D 1 -2.31 -4.28 -30.42
CA GLY D 1 -1.65 -3.58 -29.35
C GLY D 1 -1.77 -4.26 -28.00
N SER D 2 -1.55 -3.51 -26.92
CA SER D 2 -1.65 -4.08 -25.58
C SER D 2 -3.12 -4.32 -25.23
N HIS D 3 -3.40 -5.50 -24.70
CA HIS D 3 -4.74 -5.85 -24.24
C HIS D 3 -4.78 -5.85 -22.72
N SER D 4 -5.99 -5.73 -22.18
CA SER D 4 -6.21 -5.65 -20.74
C SER D 4 -7.32 -6.62 -20.34
N MET D 5 -7.20 -7.18 -19.14
CA MET D 5 -8.30 -7.93 -18.56
C MET D 5 -8.44 -7.51 -17.10
N ARG D 6 -9.66 -7.13 -16.72
CA ARG D 6 -9.93 -6.53 -15.42
C ARG D 6 -11.14 -7.20 -14.79
N TYR D 7 -11.19 -7.19 -13.46
CA TYR D 7 -12.34 -7.65 -12.70
C TYR D 7 -12.67 -6.60 -11.66
N PHE D 8 -13.91 -6.11 -11.68
CA PHE D 8 -14.37 -5.06 -10.78
C PHE D 8 -15.40 -5.61 -9.82
N PHE D 9 -15.34 -5.13 -8.58
CA PHE D 9 -16.33 -5.41 -7.54
C PHE D 9 -16.73 -4.07 -6.92
N THR D 10 -18.01 -3.92 -6.61
CA THR D 10 -18.53 -2.66 -6.11
C THR D 10 -19.65 -2.94 -5.12
N SER D 11 -19.42 -2.64 -3.85
CA SER D 11 -20.44 -2.75 -2.82
C SER D 11 -20.93 -1.34 -2.53
N VAL D 12 -22.19 -1.08 -2.88
CA VAL D 12 -22.82 0.21 -2.65
C VAL D 12 -23.78 0.03 -1.48
N SER D 13 -23.50 0.76 -0.39
CA SER D 13 -24.35 0.66 0.82
C SER D 13 -25.68 1.38 0.57
N ARG D 14 -26.80 0.66 0.71
CA ARG D 14 -28.13 1.26 0.46
C ARG D 14 -28.92 1.29 1.77
N PRO D 15 -28.84 2.37 2.58
CA PRO D 15 -29.53 2.42 3.87
C PRO D 15 -31.04 2.32 3.72
N GLY D 16 -31.65 1.43 4.49
CA GLY D 16 -33.08 1.19 4.42
C GLY D 16 -33.48 -0.11 3.75
N ARG D 17 -32.56 -0.80 3.08
CA ARG D 17 -32.86 -2.06 2.40
C ARG D 17 -31.95 -3.19 2.88
N GLY D 18 -31.38 -3.07 4.07
CA GLY D 18 -30.63 -4.18 4.64
C GLY D 18 -29.24 -4.30 4.03
N GLU D 19 -28.98 -5.43 3.40
CA GLU D 19 -27.64 -5.72 2.89
C GLU D 19 -27.28 -4.78 1.76
N PRO D 20 -26.02 -4.34 1.66
CA PRO D 20 -25.62 -3.46 0.57
C PRO D 20 -25.67 -4.17 -0.78
N ARG D 21 -25.91 -3.39 -1.83
CA ARG D 21 -25.87 -3.93 -3.18
C ARG D 21 -24.44 -4.30 -3.55
N PHE D 22 -24.30 -5.33 -4.38
CA PHE D 22 -22.99 -5.87 -4.76
C PHE D 22 -23.00 -6.16 -6.24
N ILE D 23 -22.15 -5.47 -7.01
CA ILE D 23 -22.07 -5.63 -8.45
C ILE D 23 -20.64 -6.04 -8.81
N ALA D 24 -20.49 -7.15 -9.51
CA ALA D 24 -19.17 -7.64 -9.92
C ALA D 24 -19.20 -7.86 -11.43
N VAL D 25 -18.20 -7.33 -12.12
CA VAL D 25 -18.12 -7.41 -13.57
C VAL D 25 -16.73 -7.84 -14.00
N GLY D 26 -16.62 -8.29 -15.24
CA GLY D 26 -15.34 -8.64 -15.82
C GLY D 26 -15.21 -8.09 -17.21
N TYR D 27 -14.08 -7.45 -17.47
CA TYR D 27 -13.86 -6.71 -18.70
C TYR D 27 -12.65 -7.27 -19.44
N VAL D 28 -12.83 -7.66 -20.70
CA VAL D 28 -11.66 -8.06 -21.54
C VAL D 28 -11.59 -6.89 -22.49
N ASP D 29 -10.46 -6.20 -22.54
CA ASP D 29 -10.49 -4.93 -23.31
C ASP D 29 -11.63 -4.20 -22.59
N ASP D 30 -12.49 -3.48 -23.31
CA ASP D 30 -13.58 -2.70 -22.65
C ASP D 30 -14.94 -3.39 -22.85
N THR D 31 -14.95 -4.69 -23.13
CA THR D 31 -16.22 -5.42 -23.39
C THR D 31 -16.51 -6.38 -22.24
N GLN D 32 -17.62 -6.21 -21.53
CA GLN D 32 -17.87 -7.06 -20.37
C GLN D 32 -18.32 -8.45 -20.79
N PHE D 33 -17.87 -9.45 -20.06
CA PHE D 33 -18.27 -10.83 -20.32
C PHE D 33 -18.99 -11.49 -19.16
N VAL D 34 -18.78 -11.04 -17.92
CA VAL D 34 -19.54 -11.50 -16.77
C VAL D 34 -20.01 -10.29 -15.99
N ARG D 35 -21.22 -10.38 -15.44
CA ARG D 35 -21.75 -9.30 -14.60
C ARG D 35 -22.67 -9.93 -13.55
N PHE D 36 -22.14 -10.15 -12.36
CA PHE D 36 -22.93 -10.65 -11.24
C PHE D 36 -23.60 -9.45 -10.57
N ASP D 37 -24.93 -9.40 -10.67
CA ASP D 37 -25.70 -8.31 -10.08
C ASP D 37 -26.48 -8.85 -8.89
N SER D 38 -26.25 -8.26 -7.71
CA SER D 38 -26.92 -8.75 -6.50
C SER D 38 -28.41 -8.40 -6.51
N ASP D 39 -28.76 -7.25 -7.07
CA ASP D 39 -30.16 -6.83 -7.08
C ASP D 39 -31.02 -7.76 -7.92
N ALA D 40 -30.48 -8.25 -9.03
CA ALA D 40 -31.22 -9.17 -9.88
C ALA D 40 -31.46 -10.50 -9.16
N ALA D 41 -32.62 -11.10 -9.43
CA ALA D 41 -32.99 -12.33 -8.74
C ALA D 41 -32.21 -13.54 -9.23
N SER D 42 -31.57 -13.45 -10.40
CA SER D 42 -30.78 -14.57 -10.90
C SER D 42 -29.60 -14.87 -9.96
N GLN D 43 -28.91 -13.83 -9.51
CA GLN D 43 -27.80 -13.96 -8.56
C GLN D 43 -26.77 -14.97 -9.05
N ARG D 44 -26.32 -14.79 -10.29
CA ARG D 44 -25.27 -15.68 -10.86
C ARG D 44 -24.39 -14.84 -11.77
N MET D 45 -23.34 -15.44 -12.34
CA MET D 45 -22.44 -14.70 -13.28
C MET D 45 -23.04 -14.73 -14.69
N GLU D 46 -24.28 -14.29 -14.83
CA GLU D 46 -24.92 -14.21 -16.17
C GLU D 46 -23.87 -13.76 -17.20
N PRO D 47 -23.62 -14.51 -18.29
CA PRO D 47 -22.65 -14.10 -19.31
C PRO D 47 -23.22 -13.10 -20.33
N ARG D 48 -22.34 -12.29 -20.91
CA ARG D 48 -22.74 -11.31 -21.91
C ARG D 48 -21.86 -11.33 -23.15
N ALA D 49 -21.03 -12.34 -23.35
CA ALA D 49 -20.12 -12.36 -24.48
C ALA D 49 -20.04 -13.77 -25.06
N PRO D 50 -19.82 -13.92 -26.38
CA PRO D 50 -19.68 -15.25 -26.99
C PRO D 50 -18.45 -16.00 -26.46
N TRP D 51 -17.37 -15.28 -26.13
CA TRP D 51 -16.16 -15.99 -25.71
C TRP D 51 -16.28 -16.56 -24.31
N ILE D 52 -17.31 -16.19 -23.55
CA ILE D 52 -17.57 -16.75 -22.23
C ILE D 52 -18.81 -17.62 -22.20
N GLU D 53 -19.67 -17.56 -23.23
CA GLU D 53 -20.90 -18.33 -23.22
C GLU D 53 -20.61 -19.83 -23.21
N GLN D 54 -19.62 -20.27 -23.96
CA GLN D 54 -19.32 -21.70 -24.10
C GLN D 54 -18.44 -22.16 -22.94
N GLU D 55 -19.02 -22.09 -21.75
CA GLU D 55 -18.40 -22.59 -20.53
C GLU D 55 -19.38 -23.48 -19.80
N GLY D 56 -18.90 -24.59 -19.26
CA GLY D 56 -19.73 -25.52 -18.54
C GLY D 56 -20.31 -24.93 -17.28
N PRO D 57 -21.48 -25.42 -16.87
CA PRO D 57 -22.11 -24.87 -15.65
C PRO D 57 -21.28 -25.05 -14.40
N GLU D 58 -20.39 -26.04 -14.35
CA GLU D 58 -19.50 -26.19 -13.19
C GLU D 58 -18.56 -25.01 -13.05
N TYR D 59 -18.02 -24.53 -14.17
CA TYR D 59 -17.22 -23.30 -14.16
C TYR D 59 -18.06 -22.12 -13.68
N TRP D 60 -19.31 -22.04 -14.13
CA TRP D 60 -20.15 -20.93 -13.76
C TRP D 60 -20.42 -20.93 -12.26
N ASP D 61 -20.68 -22.12 -11.70
CA ASP D 61 -20.87 -22.24 -10.25
C ASP D 61 -19.59 -21.94 -9.48
N GLN D 62 -18.44 -22.28 -10.07
CA GLN D 62 -17.17 -21.95 -9.44
C GLN D 62 -17.03 -20.44 -9.28
N GLU D 63 -17.22 -19.71 -10.37
CA GLU D 63 -17.21 -18.25 -10.29
C GLU D 63 -18.32 -17.75 -9.37
N THR D 64 -19.42 -18.51 -9.33
CA THR D 64 -20.58 -18.13 -8.48
C THR D 64 -20.15 -18.08 -7.01
N ARG D 65 -19.70 -19.22 -6.48
CA ARG D 65 -19.27 -19.29 -5.06
C ARG D 65 -18.15 -18.27 -4.84
N ASN D 66 -17.20 -18.22 -5.78
CA ASN D 66 -16.09 -17.27 -5.65
C ASN D 66 -16.60 -15.86 -5.38
N VAL D 67 -17.51 -15.37 -6.24
CA VAL D 67 -17.97 -14.00 -6.11
C VAL D 67 -18.85 -13.86 -4.87
N LYS D 68 -19.57 -14.92 -4.52
CA LYS D 68 -20.44 -14.89 -3.32
C LYS D 68 -19.55 -14.69 -2.08
N ALA D 69 -18.51 -15.51 -1.95
CA ALA D 69 -17.59 -15.37 -0.81
C ALA D 69 -16.92 -14.00 -0.81
N GLN D 70 -16.56 -13.51 -1.99
CA GLN D 70 -15.99 -12.17 -2.07
C GLN D 70 -16.97 -11.12 -1.56
N SER D 71 -18.25 -11.27 -1.91
CA SER D 71 -19.28 -10.35 -1.42
C SER D 71 -19.43 -10.44 0.09
N GLN D 72 -19.39 -11.66 0.62
CA GLN D 72 -19.51 -11.84 2.06
C GLN D 72 -18.38 -11.15 2.80
N THR D 73 -17.16 -11.22 2.27
CA THR D 73 -16.04 -10.50 2.88
C THR D 73 -16.21 -8.99 2.69
N ASP D 74 -16.64 -8.57 1.50
CA ASP D 74 -16.67 -7.15 1.17
C ASP D 74 -17.73 -6.39 1.96
N ARG D 75 -18.87 -7.02 2.27
CA ARG D 75 -19.87 -6.31 3.06
C ARG D 75 -19.37 -6.05 4.48
N VAL D 76 -18.68 -7.01 5.08
CA VAL D 76 -18.07 -6.78 6.40
C VAL D 76 -17.00 -5.70 6.31
N ASP D 77 -16.20 -5.72 5.24
CA ASP D 77 -15.20 -4.68 5.07
C ASP D 77 -15.84 -3.30 4.93
N LEU D 78 -16.95 -3.21 4.19
CA LEU D 78 -17.66 -1.94 4.07
C LEU D 78 -18.20 -1.48 5.42
N GLY D 79 -18.75 -2.41 6.20
CA GLY D 79 -19.25 -2.04 7.52
C GLY D 79 -18.15 -1.50 8.42
N THR D 80 -17.02 -2.21 8.48
CA THR D 80 -15.94 -1.77 9.36
C THR D 80 -15.32 -0.46 8.86
N LEU D 81 -15.26 -0.27 7.54
CA LEU D 81 -14.75 0.99 7.01
C LEU D 81 -15.68 2.15 7.35
N ARG D 82 -16.99 1.96 7.17
CA ARG D 82 -17.94 3.01 7.53
C ARG D 82 -17.86 3.32 9.02
N GLY D 83 -17.61 2.31 9.84
CA GLY D 83 -17.39 2.56 11.26
C GLY D 83 -16.11 3.36 11.52
N TYR D 84 -15.06 3.07 10.76
CA TYR D 84 -13.78 3.73 11.01
C TYR D 84 -13.81 5.21 10.62
N TYR D 85 -14.33 5.52 9.43
CA TYR D 85 -14.34 6.88 8.93
C TYR D 85 -15.24 7.82 9.73
N ASN D 86 -16.07 7.24 10.59
CA ASN D 86 -17.02 8.11 11.32
C ASN D 86 -17.89 8.84 10.32
N GLN D 87 -18.74 8.11 9.62
CA GLN D 87 -19.64 8.67 8.64
C GLN D 87 -21.06 8.16 8.88
N SER D 88 -22.03 8.99 8.49
CA SER D 88 -23.44 8.72 8.78
C SER D 88 -23.88 7.43 8.11
N GLU D 89 -24.62 6.60 8.85
CA GLU D 89 -25.16 5.37 8.30
C GLU D 89 -26.27 5.65 7.30
N ALA D 90 -26.89 6.83 7.42
CA ALA D 90 -27.96 7.20 6.51
C ALA D 90 -27.45 7.45 5.10
N GLY D 91 -26.20 7.90 4.98
CA GLY D 91 -25.65 8.17 3.66
C GLY D 91 -25.24 6.89 2.95
N SER D 92 -25.19 6.94 1.63
CA SER D 92 -24.76 5.81 0.83
C SER D 92 -23.26 5.90 0.57
N HIS D 93 -22.53 4.84 0.90
CA HIS D 93 -21.08 4.81 0.73
C HIS D 93 -20.70 3.60 -0.12
N THR D 94 -19.72 3.81 -1.00
CA THR D 94 -19.31 2.81 -1.97
C THR D 94 -17.91 2.31 -1.64
N ILE D 95 -17.68 1.01 -1.80
CA ILE D 95 -16.35 0.43 -1.71
C ILE D 95 -16.12 -0.38 -2.99
N GLN D 96 -14.98 -0.17 -3.62
CA GLN D 96 -14.69 -0.75 -4.93
C GLN D 96 -13.37 -1.49 -4.87
N ILE D 97 -13.30 -2.63 -5.55
CA ILE D 97 -12.09 -3.42 -5.68
C ILE D 97 -11.93 -3.74 -7.15
N MET D 98 -10.70 -3.90 -7.60
CA MET D 98 -10.48 -4.34 -8.97
C MET D 98 -9.13 -5.02 -9.04
N TYR D 99 -9.03 -6.06 -9.86
CA TYR D 99 -7.74 -6.68 -10.11
C TYR D 99 -7.65 -7.09 -11.56
N GLY D 100 -6.47 -6.97 -12.15
CA GLY D 100 -6.36 -7.29 -13.56
C GLY D 100 -4.92 -7.23 -14.02
N CYS D 101 -4.73 -7.67 -15.26
CA CYS D 101 -3.41 -7.72 -15.87
C CYS D 101 -3.49 -7.25 -17.31
N ASP D 102 -2.41 -6.61 -17.75
CA ASP D 102 -2.28 -6.09 -19.11
C ASP D 102 -1.14 -6.82 -19.80
N VAL D 103 -1.40 -7.30 -21.01
CA VAL D 103 -0.39 -7.99 -21.82
C VAL D 103 -0.08 -7.13 -23.03
N GLY D 104 1.13 -7.28 -23.56
CA GLY D 104 1.52 -6.60 -24.78
C GLY D 104 1.01 -7.31 -26.01
N SER D 105 1.38 -6.81 -27.20
CA SER D 105 0.95 -7.46 -28.43
C SER D 105 1.53 -8.85 -28.59
N ASP D 106 2.64 -9.16 -27.92
CA ASP D 106 3.26 -10.46 -28.03
C ASP D 106 2.62 -11.51 -27.12
N GLY D 107 1.68 -11.12 -26.26
CA GLY D 107 1.04 -12.04 -25.35
C GLY D 107 1.72 -12.23 -24.02
N ARG D 108 2.91 -11.65 -23.83
CA ARG D 108 3.61 -11.78 -22.57
C ARG D 108 3.07 -10.79 -21.54
N PHE D 109 3.41 -11.02 -20.28
CA PHE D 109 2.98 -10.14 -19.21
C PHE D 109 3.62 -8.76 -19.36
N LEU D 110 2.82 -7.72 -19.14
CA LEU D 110 3.31 -6.36 -19.27
C LEU D 110 3.05 -5.54 -18.02
N ARG D 111 1.89 -5.75 -17.39
CA ARG D 111 1.51 -4.98 -16.22
C ARG D 111 0.51 -5.77 -15.40
N GLY D 112 0.48 -5.48 -14.11
CA GLY D 112 -0.50 -6.12 -13.23
C GLY D 112 -0.86 -5.22 -12.07
N TYR D 113 -2.15 -5.08 -11.77
CA TYR D 113 -2.55 -4.17 -10.71
C TYR D 113 -3.83 -4.63 -10.03
N ARG D 114 -3.84 -4.54 -8.70
CA ARG D 114 -5.04 -4.72 -7.89
C ARG D 114 -5.19 -3.51 -6.99
N GLN D 115 -6.33 -2.84 -7.08
CA GLN D 115 -6.59 -1.61 -6.33
C GLN D 115 -7.90 -1.70 -5.57
N ASP D 116 -7.96 -1.01 -4.44
CA ASP D 116 -9.15 -0.86 -3.63
C ASP D 116 -9.36 0.62 -3.37
N ALA D 117 -10.62 1.05 -3.41
CA ALA D 117 -10.95 2.47 -3.23
C ALA D 117 -12.28 2.60 -2.51
N TYR D 118 -12.28 3.32 -1.40
CA TYR D 118 -13.48 3.58 -0.64
C TYR D 118 -14.04 4.95 -1.02
N ASP D 119 -15.33 5.00 -1.32
CA ASP D 119 -16.03 6.24 -1.63
C ASP D 119 -15.45 6.96 -2.84
N GLY D 120 -14.68 6.23 -3.66
CA GLY D 120 -14.06 6.81 -4.83
C GLY D 120 -12.70 7.41 -4.60
N LYS D 121 -12.25 7.51 -3.35
CA LYS D 121 -10.90 7.95 -3.03
C LYS D 121 -10.01 6.73 -2.96
N ASP D 122 -8.97 6.73 -3.81
CA ASP D 122 -8.04 5.57 -3.88
C ASP D 122 -7.67 5.16 -2.46
N TYR D 123 -8.01 3.92 -2.10
CA TYR D 123 -7.76 3.47 -0.72
C TYR D 123 -6.38 2.84 -0.60
N ILE D 124 -6.14 1.74 -1.32
CA ILE D 124 -4.86 1.04 -1.28
C ILE D 124 -4.64 0.32 -2.60
N ALA D 125 -3.43 0.44 -3.14
CA ALA D 125 -3.20 -0.12 -4.46
C ALA D 125 -1.91 -0.92 -4.46
N LEU D 126 -1.82 -1.85 -5.41
CA LEU D 126 -0.59 -2.60 -5.66
C LEU D 126 0.17 -1.87 -6.76
N ASN D 127 1.45 -1.61 -6.51
CA ASN D 127 2.27 -0.92 -7.51
C ASN D 127 2.36 -1.73 -8.78
N GLU D 128 2.73 -1.07 -9.87
CA GLU D 128 2.99 -1.76 -11.13
C GLU D 128 4.31 -2.50 -11.04
N ASP D 129 5.05 -2.26 -9.96
CA ASP D 129 6.26 -3.02 -9.66
C ASP D 129 5.95 -4.39 -9.07
N LEU D 130 4.69 -4.66 -8.72
CA LEU D 130 4.23 -5.97 -8.28
C LEU D 130 4.93 -6.42 -7.00
N ARG D 131 5.46 -5.47 -6.24
CA ARG D 131 6.22 -5.84 -5.05
C ARG D 131 5.74 -5.10 -3.80
N SER D 132 5.35 -3.84 -3.94
CA SER D 132 5.03 -3.01 -2.79
C SER D 132 3.67 -2.35 -2.97
N TRP D 133 2.98 -2.18 -1.86
CA TRP D 133 1.68 -1.54 -1.82
C TRP D 133 1.83 -0.05 -1.55
N THR D 134 0.87 0.73 -2.03
CA THR D 134 0.77 2.15 -1.71
C THR D 134 -0.55 2.41 -0.98
N ALA D 135 -0.45 3.14 0.13
CA ALA D 135 -1.59 3.37 1.01
C ALA D 135 -1.73 4.86 1.29
N ALA D 136 -2.92 5.40 1.04
CA ALA D 136 -3.16 6.83 1.21
C ALA D 136 -3.38 7.17 2.68
N ASP D 137 -4.46 6.65 3.27
CA ASP D 137 -4.77 6.89 4.67
C ASP D 137 -4.13 5.80 5.53
N MET D 138 -4.50 5.77 6.81
CA MET D 138 -3.85 4.82 7.71
C MET D 138 -4.65 3.54 7.88
N ALA D 139 -5.95 3.56 7.60
CA ALA D 139 -6.67 2.29 7.49
C ALA D 139 -6.05 1.44 6.39
N ALA D 140 -5.72 2.07 5.27
CA ALA D 140 -4.99 1.38 4.21
C ALA D 140 -3.61 0.95 4.69
N GLN D 141 -3.01 1.71 5.61
CA GLN D 141 -1.71 1.32 6.15
C GLN D 141 -1.81 0.05 6.99
N ILE D 142 -2.86 -0.05 7.80
CA ILE D 142 -3.10 -1.27 8.57
C ILE D 142 -3.34 -2.45 7.64
N THR D 143 -4.14 -2.22 6.60
CA THR D 143 -4.41 -3.28 5.63
C THR D 143 -3.13 -3.68 4.90
N LYS D 144 -2.26 -2.71 4.64
CA LYS D 144 -0.97 -2.98 4.01
C LYS D 144 -0.08 -3.83 4.90
N ARG D 145 -0.02 -3.50 6.18
CA ARG D 145 0.74 -4.32 7.12
C ARG D 145 0.17 -5.73 7.17
N LYS D 146 -1.16 -5.84 7.13
CA LYS D 146 -1.80 -7.15 7.16
C LYS D 146 -1.43 -7.98 5.92
N TRP D 147 -1.42 -7.35 4.74
CA TRP D 147 -1.03 -8.11 3.55
C TRP D 147 0.45 -8.49 3.60
N GLU D 148 1.32 -7.55 3.99
CA GLU D 148 2.76 -7.85 4.00
C GLU D 148 3.10 -8.92 5.02
N ALA D 149 2.33 -9.00 6.11
CA ALA D 149 2.57 -10.04 7.10
C ALA D 149 2.40 -11.43 6.52
N ALA D 150 1.38 -11.62 5.69
CA ALA D 150 1.11 -12.91 5.06
C ALA D 150 1.89 -13.11 3.77
N HIS D 151 2.64 -12.10 3.32
CA HIS D 151 3.39 -12.17 2.06
C HIS D 151 2.48 -12.53 0.88
N GLU D 152 1.26 -11.98 0.90
CA GLU D 152 0.33 -12.28 -0.18
C GLU D 152 0.71 -11.56 -1.47
N ALA D 153 1.68 -10.64 -1.42
CA ALA D 153 2.22 -10.09 -2.66
C ALA D 153 2.82 -11.18 -3.54
N GLU D 154 3.38 -12.23 -2.91
CA GLU D 154 3.85 -13.39 -3.65
C GLU D 154 2.72 -14.28 -4.12
N GLN D 155 1.53 -14.15 -3.55
CA GLN D 155 0.37 -14.86 -4.05
C GLN D 155 -0.22 -14.17 -5.27
N LEU D 156 -0.49 -12.87 -5.16
CA LEU D 156 -1.05 -12.13 -6.28
C LEU D 156 -0.09 -12.12 -7.46
N ARG D 157 1.21 -11.98 -7.20
CA ARG D 157 2.20 -12.09 -8.27
C ARG D 157 2.06 -13.42 -8.99
N ALA D 158 1.73 -14.49 -8.25
CA ALA D 158 1.45 -15.76 -8.88
C ALA D 158 0.22 -15.70 -9.77
N TYR D 159 -0.84 -15.06 -9.28
CA TYR D 159 -2.07 -14.95 -10.06
C TYR D 159 -1.89 -14.03 -11.25
N LEU D 160 -1.33 -12.85 -11.03
CA LEU D 160 -1.24 -11.85 -12.09
C LEU D 160 -0.32 -12.32 -13.21
N ASP D 161 0.82 -12.91 -12.85
CA ASP D 161 1.69 -13.48 -13.87
C ASP D 161 1.13 -14.79 -14.42
N GLY D 162 0.27 -15.45 -13.65
CA GLY D 162 -0.24 -16.75 -14.00
C GLY D 162 -1.67 -16.78 -14.50
N THR D 163 -2.59 -17.15 -13.61
CA THR D 163 -3.98 -17.43 -13.97
C THR D 163 -4.64 -16.27 -14.71
N CYS D 164 -4.33 -15.03 -14.30
CA CYS D 164 -4.88 -13.87 -14.98
C CYS D 164 -4.46 -13.87 -16.46
N VAL D 165 -3.16 -14.00 -16.69
CA VAL D 165 -2.64 -13.94 -18.06
C VAL D 165 -3.07 -15.18 -18.85
N GLU D 166 -3.10 -16.34 -18.20
CA GLU D 166 -3.53 -17.56 -18.90
C GLU D 166 -4.98 -17.43 -19.35
N TRP D 167 -5.85 -16.94 -18.47
CA TRP D 167 -7.24 -16.72 -18.84
C TRP D 167 -7.34 -15.68 -19.95
N LEU D 168 -6.48 -14.66 -19.91
CA LEU D 168 -6.53 -13.65 -20.96
C LEU D 168 -6.17 -14.23 -22.32
N ARG D 169 -5.13 -15.05 -22.40
CA ARG D 169 -4.84 -15.72 -23.67
C ARG D 169 -5.98 -16.64 -24.10
N ARG D 170 -6.55 -17.38 -23.15
CA ARG D 170 -7.62 -18.30 -23.53
C ARG D 170 -8.82 -17.55 -24.08
N TYR D 171 -9.16 -16.41 -23.47
CA TYR D 171 -10.27 -15.61 -23.96
C TYR D 171 -9.94 -14.99 -25.32
N LEU D 172 -8.75 -14.42 -25.47
CA LEU D 172 -8.37 -13.81 -26.74
C LEU D 172 -8.23 -14.82 -27.86
N GLU D 173 -8.01 -16.09 -27.54
CA GLU D 173 -7.96 -17.15 -28.55
C GLU D 173 -9.33 -17.69 -28.90
N ASN D 174 -10.16 -18.01 -27.89
CA ASN D 174 -11.51 -18.46 -28.16
C ASN D 174 -12.34 -17.35 -28.79
N GLY D 175 -12.15 -16.11 -28.33
CA GLY D 175 -12.91 -14.99 -28.84
C GLY D 175 -12.12 -14.10 -29.80
N LYS D 176 -11.15 -14.70 -30.50
CA LYS D 176 -10.32 -13.92 -31.42
C LYS D 176 -11.15 -13.27 -32.53
N GLU D 177 -12.33 -13.82 -32.79
CA GLU D 177 -13.17 -13.31 -33.88
C GLU D 177 -13.68 -11.90 -33.62
N THR D 178 -13.81 -11.48 -32.36
CA THR D 178 -14.46 -10.22 -32.03
C THR D 178 -13.61 -9.27 -31.20
N LEU D 179 -12.64 -9.77 -30.44
CA LEU D 179 -11.84 -8.90 -29.57
C LEU D 179 -10.53 -8.48 -30.23
N GLN D 180 -9.79 -9.45 -30.79
CA GLN D 180 -8.55 -9.13 -31.49
C GLN D 180 -8.80 -8.30 -32.74
N ARG D 181 -10.04 -8.26 -33.22
CA ARG D 181 -10.39 -7.46 -34.40
C ARG D 181 -10.12 -5.98 -34.15
N THR D 182 -9.67 -5.29 -35.18
CA THR D 182 -9.54 -3.85 -35.17
C THR D 182 -10.27 -3.29 -36.38
N ASP D 183 -10.77 -2.06 -36.27
CA ASP D 183 -11.54 -1.46 -37.33
C ASP D 183 -11.10 -0.01 -37.54
N PRO D 184 -10.70 0.34 -38.76
CA PRO D 184 -10.31 1.73 -39.02
C PRO D 184 -11.51 2.65 -38.96
N PRO D 185 -11.30 3.91 -38.57
CA PRO D 185 -12.42 4.85 -38.50
C PRO D 185 -12.82 5.38 -39.87
N LYS D 186 -14.14 5.57 -40.03
CA LYS D 186 -14.70 6.15 -41.25
C LYS D 186 -14.74 7.67 -41.07
N THR D 187 -13.55 8.27 -41.10
CA THR D 187 -13.40 9.66 -40.70
C THR D 187 -14.13 10.60 -41.65
N HIS D 188 -14.67 11.67 -41.08
CA HIS D 188 -15.21 12.80 -41.83
C HIS D 188 -14.47 14.05 -41.39
N MET D 189 -14.76 15.18 -42.05
CA MET D 189 -14.32 16.48 -41.55
C MET D 189 -15.31 17.53 -42.02
N THR D 190 -15.67 18.44 -41.12
CA THR D 190 -16.73 19.41 -41.34
C THR D 190 -16.25 20.82 -41.04
N HIS D 191 -16.86 21.79 -41.74
CA HIS D 191 -16.64 23.21 -41.53
C HIS D 191 -17.86 23.85 -40.89
N HIS D 192 -17.63 24.77 -39.97
CA HIS D 192 -18.72 25.53 -39.37
C HIS D 192 -18.33 27.00 -39.27
N PRO D 193 -19.00 27.90 -40.01
CA PRO D 193 -18.66 29.32 -39.93
C PRO D 193 -19.22 29.97 -38.67
N ILE D 194 -18.47 29.89 -37.56
CA ILE D 194 -18.93 30.48 -36.31
C ILE D 194 -19.16 31.98 -36.48
N SER D 195 -18.30 32.65 -37.22
CA SER D 195 -18.44 34.08 -37.49
C SER D 195 -17.79 34.38 -38.83
N ASP D 196 -17.67 35.67 -39.14
CA ASP D 196 -17.04 36.11 -40.38
C ASP D 196 -15.54 36.31 -40.23
N HIS D 197 -15.01 36.26 -39.01
CA HIS D 197 -13.58 36.37 -38.77
C HIS D 197 -12.95 35.08 -38.26
N GLU D 198 -13.75 34.06 -37.95
CA GLU D 198 -13.22 32.79 -37.47
C GLU D 198 -14.15 31.68 -37.91
N ALA D 199 -13.62 30.46 -37.91
CA ALA D 199 -14.39 29.28 -38.29
C ALA D 199 -13.91 28.08 -37.50
N THR D 200 -14.71 27.02 -37.43
CA THR D 200 -14.31 25.80 -36.73
C THR D 200 -14.22 24.64 -37.71
N LEU D 201 -13.08 23.95 -37.69
CA LEU D 201 -12.89 22.73 -38.47
C LEU D 201 -12.91 21.55 -37.51
N ARG D 202 -13.84 20.62 -37.72
CA ARG D 202 -13.98 19.48 -36.77
C ARG D 202 -13.84 18.16 -37.53
N CYS D 203 -12.75 17.44 -37.30
CA CYS D 203 -12.59 16.13 -37.93
C CYS D 203 -13.14 15.03 -37.02
N TRP D 204 -13.95 14.18 -37.63
CA TRP D 204 -14.72 13.13 -36.96
C TRP D 204 -13.98 11.80 -37.16
N ALA D 205 -13.46 11.25 -36.06
CA ALA D 205 -13.08 9.85 -36.05
C ALA D 205 -14.29 9.03 -35.65
N LEU D 206 -14.92 8.37 -36.63
CA LEU D 206 -16.25 7.81 -36.45
C LEU D 206 -16.20 6.31 -36.72
N GLY D 207 -16.74 5.53 -35.79
CA GLY D 207 -16.87 4.09 -35.98
C GLY D 207 -15.56 3.34 -36.05
N PHE D 208 -14.82 3.29 -34.95
CA PHE D 208 -13.54 2.60 -34.91
C PHE D 208 -13.48 1.73 -33.65
N TYR D 209 -12.40 0.94 -33.55
CA TYR D 209 -12.17 0.02 -32.45
C TYR D 209 -10.72 -0.43 -32.52
N PRO D 210 -9.98 -0.43 -31.40
CA PRO D 210 -10.42 0.02 -30.07
C PRO D 210 -10.34 1.53 -29.90
N ALA D 211 -10.57 2.00 -28.68
CA ALA D 211 -10.68 3.43 -28.42
C ALA D 211 -9.34 4.16 -28.45
N GLU D 212 -8.21 3.45 -28.48
CA GLU D 212 -6.90 4.10 -28.46
C GLU D 212 -6.62 4.69 -29.83
N ILE D 213 -7.05 5.94 -30.00
CA ILE D 213 -6.86 6.70 -31.23
C ILE D 213 -6.30 8.06 -30.84
N THR D 214 -5.61 8.70 -31.77
CA THR D 214 -5.14 10.07 -31.53
C THR D 214 -5.37 10.94 -32.77
N LEU D 215 -6.01 12.08 -32.56
CA LEU D 215 -6.24 13.07 -33.61
C LEU D 215 -5.48 14.33 -33.23
N THR D 216 -4.63 14.81 -34.14
CA THR D 216 -3.90 16.04 -33.90
C THR D 216 -4.01 16.96 -35.11
N TRP D 217 -3.98 18.26 -34.87
CA TRP D 217 -4.15 19.28 -35.89
C TRP D 217 -2.81 19.97 -36.14
N GLN D 218 -2.09 19.51 -37.15
CA GLN D 218 -0.85 20.16 -37.57
C GLN D 218 -1.23 21.45 -38.29
N ARG D 219 -0.77 22.57 -37.75
CA ARG D 219 -0.94 23.86 -38.40
C ARG D 219 0.36 24.25 -39.09
N ASP D 220 0.34 24.25 -40.43
CA ASP D 220 1.53 24.52 -41.24
C ASP D 220 2.66 23.53 -40.91
N GLY D 221 2.28 22.29 -40.57
CA GLY D 221 3.23 21.26 -40.25
C GLY D 221 3.63 21.16 -38.81
N GLU D 222 3.24 22.13 -37.98
CA GLU D 222 3.60 22.17 -36.56
C GLU D 222 2.38 21.81 -35.73
N ASP D 223 2.56 20.89 -34.78
CA ASP D 223 1.46 20.46 -33.95
C ASP D 223 1.05 21.57 -32.99
N GLN D 224 -0.18 22.05 -33.13
CA GLN D 224 -0.72 23.09 -32.25
C GLN D 224 -1.59 22.44 -31.17
N THR D 225 -0.91 21.75 -30.26
CA THR D 225 -1.56 21.07 -29.15
C THR D 225 -2.27 22.03 -28.21
N GLN D 226 -1.86 23.29 -28.16
CA GLN D 226 -2.43 24.23 -27.20
C GLN D 226 -3.88 24.56 -27.51
N ASP D 227 -4.22 24.84 -28.77
CA ASP D 227 -5.54 25.36 -29.12
C ASP D 227 -6.45 24.30 -29.75
N THR D 228 -6.02 23.04 -29.80
CA THR D 228 -6.90 21.99 -30.30
C THR D 228 -7.91 21.59 -29.24
N GLU D 229 -9.14 21.32 -29.69
CA GLU D 229 -10.21 20.87 -28.78
C GLU D 229 -10.65 19.47 -29.21
N LEU D 230 -10.99 18.61 -28.24
CA LEU D 230 -11.36 17.24 -28.55
C LEU D 230 -12.25 16.71 -27.44
N VAL D 231 -13.12 15.78 -27.80
CA VAL D 231 -13.97 15.12 -26.81
C VAL D 231 -13.39 13.74 -26.54
N GLU D 232 -13.58 13.27 -25.31
CA GLU D 232 -13.14 11.92 -24.97
C GLU D 232 -13.86 10.90 -25.84
N THR D 233 -13.21 9.76 -26.07
CA THR D 233 -13.79 8.72 -26.91
C THR D 233 -15.13 8.25 -26.34
N ARG D 234 -16.15 8.26 -27.18
CA ARG D 234 -17.50 7.96 -26.74
C ARG D 234 -18.01 6.71 -27.42
N PRO D 235 -18.50 5.72 -26.68
CA PRO D 235 -19.07 4.53 -27.31
C PRO D 235 -20.26 4.89 -28.19
N ALA D 236 -20.38 4.20 -29.32
CA ALA D 236 -21.43 4.52 -30.28
C ALA D 236 -22.74 3.80 -29.98
N GLY D 237 -22.69 2.67 -29.29
CA GLY D 237 -23.87 1.89 -28.99
C GLY D 237 -23.86 0.49 -29.55
N ASP D 238 -23.22 0.28 -30.70
CA ASP D 238 -23.14 -1.03 -31.32
C ASP D 238 -21.73 -1.63 -31.23
N GLY D 239 -21.01 -1.37 -30.14
CA GLY D 239 -19.70 -1.94 -29.91
C GLY D 239 -18.52 -1.05 -30.24
N THR D 240 -18.61 -0.30 -31.34
CA THR D 240 -17.50 0.53 -31.77
C THR D 240 -17.39 1.78 -30.92
N PHE D 241 -16.46 2.65 -31.28
CA PHE D 241 -16.25 3.93 -30.63
C PHE D 241 -16.24 5.04 -31.67
N GLN D 242 -16.32 6.27 -31.19
CA GLN D 242 -16.22 7.44 -32.05
C GLN D 242 -15.68 8.62 -31.26
N LYS D 243 -14.85 9.43 -31.91
CA LYS D 243 -14.21 10.58 -31.29
C LYS D 243 -14.44 11.80 -32.17
N TRP D 244 -13.91 12.95 -31.72
CA TRP D 244 -14.23 14.22 -32.37
C TRP D 244 -13.17 15.24 -31.97
N ALA D 245 -12.48 15.79 -32.97
CA ALA D 245 -11.48 16.82 -32.74
C ALA D 245 -11.84 18.08 -33.51
N ALA D 246 -11.35 19.22 -33.05
CA ALA D 246 -11.78 20.50 -33.57
C ALA D 246 -10.66 21.52 -33.40
N VAL D 247 -10.69 22.55 -34.25
CA VAL D 247 -9.72 23.63 -34.21
C VAL D 247 -10.38 24.91 -34.70
N VAL D 248 -10.03 26.04 -34.09
CA VAL D 248 -10.48 27.34 -34.55
C VAL D 248 -9.47 27.90 -35.55
N VAL D 249 -9.98 28.46 -36.64
CA VAL D 249 -9.14 28.88 -37.76
C VAL D 249 -9.54 30.29 -38.19
N PRO D 250 -8.61 31.12 -38.64
CA PRO D 250 -9.01 32.36 -39.32
C PRO D 250 -9.84 32.04 -40.55
N SER D 251 -10.86 32.86 -40.79
CA SER D 251 -11.83 32.60 -41.84
C SER D 251 -11.16 32.50 -43.20
N GLY D 252 -11.50 31.45 -43.95
CA GLY D 252 -11.01 31.27 -45.30
C GLY D 252 -9.51 31.11 -45.40
N GLU D 253 -8.90 30.31 -44.52
CA GLU D 253 -7.47 30.06 -44.54
C GLU D 253 -7.18 28.57 -44.39
N GLU D 254 -8.03 27.72 -44.97
CA GLU D 254 -7.94 26.28 -44.80
C GLU D 254 -7.01 25.70 -45.85
N GLN D 255 -5.73 26.00 -45.70
CA GLN D 255 -4.71 25.48 -46.60
C GLN D 255 -3.77 24.52 -45.87
N ARG D 256 -3.20 24.98 -44.77
CA ARG D 256 -2.27 24.17 -43.97
C ARG D 256 -2.92 23.84 -42.64
N TYR D 257 -3.74 22.79 -42.65
CA TYR D 257 -4.41 22.30 -41.45
C TYR D 257 -4.66 20.81 -41.64
N THR D 258 -3.82 20.00 -41.00
CA THR D 258 -3.82 18.56 -41.22
C THR D 258 -4.33 17.85 -39.97
N CYS D 259 -5.44 17.11 -40.11
CA CYS D 259 -5.93 16.33 -38.99
C CYS D 259 -5.35 14.92 -39.06
N HIS D 260 -4.14 14.75 -38.51
CA HIS D 260 -3.56 13.42 -38.38
C HIS D 260 -4.45 12.53 -37.52
N VAL D 261 -4.93 11.43 -38.10
CA VAL D 261 -5.62 10.38 -37.39
C VAL D 261 -4.69 9.19 -37.30
N GLN D 262 -4.40 8.73 -36.08
CA GLN D 262 -3.56 7.57 -35.87
C GLN D 262 -4.34 6.55 -35.06
N HIS D 263 -4.41 5.33 -35.58
CA HIS D 263 -5.15 4.24 -34.99
C HIS D 263 -4.45 2.93 -35.33
N GLU D 264 -4.61 1.94 -34.46
CA GLU D 264 -3.92 0.66 -34.66
C GLU D 264 -4.39 -0.04 -35.93
N GLY D 265 -5.70 0.01 -36.20
CA GLY D 265 -6.25 -0.66 -37.37
C GLY D 265 -5.94 0.00 -38.69
N LEU D 266 -5.45 1.23 -38.68
CA LEU D 266 -5.07 1.90 -39.91
C LEU D 266 -3.72 1.38 -40.42
N PRO D 267 -3.55 1.28 -41.74
CA PRO D 267 -2.23 0.90 -42.25
C PRO D 267 -1.17 1.96 -42.02
N LYS D 268 -1.56 3.24 -42.13
CA LYS D 268 -0.65 4.35 -41.89
C LYS D 268 -1.49 5.56 -41.50
N PRO D 269 -0.90 6.52 -40.78
CA PRO D 269 -1.67 7.72 -40.41
C PRO D 269 -2.20 8.44 -41.64
N LEU D 270 -3.42 8.95 -41.52
CA LEU D 270 -4.12 9.56 -42.64
C LEU D 270 -4.11 11.08 -42.50
N THR D 271 -4.34 11.77 -43.61
CA THR D 271 -4.30 13.21 -43.67
C THR D 271 -5.60 13.72 -44.28
N LEU D 272 -6.15 14.79 -43.69
CA LEU D 272 -7.43 15.33 -44.12
C LEU D 272 -7.27 16.80 -44.47
N ARG D 273 -8.02 17.22 -45.48
CA ARG D 273 -8.07 18.62 -45.92
C ARG D 273 -9.43 18.87 -46.54
N TRP D 274 -9.87 20.12 -46.47
CA TRP D 274 -11.22 20.47 -46.91
C TRP D 274 -11.19 21.20 -48.26
N VAL E 4 -52.60 3.18 40.45
CA VAL E 4 -51.80 4.23 39.85
C VAL E 4 -50.60 4.53 40.74
N TYR E 5 -49.46 3.91 40.41
CA TYR E 5 -48.26 4.10 41.22
C TYR E 5 -47.71 5.52 41.10
N PHE E 6 -47.73 6.09 39.89
CA PHE E 6 -47.22 7.44 39.67
C PHE E 6 -47.86 8.02 38.42
N LYS E 7 -48.15 9.33 38.49
CA LYS E 7 -48.76 10.03 37.37
C LYS E 7 -48.18 11.44 37.31
N GLU E 8 -47.90 11.91 36.10
CA GLU E 8 -47.27 13.21 35.92
C GLU E 8 -47.56 13.72 34.51
N GLN E 9 -48.29 14.83 34.42
CA GLN E 9 -48.59 15.46 33.14
C GLN E 9 -48.07 16.89 33.04
N PHE E 10 -47.59 17.46 34.14
CA PHE E 10 -47.17 18.86 34.22
C PHE E 10 -48.27 19.81 33.75
N LEU E 11 -49.52 19.53 34.11
CA LEU E 11 -50.64 20.37 33.71
C LEU E 11 -50.84 21.53 34.69
N ASP E 14 -46.83 25.73 38.18
CA ASP E 14 -45.50 25.63 38.79
C ASP E 14 -45.55 24.74 40.03
N GLY E 15 -46.65 24.00 40.19
CA GLY E 15 -46.80 23.13 41.34
C GLY E 15 -45.93 21.90 41.29
N TRP E 16 -45.35 21.58 40.13
CA TRP E 16 -44.50 20.40 40.01
C TRP E 16 -43.28 20.51 40.91
N THR E 17 -42.80 21.73 41.16
CA THR E 17 -41.67 21.91 42.07
C THR E 17 -41.99 21.46 43.49
N SER E 18 -43.28 21.39 43.83
CA SER E 18 -43.67 20.85 45.14
C SER E 18 -43.45 19.34 45.23
N ARG E 19 -43.65 18.61 44.14
CA ARG E 19 -43.50 17.16 44.12
C ARG E 19 -42.22 16.70 43.43
N TRP E 20 -41.47 17.64 42.83
CA TRP E 20 -40.16 17.35 42.28
C TRP E 20 -39.09 18.05 43.12
N ILE E 21 -38.01 17.33 43.41
CA ILE E 21 -36.99 17.83 44.33
C ILE E 21 -35.62 17.67 43.67
N GLU E 22 -34.78 18.69 43.86
CA GLU E 22 -33.44 18.75 43.30
C GLU E 22 -32.43 18.32 44.35
N SER E 23 -31.54 17.41 43.96
CA SER E 23 -30.49 16.95 44.86
C SER E 23 -29.44 18.04 45.08
N LYS E 24 -28.76 17.96 46.21
CA LYS E 24 -27.70 18.90 46.56
C LYS E 24 -26.35 18.24 46.68
N HIS E 25 -26.16 17.05 46.09
CA HIS E 25 -24.89 16.36 46.19
C HIS E 25 -23.75 17.13 45.54
N LYS E 26 -24.01 17.75 44.39
CA LYS E 26 -23.02 18.53 43.67
C LYS E 26 -23.44 20.00 43.61
N SER E 27 -22.44 20.88 43.55
CA SER E 27 -22.67 22.32 43.51
C SER E 27 -22.88 22.83 42.08
N ASP E 28 -22.87 21.94 41.08
CA ASP E 28 -23.07 22.37 39.70
C ASP E 28 -24.22 21.65 39.03
N PHE E 29 -25.24 21.22 39.78
CA PHE E 29 -26.37 20.54 39.18
C PHE E 29 -27.13 21.48 38.26
N GLY E 30 -27.63 20.94 37.14
CA GLY E 30 -28.38 21.75 36.20
C GLY E 30 -29.75 22.13 36.76
N LYS E 31 -30.34 23.16 36.16
CA LYS E 31 -31.64 23.65 36.60
C LYS E 31 -32.71 23.25 35.60
N PHE E 32 -33.78 22.63 36.09
CA PHE E 32 -34.90 22.27 35.24
C PHE E 32 -35.91 23.42 35.17
N VAL E 33 -36.53 23.56 34.00
CA VAL E 33 -37.51 24.62 33.78
C VAL E 33 -38.76 24.00 33.16
N LEU E 34 -39.92 24.49 33.57
CA LEU E 34 -41.18 24.01 32.98
C LEU E 34 -41.42 24.72 31.66
N SER E 35 -41.39 23.97 30.56
CA SER E 35 -41.57 24.56 29.24
C SER E 35 -42.11 23.48 28.30
N SER E 36 -42.62 23.92 27.17
CA SER E 36 -43.15 23.04 26.14
C SER E 36 -42.31 23.07 24.87
N GLY E 37 -41.25 23.87 24.83
CA GLY E 37 -40.38 23.94 23.67
C GLY E 37 -40.89 24.92 22.61
N LYS E 38 -40.03 25.16 21.62
CA LYS E 38 -40.41 26.04 20.52
C LYS E 38 -41.55 25.48 19.69
N PHE E 39 -41.59 24.17 19.50
CA PHE E 39 -42.69 23.54 18.78
C PHE E 39 -43.25 22.39 19.61
N TYR E 40 -44.56 22.16 19.46
CA TYR E 40 -45.29 21.22 20.30
C TYR E 40 -46.60 20.89 19.61
N GLY E 41 -47.38 20.01 20.24
CA GLY E 41 -48.72 19.71 19.76
C GLY E 41 -49.77 20.54 20.48
N ASP E 42 -49.42 21.05 21.65
CA ASP E 42 -50.32 21.91 22.43
C ASP E 42 -49.48 22.72 23.41
N GLU E 43 -49.88 23.97 23.63
CA GLU E 43 -49.12 24.84 24.52
C GLU E 43 -49.11 24.33 25.95
N GLU E 44 -50.26 23.87 26.45
CA GLU E 44 -50.38 23.44 27.85
C GLU E 44 -50.20 21.94 28.01
N LYS E 45 -50.67 21.15 27.05
CA LYS E 45 -50.61 19.70 27.18
C LYS E 45 -49.18 19.19 27.09
N ASP E 46 -48.31 19.89 26.36
CA ASP E 46 -46.93 19.45 26.14
C ASP E 46 -45.96 20.03 27.15
N LYS E 47 -46.45 20.72 28.17
CA LYS E 47 -45.56 21.28 29.18
C LYS E 47 -44.84 20.18 29.95
N GLY E 48 -43.57 20.42 30.26
CA GLY E 48 -42.79 19.43 30.98
C GLY E 48 -41.45 20.01 31.40
N LEU E 49 -40.72 19.20 32.17
CA LEU E 49 -39.40 19.62 32.64
C LEU E 49 -38.41 19.59 31.48
N GLN E 50 -37.55 20.60 31.42
CA GLN E 50 -36.56 20.75 30.37
C GLN E 50 -35.24 21.23 30.95
N THR E 51 -34.14 20.71 30.41
CA THR E 51 -32.82 21.18 30.77
C THR E 51 -32.53 22.50 30.08
N SER E 52 -31.93 23.44 30.81
CA SER E 52 -31.66 24.78 30.29
C SER E 52 -30.20 25.19 30.40
N GLN E 53 -29.32 24.27 30.81
CA GLN E 53 -27.90 24.58 30.95
C GLN E 53 -27.08 23.52 30.20
N ASP E 54 -26.19 23.99 29.33
CA ASP E 54 -25.40 23.06 28.52
C ASP E 54 -24.18 22.58 29.29
N ALA E 55 -23.84 21.31 29.06
CA ALA E 55 -22.65 20.66 29.61
C ALA E 55 -22.63 20.75 31.14
N ARG E 56 -23.70 20.23 31.74
CA ARG E 56 -23.83 20.19 33.19
C ARG E 56 -24.62 18.96 33.60
N PHE E 57 -24.43 18.54 34.85
CA PHE E 57 -25.14 17.40 35.41
C PHE E 57 -26.52 17.81 35.91
N TYR E 58 -27.46 16.88 35.89
CA TYR E 58 -28.80 17.09 36.39
C TYR E 58 -29.19 15.96 37.34
N ALA E 59 -29.99 16.30 38.35
CA ALA E 59 -30.48 15.32 39.30
C ALA E 59 -31.81 15.76 39.90
N LEU E 60 -32.92 15.22 39.39
CA LEU E 60 -34.25 15.56 39.84
C LEU E 60 -35.00 14.28 40.20
N SER E 61 -35.62 14.26 41.38
CA SER E 61 -36.29 13.06 41.88
C SER E 61 -37.66 13.42 42.43
N ALA E 62 -38.61 12.51 42.26
CA ALA E 62 -39.96 12.67 42.79
C ALA E 62 -40.29 11.49 43.68
N SER E 63 -40.79 11.78 44.89
CA SER E 63 -41.20 10.72 45.80
C SER E 63 -42.67 10.38 45.58
N PHE E 64 -43.03 9.14 45.91
CA PHE E 64 -44.40 8.67 45.76
C PHE E 64 -44.62 7.52 46.73
N GLU E 65 -45.84 6.99 46.70
CA GLU E 65 -46.23 5.92 47.62
C GLU E 65 -45.42 4.66 47.34
N PRO E 66 -44.73 4.12 48.33
CA PRO E 66 -43.93 2.90 48.11
C PRO E 66 -44.80 1.74 47.66
N PHE E 67 -44.26 0.92 46.76
CA PHE E 67 -44.96 -0.25 46.26
C PHE E 67 -43.93 -1.27 45.77
N SER E 68 -44.36 -2.52 45.69
CA SER E 68 -43.50 -3.63 45.28
C SER E 68 -44.04 -4.26 44.01
N ASN E 69 -43.14 -4.79 43.19
CA ASN E 69 -43.49 -5.43 41.93
C ASN E 69 -43.61 -6.94 42.05
N LYS E 70 -43.54 -7.49 43.25
CA LYS E 70 -43.59 -8.93 43.44
C LYS E 70 -45.01 -9.45 43.15
N GLY E 71 -45.10 -10.40 42.22
CA GLY E 71 -46.37 -11.02 41.91
C GLY E 71 -47.33 -10.19 41.10
N GLN E 72 -46.89 -9.06 40.56
CA GLN E 72 -47.78 -8.20 39.78
C GLN E 72 -46.95 -7.47 38.73
N THR E 73 -47.58 -7.23 37.57
CA THR E 73 -46.90 -6.60 36.46
C THR E 73 -46.63 -5.13 36.75
N LEU E 74 -45.44 -4.66 36.36
CA LEU E 74 -45.06 -3.27 36.51
C LEU E 74 -44.83 -2.63 35.15
N VAL E 75 -45.45 -1.46 34.93
CA VAL E 75 -45.38 -0.78 33.64
C VAL E 75 -44.95 0.66 33.91
N VAL E 76 -43.97 1.14 33.13
CA VAL E 76 -43.53 2.53 33.18
C VAL E 76 -43.65 3.10 31.78
N GLN E 77 -43.90 4.41 31.70
CA GLN E 77 -44.35 5.07 30.48
C GLN E 77 -43.94 6.54 30.54
N PHE E 78 -43.27 7.02 29.50
CA PHE E 78 -42.89 8.44 29.50
C PHE E 78 -42.51 8.90 28.10
N THR E 79 -42.59 10.23 27.92
CA THR E 79 -42.29 10.88 26.65
C THR E 79 -41.09 11.80 26.81
N VAL E 80 -40.17 11.70 25.86
CA VAL E 80 -38.94 12.50 25.83
C VAL E 80 -38.86 13.24 24.50
N LYS E 81 -38.54 14.53 24.60
CA LYS E 81 -38.41 15.40 23.39
C LYS E 81 -36.96 15.90 23.31
N HIS E 82 -36.27 15.59 22.22
CA HIS E 82 -34.88 15.99 21.98
C HIS E 82 -34.80 17.17 21.02
N GLU E 83 -35.73 18.11 21.17
CA GLU E 83 -35.87 19.26 20.28
C GLU E 83 -34.55 19.96 19.98
N GLN E 84 -33.63 20.00 20.94
CA GLN E 84 -32.37 20.69 20.75
C GLN E 84 -31.40 19.96 19.82
N ASN E 85 -31.80 18.81 19.27
CA ASN E 85 -30.91 17.97 18.46
C ASN E 85 -29.67 17.60 19.27
N ILE E 86 -29.90 16.86 20.35
CA ILE E 86 -28.80 16.53 21.30
C ILE E 86 -27.70 15.71 20.60
N ASP E 87 -26.44 15.96 20.98
CA ASP E 87 -25.31 15.19 20.42
C ASP E 87 -24.86 14.18 21.47
N CYS E 88 -24.88 14.57 22.75
CA CYS E 88 -24.50 13.65 23.85
C CYS E 88 -25.43 13.90 25.04
N GLY E 89 -25.99 12.84 25.61
CA GLY E 89 -26.93 12.98 26.73
C GLY E 89 -27.74 11.73 26.97
N GLY E 90 -28.81 11.82 27.75
CA GLY E 90 -29.66 10.65 28.04
C GLY E 90 -31.08 11.03 28.39
N GLY E 91 -32.05 10.15 28.10
CA GLY E 91 -33.45 10.40 28.49
C GLY E 91 -33.90 9.29 29.42
N TYR E 92 -32.96 8.46 29.86
CA TYR E 92 -33.30 7.31 30.74
C TYR E 92 -33.80 7.81 32.10
N VAL E 93 -34.58 6.97 32.80
CA VAL E 93 -35.05 7.33 34.16
C VAL E 93 -34.70 6.17 35.10
N LYS E 94 -34.73 6.39 36.42
CA LYS E 94 -34.31 5.32 37.36
C LYS E 94 -35.35 5.14 38.47
N LEU E 95 -35.62 3.89 38.85
CA LEU E 95 -36.58 3.60 39.95
C LEU E 95 -35.79 3.38 41.24
N PHE E 96 -36.02 4.21 42.25
CA PHE E 96 -35.25 4.10 43.51
C PHE E 96 -36.15 3.60 44.64
N PRO E 97 -35.63 2.79 45.60
CA PRO E 97 -36.42 2.34 46.74
C PRO E 97 -36.70 3.49 47.71
N ASN E 98 -37.42 3.16 48.78
CA ASN E 98 -37.79 4.17 49.76
C ASN E 98 -36.57 4.73 50.48
N SER E 99 -35.50 3.95 50.60
CA SER E 99 -34.32 4.38 51.34
C SER E 99 -33.49 5.43 50.61
N LEU E 100 -33.80 5.71 49.33
CA LEU E 100 -33.02 6.68 48.57
C LEU E 100 -33.25 8.09 49.11
N ASP E 101 -32.18 8.87 49.15
CA ASP E 101 -32.27 10.25 49.63
C ASP E 101 -32.47 11.19 48.45
N GLN E 102 -33.56 11.94 48.46
CA GLN E 102 -33.85 12.86 47.37
C GLN E 102 -32.84 14.00 47.31
N THR E 103 -32.44 14.53 48.47
CA THR E 103 -31.52 15.66 48.51
C THR E 103 -30.06 15.25 48.31
N ASP E 104 -29.75 13.96 48.38
CA ASP E 104 -28.38 13.48 48.25
C ASP E 104 -28.19 12.56 47.05
N MET E 105 -29.05 12.65 46.04
CA MET E 105 -28.91 11.81 44.85
C MET E 105 -27.66 12.21 44.07
N HIS E 106 -26.65 11.33 44.11
CA HIS E 106 -25.39 11.60 43.38
C HIS E 106 -25.50 11.05 41.96
N GLY E 107 -24.36 10.95 41.25
CA GLY E 107 -24.37 10.46 39.89
C GLY E 107 -24.95 9.06 39.75
N ASP E 108 -24.63 8.16 40.70
CA ASP E 108 -25.09 6.78 40.67
C ASP E 108 -25.61 6.38 42.06
N SER E 109 -26.88 6.67 42.31
CA SER E 109 -27.50 6.31 43.57
C SER E 109 -28.08 4.91 43.51
N GLU E 110 -28.42 4.37 44.68
CA GLU E 110 -29.00 3.03 44.76
C GLU E 110 -30.38 2.99 44.13
N TYR E 111 -30.49 2.34 42.98
CA TYR E 111 -31.78 2.28 42.26
C TYR E 111 -32.16 0.83 41.98
N ASN E 112 -33.38 0.62 41.48
CA ASN E 112 -33.86 -0.71 41.14
C ASN E 112 -33.81 -0.98 39.63
N ILE E 113 -34.51 -0.14 38.85
CA ILE E 113 -34.59 -0.41 37.39
C ILE E 113 -34.33 0.91 36.68
N MET E 114 -33.55 0.89 35.61
CA MET E 114 -33.34 2.10 34.78
C MET E 114 -34.00 1.82 33.44
N PHE E 115 -34.80 2.76 32.92
CA PHE E 115 -35.45 2.56 31.60
C PHE E 115 -35.50 3.90 30.85
N GLY E 116 -35.05 3.90 29.59
CA GLY E 116 -35.08 5.13 28.77
C GLY E 116 -33.90 5.20 27.81
N PRO E 117 -33.93 6.12 26.83
CA PRO E 117 -32.82 6.29 25.88
C PRO E 117 -31.58 6.89 26.53
N ASP E 118 -30.45 6.67 25.89
CA ASP E 118 -29.17 7.25 26.30
C ASP E 118 -28.35 7.48 25.03
N ILE E 119 -28.26 8.72 24.56
CA ILE E 119 -27.55 8.98 23.27
C ILE E 119 -26.36 9.92 23.47
N CYS E 120 -25.14 9.46 23.13
CA CYS E 120 -23.94 10.32 23.23
C CYS E 120 -23.01 10.03 22.03
N GLY E 121 -23.36 10.53 20.85
CA GLY E 121 -22.55 10.33 19.63
C GLY E 121 -23.20 9.31 18.70
N PRO E 122 -22.75 9.16 17.44
CA PRO E 122 -23.41 8.26 16.49
C PRO E 122 -23.30 6.79 16.95
N GLY E 123 -22.13 6.40 17.45
CA GLY E 123 -21.92 4.99 17.85
C GLY E 123 -22.94 4.53 18.86
N THR E 124 -23.19 5.34 19.90
CA THR E 124 -24.17 4.98 20.96
C THR E 124 -25.53 5.59 20.64
N LYS E 125 -26.50 4.76 20.25
CA LYS E 125 -27.84 5.28 19.98
C LYS E 125 -28.88 4.29 20.50
N LYS E 126 -28.58 3.69 21.66
CA LYS E 126 -29.46 2.58 22.09
C LYS E 126 -30.14 2.82 23.43
N VAL E 127 -31.31 2.21 23.61
CA VAL E 127 -32.06 2.25 24.87
C VAL E 127 -31.26 1.50 25.92
N HIS E 128 -30.98 2.17 27.03
CA HIS E 128 -30.26 1.55 28.14
C HIS E 128 -31.26 1.17 29.22
N VAL E 129 -31.51 -0.13 29.35
CA VAL E 129 -32.37 -0.67 30.41
C VAL E 129 -31.51 -1.53 31.32
N ILE E 130 -31.39 -1.09 32.58
CA ILE E 130 -30.50 -1.80 33.53
C ILE E 130 -31.29 -2.18 34.79
N PHE E 131 -31.05 -3.39 35.30
CA PHE E 131 -31.71 -3.88 36.50
C PHE E 131 -30.71 -4.20 37.59
N ASN E 132 -31.16 -4.06 38.84
CA ASN E 132 -30.35 -4.37 40.01
C ASN E 132 -30.72 -5.76 40.52
N TYR E 133 -29.70 -6.59 40.74
CA TYR E 133 -29.90 -7.93 41.28
C TYR E 133 -28.63 -8.38 41.96
N LYS E 134 -28.76 -8.77 43.24
CA LYS E 134 -27.65 -9.23 44.06
C LYS E 134 -26.53 -8.20 44.15
N GLY E 135 -26.90 -6.91 44.14
CA GLY E 135 -25.91 -5.82 44.20
C GLY E 135 -25.15 -5.68 42.89
N LYS E 136 -25.88 -5.69 41.77
CA LYS E 136 -25.22 -5.59 40.43
C LYS E 136 -26.14 -4.87 39.44
N ASN E 137 -25.58 -3.98 38.62
CA ASN E 137 -26.39 -3.31 37.56
C ASN E 137 -26.25 -4.13 36.28
N VAL E 138 -27.34 -4.72 35.80
CA VAL E 138 -27.24 -5.64 34.62
C VAL E 138 -27.89 -4.99 33.38
N LEU E 139 -27.12 -4.82 32.30
CA LEU E 139 -27.68 -4.31 31.07
C LEU E 139 -28.22 -5.45 30.20
N ILE E 140 -29.03 -5.09 29.22
CA ILE E 140 -29.58 -6.07 28.28
C ILE E 140 -28.54 -6.37 27.20
N ASN E 141 -28.54 -7.61 26.72
CA ASN E 141 -27.65 -8.00 25.64
C ASN E 141 -28.19 -7.63 24.26
N LYS E 142 -29.46 -7.24 24.16
CA LYS E 142 -30.05 -6.87 22.88
C LYS E 142 -29.82 -5.39 22.60
N ASP E 143 -29.73 -5.06 21.32
CA ASP E 143 -29.40 -3.71 20.84
C ASP E 143 -30.69 -3.01 20.44
N ILE E 144 -31.30 -2.31 21.41
CA ILE E 144 -32.56 -1.62 21.17
C ILE E 144 -32.26 -0.19 20.72
N ARG E 145 -32.71 0.16 19.52
CA ARG E 145 -32.41 1.47 18.94
C ARG E 145 -33.45 2.49 19.40
N CYS E 146 -32.98 3.66 19.84
CA CYS E 146 -33.85 4.71 20.36
C CYS E 146 -33.88 5.87 19.39
N LYS E 147 -35.07 6.44 19.19
CA LYS E 147 -35.24 7.50 18.20
C LYS E 147 -34.40 8.71 18.56
N ASP E 148 -33.89 9.38 17.52
CA ASP E 148 -32.93 10.46 17.70
C ASP E 148 -33.39 11.82 17.18
N ASP E 149 -34.47 11.88 16.41
CA ASP E 149 -34.92 13.15 15.87
C ASP E 149 -35.55 14.00 16.97
N GLU E 150 -35.73 15.28 16.66
CA GLU E 150 -36.17 16.26 17.65
C GLU E 150 -37.59 16.05 18.13
N PHE E 151 -38.38 15.24 17.43
CA PHE E 151 -39.78 15.05 17.81
C PHE E 151 -39.88 14.24 19.10
N THR E 152 -41.00 14.43 19.79
CA THR E 152 -41.26 13.68 21.01
C THR E 152 -41.46 12.20 20.68
N HIS E 153 -40.81 11.35 21.48
CA HIS E 153 -40.90 9.89 21.24
C HIS E 153 -41.28 9.17 22.53
N LEU E 154 -42.34 8.35 22.48
CA LEU E 154 -42.82 7.62 23.64
C LEU E 154 -41.95 6.41 23.92
N TYR E 155 -41.78 6.09 25.20
CA TYR E 155 -41.02 4.93 25.63
C TYR E 155 -41.75 4.24 26.77
N THR E 156 -41.90 2.91 26.67
CA THR E 156 -42.68 2.14 27.63
C THR E 156 -41.98 0.82 27.96
N LEU E 157 -41.99 0.48 29.24
CA LEU E 157 -41.49 -0.79 29.75
C LEU E 157 -42.61 -1.54 30.45
N ILE E 158 -42.69 -2.84 30.22
CA ILE E 158 -43.62 -3.72 30.92
C ILE E 158 -42.83 -4.94 31.39
N VAL E 159 -42.98 -5.28 32.67
CA VAL E 159 -42.36 -6.48 33.23
C VAL E 159 -43.45 -7.26 33.96
N ARG E 160 -43.75 -8.45 33.49
CA ARG E 160 -44.70 -9.30 34.21
C ARG E 160 -43.97 -10.15 35.24
N PRO E 161 -44.68 -10.56 36.31
CA PRO E 161 -44.01 -11.32 37.38
C PRO E 161 -43.49 -12.68 36.94
N ASP E 162 -43.61 -13.01 35.64
CA ASP E 162 -43.06 -14.27 35.09
C ASP E 162 -41.70 -13.96 34.45
N ASN E 163 -40.91 -13.09 35.09
CA ASN E 163 -39.61 -12.65 34.61
C ASN E 163 -39.59 -12.49 33.09
N THR E 164 -40.65 -11.85 32.59
CA THR E 164 -40.73 -11.53 31.15
C THR E 164 -40.74 -10.01 31.01
N TYR E 165 -40.26 -9.49 29.90
CA TYR E 165 -40.18 -8.06 29.65
C TYR E 165 -40.65 -7.75 28.23
N GLU E 166 -41.16 -6.51 28.07
CA GLU E 166 -41.60 -6.01 26.78
C GLU E 166 -41.33 -4.51 26.74
N VAL E 167 -40.54 -4.08 25.76
CA VAL E 167 -40.18 -2.68 25.58
C VAL E 167 -40.85 -2.17 24.32
N LYS E 168 -41.57 -1.05 24.45
CA LYS E 168 -42.32 -0.45 23.36
C LYS E 168 -41.85 0.98 23.11
N ILE E 169 -41.84 1.36 21.85
CA ILE E 169 -41.50 2.71 21.42
C ILE E 169 -42.68 3.27 20.62
N ASP E 170 -43.21 4.41 21.04
CA ASP E 170 -44.32 5.08 20.37
C ASP E 170 -45.53 4.15 20.26
N ASN E 171 -45.88 3.51 21.37
CA ASN E 171 -47.01 2.59 21.46
C ASN E 171 -46.83 1.36 20.57
N SER E 172 -45.65 1.25 19.97
CA SER E 172 -45.38 0.10 19.05
C SER E 172 -44.38 -0.87 19.70
N GLN E 173 -44.65 -2.17 19.61
CA GLN E 173 -43.75 -3.18 20.25
C GLN E 173 -42.38 -3.16 19.53
N VAL E 174 -41.30 -3.04 20.30
CA VAL E 174 -39.94 -2.93 19.69
C VAL E 174 -39.04 -4.05 20.23
N GLU E 175 -39.39 -4.63 21.39
CA GLU E 175 -38.61 -5.73 21.94
C GLU E 175 -39.46 -6.50 22.93
N SER E 176 -39.22 -7.81 23.02
CA SER E 176 -39.94 -8.65 23.96
C SER E 176 -39.09 -9.89 24.25
N GLY E 177 -39.26 -10.43 25.45
CA GLY E 177 -38.53 -11.64 25.79
C GLY E 177 -38.63 -11.95 27.27
N SER E 178 -37.68 -12.75 27.74
CA SER E 178 -37.62 -13.17 29.14
C SER E 178 -36.38 -12.60 29.80
N LEU E 179 -36.51 -12.28 31.09
CA LEU E 179 -35.40 -11.69 31.82
C LEU E 179 -34.25 -12.67 31.99
N GLU E 180 -34.57 -13.94 32.24
CA GLU E 180 -33.56 -14.96 32.50
C GLU E 180 -32.94 -15.51 31.21
N ASP E 181 -33.18 -14.87 30.08
CA ASP E 181 -32.62 -15.32 28.81
C ASP E 181 -31.85 -14.26 28.04
N ASP E 182 -32.08 -12.97 28.27
CA ASP E 182 -31.40 -11.90 27.56
C ASP E 182 -30.48 -11.09 28.47
N TRP E 183 -30.20 -11.58 29.67
CA TRP E 183 -29.36 -10.87 30.62
C TRP E 183 -28.30 -11.83 31.15
N ASP E 184 -27.55 -11.38 32.16
CA ASP E 184 -26.50 -12.17 32.78
C ASP E 184 -26.86 -12.52 34.22
N PHE E 185 -28.12 -12.85 34.47
CA PHE E 185 -28.53 -13.29 35.79
C PHE E 185 -27.80 -14.57 36.19
N LEU E 186 -28.06 -15.64 35.44
CA LEU E 186 -27.37 -16.92 35.62
C LEU E 186 -26.87 -17.37 34.26
N PRO E 187 -25.74 -16.83 33.80
CA PRO E 187 -25.24 -17.11 32.45
C PRO E 187 -24.96 -18.58 32.18
N PRO E 188 -24.57 -19.41 33.16
CA PRO E 188 -24.49 -20.84 32.86
C PRO E 188 -25.88 -21.45 32.65
N LYS E 189 -26.17 -21.83 31.42
CA LYS E 189 -27.41 -22.53 31.10
C LYS E 189 -27.09 -23.93 30.60
N LYS E 190 -26.25 -24.01 29.57
CA LYS E 190 -25.78 -25.28 29.04
C LYS E 190 -24.27 -25.16 28.81
N ILE E 191 -23.51 -26.07 29.41
CA ILE E 191 -22.05 -26.01 29.36
C ILE E 191 -21.55 -27.18 28.52
N LYS E 192 -20.69 -26.90 27.56
CA LYS E 192 -20.06 -27.96 26.77
C LYS E 192 -19.13 -28.78 27.66
N ASP E 193 -19.12 -30.10 27.42
CA ASP E 193 -18.29 -30.98 28.22
C ASP E 193 -16.82 -30.77 27.90
N PRO E 194 -16.00 -30.34 28.87
CA PRO E 194 -14.57 -30.17 28.59
C PRO E 194 -13.85 -31.45 28.22
N ASP E 195 -14.26 -32.60 28.76
CA ASP E 195 -13.59 -33.86 28.46
C ASP E 195 -14.00 -34.43 27.12
N ALA E 196 -15.01 -33.86 26.46
CA ALA E 196 -15.49 -34.36 25.18
C ALA E 196 -14.58 -33.85 24.07
N SER E 197 -13.37 -34.41 24.03
CA SER E 197 -12.42 -34.07 22.99
C SER E 197 -12.81 -34.73 21.67
N LYS E 198 -12.32 -34.15 20.59
CA LYS E 198 -12.62 -34.67 19.25
C LYS E 198 -11.95 -36.03 19.09
N PRO E 199 -12.70 -37.08 18.78
CA PRO E 199 -12.08 -38.39 18.59
C PRO E 199 -11.15 -38.42 17.38
N GLU E 200 -10.13 -39.27 17.46
CA GLU E 200 -9.19 -39.40 16.35
C GLU E 200 -9.86 -39.99 15.12
N ASP E 201 -10.89 -40.82 15.30
CA ASP E 201 -11.62 -41.39 14.17
C ASP E 201 -12.62 -40.42 13.56
N TRP E 202 -12.93 -39.32 14.24
CA TRP E 202 -13.88 -38.33 13.73
C TRP E 202 -13.10 -37.33 12.89
N ASP E 203 -12.97 -37.61 11.60
CA ASP E 203 -12.22 -36.74 10.70
C ASP E 203 -13.05 -35.51 10.34
N GLU E 204 -12.41 -34.35 10.42
CA GLU E 204 -13.04 -33.08 10.02
C GLU E 204 -12.74 -32.74 8.57
N ARG E 205 -11.46 -32.76 8.20
CA ARG E 205 -11.05 -32.58 6.81
C ARG E 205 -10.87 -33.94 6.13
N ALA E 206 -11.99 -34.60 5.88
CA ALA E 206 -11.98 -35.94 5.33
C ALA E 206 -11.45 -35.95 3.90
N LYS E 207 -10.61 -36.92 3.60
CA LYS E 207 -10.06 -37.12 2.27
C LYS E 207 -9.80 -38.61 2.05
N ILE E 208 -10.23 -39.12 0.90
CA ILE E 208 -10.10 -40.52 0.55
C ILE E 208 -9.26 -40.64 -0.70
N ASP E 209 -8.26 -41.50 -0.67
CA ASP E 209 -7.40 -41.72 -1.83
C ASP E 209 -7.98 -42.80 -2.72
N ASP E 210 -7.80 -42.63 -4.03
CA ASP E 210 -8.27 -43.57 -5.04
C ASP E 210 -9.76 -43.88 -4.94
N PRO E 211 -10.64 -42.87 -5.06
CA PRO E 211 -12.07 -43.18 -5.10
C PRO E 211 -12.50 -43.83 -6.39
N THR E 212 -12.07 -43.28 -7.54
CA THR E 212 -12.37 -43.88 -8.83
C THR E 212 -11.14 -43.84 -9.72
N ASP E 213 -9.97 -44.12 -9.15
CA ASP E 213 -8.72 -44.06 -9.89
C ASP E 213 -7.71 -44.99 -9.23
N SER E 214 -6.61 -45.22 -9.93
CA SER E 214 -5.53 -46.08 -9.44
C SER E 214 -4.21 -45.47 -9.90
N LYS E 215 -3.12 -46.18 -9.60
CA LYS E 215 -1.78 -45.74 -10.01
C LYS E 215 -1.68 -45.76 -11.52
N PRO E 216 -1.51 -44.59 -12.17
CA PRO E 216 -1.50 -44.57 -13.64
C PRO E 216 -0.27 -45.25 -14.23
N GLU E 217 0.89 -45.11 -13.61
CA GLU E 217 2.16 -45.66 -14.08
C GLU E 217 2.60 -45.02 -15.39
N ASP E 218 1.80 -44.06 -15.89
CA ASP E 218 2.19 -43.35 -17.11
C ASP E 218 2.93 -42.06 -16.76
N TRP E 219 2.45 -41.32 -15.75
CA TRP E 219 3.13 -40.11 -15.32
C TRP E 219 4.42 -40.42 -14.57
N ASP E 220 4.67 -41.68 -14.23
CA ASP E 220 5.86 -42.08 -13.48
C ASP E 220 7.04 -42.21 -14.45
N LYS E 221 7.29 -41.13 -15.18
CA LYS E 221 8.40 -40.99 -16.12
C LYS E 221 9.67 -40.60 -15.38
N PRO E 222 10.84 -40.88 -15.97
CA PRO E 222 12.10 -40.47 -15.34
C PRO E 222 12.15 -38.95 -15.15
N GLU E 223 12.76 -38.53 -14.04
CA GLU E 223 12.81 -37.10 -13.72
C GLU E 223 13.60 -36.32 -14.76
N HIS E 224 14.72 -36.85 -15.21
CA HIS E 224 15.56 -36.19 -16.21
C HIS E 224 15.74 -37.12 -17.41
N ILE E 225 15.56 -36.58 -18.61
CA ILE E 225 15.72 -37.33 -19.84
C ILE E 225 16.70 -36.58 -20.74
N PRO E 226 17.41 -37.27 -21.63
CA PRO E 226 18.36 -36.58 -22.52
C PRO E 226 17.65 -35.55 -23.40
N ASP E 227 18.34 -34.44 -23.64
CA ASP E 227 17.77 -33.38 -24.45
C ASP E 227 17.57 -33.87 -25.88
N PRO E 228 16.41 -33.61 -26.49
CA PRO E 228 16.19 -34.05 -27.88
C PRO E 228 17.17 -33.46 -28.87
N ASP E 229 17.63 -32.23 -28.64
CA ASP E 229 18.55 -31.56 -29.55
C ASP E 229 19.97 -31.54 -28.98
N ALA E 230 20.36 -32.63 -28.33
CA ALA E 230 21.69 -32.74 -27.72
C ALA E 230 22.72 -33.10 -28.79
N LYS E 231 23.05 -32.09 -29.59
CA LYS E 231 24.04 -32.25 -30.66
C LYS E 231 25.42 -31.90 -30.11
N LYS E 232 26.34 -32.86 -30.13
CA LYS E 232 27.68 -32.63 -29.64
C LYS E 232 28.42 -31.63 -30.54
N PRO E 233 29.23 -30.74 -29.95
CA PRO E 233 30.01 -29.81 -30.77
C PRO E 233 31.11 -30.55 -31.52
N GLU E 234 31.38 -30.10 -32.75
CA GLU E 234 32.42 -30.73 -33.55
C GLU E 234 33.81 -30.50 -32.97
N ASP E 235 34.03 -29.35 -32.34
CA ASP E 235 35.32 -29.04 -31.73
C ASP E 235 35.59 -29.87 -30.48
N TRP E 236 34.59 -30.55 -29.93
CA TRP E 236 34.77 -31.36 -28.74
C TRP E 236 35.61 -32.59 -29.08
N ASP E 237 36.60 -32.88 -28.24
CA ASP E 237 37.43 -34.06 -28.38
C ASP E 237 37.19 -34.93 -27.15
N GLU E 238 36.58 -36.11 -27.36
CA GLU E 238 36.34 -37.02 -26.24
C GLU E 238 37.63 -37.51 -25.62
N GLU E 239 38.73 -37.50 -26.40
CA GLU E 239 40.02 -37.88 -25.85
C GLU E 239 40.45 -36.95 -24.73
N MET E 240 40.29 -35.63 -24.91
CA MET E 240 40.68 -34.70 -23.86
C MET E 240 39.57 -34.54 -22.82
N ASP E 241 38.31 -34.60 -23.24
CA ASP E 241 37.17 -34.43 -22.35
C ASP E 241 36.80 -35.71 -21.61
N GLY E 242 37.48 -36.81 -21.88
CA GLY E 242 37.16 -38.07 -21.24
C GLY E 242 36.02 -38.80 -21.92
N GLU E 243 34.80 -38.34 -21.70
CA GLU E 243 33.63 -38.95 -22.32
C GLU E 243 32.49 -37.95 -22.43
N TRP E 244 32.24 -37.44 -23.64
CA TRP E 244 31.12 -36.54 -23.84
C TRP E 244 29.80 -37.28 -23.65
N GLU E 245 28.83 -36.59 -23.05
CA GLU E 245 27.52 -37.15 -22.80
C GLU E 245 26.44 -36.18 -23.26
N PRO E 246 25.28 -36.70 -23.66
CA PRO E 246 24.18 -35.82 -24.04
C PRO E 246 23.59 -35.13 -22.82
N PRO E 247 23.45 -33.80 -22.86
CA PRO E 247 22.83 -33.10 -21.73
C PRO E 247 21.41 -33.59 -21.49
N VAL E 248 21.05 -33.69 -20.22
CA VAL E 248 19.72 -34.13 -19.83
C VAL E 248 19.01 -32.98 -19.12
N ILE E 249 17.69 -32.93 -19.33
CA ILE E 249 16.84 -31.88 -18.76
C ILE E 249 15.57 -32.54 -18.22
N GLN E 250 14.84 -31.79 -17.39
CA GLN E 250 13.59 -32.30 -16.85
C GLN E 250 12.58 -32.53 -17.97
N ASN E 251 11.97 -33.72 -17.98
CA ASN E 251 11.02 -34.10 -19.06
C ASN E 251 9.70 -33.34 -18.88
N PRO E 252 9.05 -32.87 -19.96
CA PRO E 252 7.75 -32.16 -19.85
C PRO E 252 6.67 -33.02 -19.23
N GLU E 253 6.84 -34.34 -19.20
CA GLU E 253 5.80 -35.26 -18.72
C GLU E 253 5.87 -35.51 -17.23
N TYR E 254 6.79 -34.87 -16.51
CA TYR E 254 6.87 -35.06 -15.07
C TYR E 254 5.64 -34.51 -14.38
N LYS E 255 5.18 -35.23 -13.36
CA LYS E 255 4.00 -34.84 -12.60
C LYS E 255 4.27 -35.12 -11.13
N GLY E 256 3.24 -34.96 -10.29
CA GLY E 256 3.37 -35.21 -8.88
C GLY E 256 3.24 -36.68 -8.52
N GLU E 257 4.26 -37.46 -8.85
CA GLU E 257 4.27 -38.91 -8.62
C GLU E 257 3.02 -39.56 -9.20
N TRP E 258 2.22 -40.18 -8.33
CA TRP E 258 0.97 -40.83 -8.75
C TRP E 258 -0.11 -40.48 -7.72
N LYS E 259 -0.84 -39.41 -7.98
CA LYS E 259 -1.92 -38.99 -7.10
C LYS E 259 -3.23 -39.60 -7.59
N PRO E 260 -3.86 -40.49 -6.81
CA PRO E 260 -5.09 -41.16 -7.26
C PRO E 260 -6.35 -40.33 -7.02
N ARG E 261 -6.29 -39.05 -7.37
CA ARG E 261 -7.44 -38.13 -7.27
C ARG E 261 -8.01 -38.11 -5.85
N GLN E 262 -7.17 -37.66 -4.92
CA GLN E 262 -7.57 -37.55 -3.52
C GLN E 262 -8.62 -36.47 -3.38
N ILE E 263 -9.89 -36.87 -3.23
CA ILE E 263 -11.01 -35.94 -3.16
C ILE E 263 -11.44 -35.81 -1.71
N ASP E 264 -12.14 -34.71 -1.42
CA ASP E 264 -12.57 -34.38 -0.07
C ASP E 264 -14.02 -34.81 0.13
N ASN E 265 -14.56 -34.53 1.31
CA ASN E 265 -15.94 -34.86 1.67
C ASN E 265 -16.27 -36.33 1.43
N PRO E 266 -15.34 -37.25 1.70
CA PRO E 266 -15.71 -38.67 1.70
C PRO E 266 -16.03 -39.17 3.10
N ASP E 267 -17.10 -39.96 3.23
CA ASP E 267 -17.53 -40.52 4.52
C ASP E 267 -17.58 -39.46 5.62
N TYR E 268 -17.95 -38.23 5.27
CA TYR E 268 -17.88 -37.12 6.21
C TYR E 268 -19.03 -37.18 7.20
N LYS E 269 -18.71 -37.22 8.48
CA LYS E 269 -19.71 -37.19 9.55
C LYS E 269 -19.98 -35.79 10.06
N GLY E 270 -19.35 -34.77 9.48
CA GLY E 270 -19.53 -33.40 9.92
C GLY E 270 -18.51 -32.99 10.98
N THR E 271 -18.49 -31.70 11.24
CA THR E 271 -17.57 -31.15 12.24
C THR E 271 -17.99 -31.59 13.63
N TRP E 272 -17.03 -32.10 14.40
CA TRP E 272 -17.32 -32.57 15.74
C TRP E 272 -17.31 -31.40 16.73
N ILE E 273 -18.23 -31.46 17.69
CA ILE E 273 -18.33 -30.42 18.72
C ILE E 273 -18.58 -31.11 20.06
N HIS E 274 -18.23 -30.42 21.13
CA HIS E 274 -18.42 -30.96 22.47
C HIS E 274 -19.90 -30.92 22.84
N PRO E 275 -20.52 -32.06 23.15
CA PRO E 275 -21.93 -32.03 23.57
C PRO E 275 -22.12 -31.23 24.84
N GLU E 276 -23.24 -30.51 24.91
CA GLU E 276 -23.53 -29.68 26.06
C GLU E 276 -24.42 -30.41 27.05
N ILE E 277 -24.20 -30.10 28.33
CA ILE E 277 -24.97 -30.68 29.42
C ILE E 277 -25.45 -29.56 30.34
N ASP E 278 -26.46 -29.87 31.15
CA ASP E 278 -27.01 -28.90 32.09
C ASP E 278 -25.93 -28.43 33.05
N ASN E 279 -25.65 -27.13 33.04
CA ASN E 279 -24.63 -26.58 33.90
C ASN E 279 -25.06 -26.64 35.36
N PRO E 280 -24.24 -27.18 36.26
CA PRO E 280 -24.63 -27.22 37.67
C PRO E 280 -24.63 -25.85 38.34
N GLU E 281 -24.01 -24.86 37.72
CA GLU E 281 -24.01 -23.49 38.25
C GLU E 281 -25.27 -22.72 37.87
N TYR E 282 -26.17 -23.32 37.08
CA TYR E 282 -27.41 -22.65 36.70
C TYR E 282 -28.31 -22.49 37.93
N SER E 283 -28.77 -21.26 38.15
CA SER E 283 -29.70 -21.01 39.26
C SER E 283 -30.55 -19.78 38.97
N PRO E 284 -31.42 -19.80 37.97
CA PRO E 284 -32.34 -18.68 37.76
C PRO E 284 -33.37 -18.60 38.87
N ASP E 285 -33.84 -17.38 39.12
CA ASP E 285 -34.82 -17.16 40.17
C ASP E 285 -36.08 -16.54 39.60
N PRO E 286 -37.25 -17.13 39.88
CA PRO E 286 -38.51 -16.52 39.43
C PRO E 286 -38.74 -15.13 40.00
N SER E 287 -38.21 -14.84 41.19
CA SER E 287 -38.35 -13.54 41.81
C SER E 287 -37.33 -12.53 41.32
N ILE E 288 -36.69 -12.77 40.18
CA ILE E 288 -35.73 -11.82 39.63
C ILE E 288 -36.42 -10.50 39.30
N TYR E 289 -37.63 -10.58 38.74
CA TYR E 289 -38.39 -9.38 38.42
C TYR E 289 -38.94 -8.69 39.66
N ALA E 290 -39.04 -9.41 40.78
CA ALA E 290 -39.58 -8.83 42.00
C ALA E 290 -38.55 -7.92 42.68
N TYR E 291 -39.06 -6.87 43.32
CA TYR E 291 -38.23 -5.93 44.07
C TYR E 291 -38.91 -5.60 45.38
N ASP E 292 -38.10 -5.19 46.36
CA ASP E 292 -38.61 -4.93 47.70
C ASP E 292 -39.62 -3.79 47.69
N ASN E 293 -39.23 -2.64 47.13
CA ASN E 293 -40.12 -1.48 47.11
C ASN E 293 -39.56 -0.44 46.14
N PHE E 294 -40.47 0.31 45.53
CA PHE E 294 -40.12 1.47 44.70
C PHE E 294 -40.67 2.70 45.37
N GLY E 295 -39.79 3.68 45.64
CA GLY E 295 -40.21 4.86 46.36
C GLY E 295 -40.00 6.17 45.62
N VAL E 296 -39.02 6.22 44.72
CA VAL E 296 -38.62 7.45 44.05
C VAL E 296 -38.51 7.19 42.55
N LEU E 297 -38.91 8.18 41.76
CA LEU E 297 -38.67 8.18 40.32
C LEU E 297 -37.69 9.33 40.06
N GLY E 298 -36.49 8.99 39.61
CA GLY E 298 -35.44 9.96 39.43
C GLY E 298 -34.92 10.04 37.99
N LEU E 299 -34.20 11.13 37.72
CA LEU E 299 -33.61 11.34 36.40
C LEU E 299 -32.28 12.06 36.61
N ASP E 300 -31.19 11.29 36.71
CA ASP E 300 -29.84 11.89 36.87
C ASP E 300 -29.09 11.70 35.55
N LEU E 301 -29.01 12.74 34.73
CA LEU E 301 -28.40 12.55 33.38
C LEU E 301 -27.44 13.69 33.01
N TRP E 302 -26.36 13.36 32.31
CA TRP E 302 -25.41 14.40 31.84
C TRP E 302 -25.75 14.74 30.39
N GLN E 303 -25.96 16.02 30.10
CA GLN E 303 -26.35 16.46 28.73
C GLN E 303 -25.46 17.62 28.31
N VAL E 304 -24.73 17.44 27.20
CA VAL E 304 -23.84 18.48 26.70
C VAL E 304 -24.63 19.66 26.15
N LYS E 305 -25.70 19.38 25.39
CA LYS E 305 -26.57 20.43 24.84
C LYS E 305 -27.95 20.27 25.46
N SER E 306 -28.29 21.19 26.36
CA SER E 306 -29.56 21.13 27.06
C SER E 306 -30.73 21.42 26.11
N GLY E 307 -31.91 21.05 26.56
CA GLY E 307 -33.11 21.24 25.75
C GLY E 307 -33.98 20.00 25.67
N THR E 308 -33.70 19.02 26.52
CA THR E 308 -34.46 17.78 26.54
C THR E 308 -35.69 17.93 27.43
N ILE E 309 -36.86 17.67 26.87
CA ILE E 309 -38.14 17.84 27.58
C ILE E 309 -38.65 16.48 28.00
N PHE E 310 -39.04 16.37 29.27
CA PHE E 310 -39.61 15.14 29.81
C PHE E 310 -41.06 15.41 30.20
N ASP E 311 -41.96 14.51 29.80
CA ASP E 311 -43.37 14.69 30.09
C ASP E 311 -44.07 13.34 30.08
N ASN E 312 -45.30 13.32 30.58
CA ASN E 312 -46.19 12.16 30.51
C ASN E 312 -45.60 10.95 31.24
N PHE E 313 -45.22 11.17 32.50
CA PHE E 313 -44.70 10.09 33.34
C PHE E 313 -45.87 9.28 33.89
N LEU E 314 -45.78 7.96 33.80
CA LEU E 314 -46.82 7.07 34.29
C LEU E 314 -46.19 5.77 34.77
N ILE E 315 -46.55 5.35 35.97
CA ILE E 315 -46.11 4.08 36.54
C ILE E 315 -47.35 3.38 37.08
N THR E 316 -47.60 2.17 36.61
CA THR E 316 -48.85 1.47 36.91
C THR E 316 -48.64 -0.03 36.81
N ASN E 317 -49.73 -0.78 36.80
CA ASN E 317 -49.69 -2.24 36.78
C ASN E 317 -50.50 -2.83 35.62
N ASP E 318 -51.20 -2.01 34.85
CA ASP E 318 -52.06 -2.50 33.78
C ASP E 318 -51.50 -2.07 32.44
N GLU E 319 -51.31 -3.03 31.53
CA GLU E 319 -50.76 -2.72 30.23
C GLU E 319 -51.74 -1.90 29.39
N ALA E 320 -53.02 -2.27 29.41
CA ALA E 320 -54.01 -1.56 28.59
C ALA E 320 -54.19 -0.12 29.05
N TYR E 321 -54.20 0.09 30.37
CA TYR E 321 -54.30 1.45 30.93
C TYR E 321 -53.17 2.35 30.44
N ALA E 322 -51.93 1.90 30.60
CA ALA E 322 -50.78 2.69 30.17
C ALA E 322 -50.78 2.87 28.66
N GLU E 323 -51.15 1.82 27.92
CA GLU E 323 -51.20 1.93 26.46
C GLU E 323 -52.22 2.97 26.01
N GLU E 324 -53.40 2.98 26.64
CA GLU E 324 -54.44 3.92 26.25
C GLU E 324 -54.01 5.35 26.54
N PHE E 325 -53.45 5.62 27.72
CA PHE E 325 -53.01 6.98 28.00
C PHE E 325 -51.79 7.38 27.17
N GLY E 326 -50.89 6.45 26.90
CA GLY E 326 -49.77 6.75 26.01
C GLY E 326 -50.25 7.13 24.63
N ASN E 327 -51.23 6.39 24.09
CA ASN E 327 -51.83 6.78 22.83
C ASN E 327 -52.47 8.15 22.91
N GLU E 328 -53.43 8.34 23.82
CA GLU E 328 -54.21 9.57 23.85
C GLU E 328 -53.36 10.79 24.19
N THR E 329 -52.14 10.61 24.67
CA THR E 329 -51.26 11.76 24.82
C THR E 329 -50.32 11.91 23.63
N TRP E 330 -49.52 10.89 23.36
CA TRP E 330 -48.45 11.00 22.37
C TRP E 330 -49.00 11.17 20.96
N GLY E 331 -50.00 10.36 20.58
CA GLY E 331 -50.54 10.46 19.24
C GLY E 331 -51.24 11.78 18.99
N VAL E 332 -51.94 12.28 20.01
CA VAL E 332 -52.60 13.58 19.90
C VAL E 332 -51.56 14.68 19.74
N THR E 333 -50.47 14.61 20.51
CA THR E 333 -49.41 15.60 20.37
C THR E 333 -48.78 15.55 18.99
N LYS E 334 -48.43 14.34 18.53
CA LYS E 334 -47.54 14.13 17.40
C LYS E 334 -47.98 14.84 16.13
N ALA E 335 -49.28 14.81 15.83
CA ALA E 335 -49.75 15.43 14.59
C ALA E 335 -49.43 16.92 14.58
N ALA E 336 -50.08 17.68 15.45
CA ALA E 336 -49.85 19.12 15.49
C ALA E 336 -48.38 19.44 15.64
N GLU E 337 -47.67 18.61 16.42
CA GLU E 337 -46.23 18.77 16.55
C GLU E 337 -45.55 18.77 15.18
N LYS E 338 -45.84 17.76 14.36
CA LYS E 338 -45.09 17.61 13.11
C LYS E 338 -45.52 18.65 12.07
N GLN E 339 -46.83 18.93 11.96
CA GLN E 339 -47.22 19.96 10.99
C GLN E 339 -46.67 21.33 11.35
N MET E 340 -46.82 21.73 12.62
CA MET E 340 -46.31 23.04 13.09
C MET E 340 -44.79 23.07 12.86
N LYS E 341 -44.11 22.00 13.27
CA LYS E 341 -42.63 21.90 13.10
C LYS E 341 -42.29 22.14 11.62
N ASP E 342 -43.01 21.49 10.72
CA ASP E 342 -42.75 21.69 9.29
C ASP E 342 -42.99 23.14 8.90
N LYS E 343 -44.01 23.77 9.49
CA LYS E 343 -44.27 25.18 9.23
C LYS E 343 -43.08 26.05 9.65
N GLN E 344 -42.59 25.86 10.86
CA GLN E 344 -41.46 26.70 11.30
C GLN E 344 -40.20 26.35 10.52
N ASP E 345 -40.07 25.10 10.07
CA ASP E 345 -38.93 24.73 9.24
C ASP E 345 -38.98 25.43 7.88
N GLU E 346 -40.18 25.54 7.31
CA GLU E 346 -40.35 26.31 6.08
C GLU E 346 -39.99 27.77 6.30
N GLU E 347 -40.42 28.34 7.44
CA GLU E 347 -40.05 29.71 7.76
C GLU E 347 -38.54 29.86 7.89
N GLN E 348 -37.88 28.90 8.55
CA GLN E 348 -36.44 28.95 8.70
C GLN E 348 -35.73 28.85 7.36
N ARG E 349 -36.23 27.98 6.47
CA ARG E 349 -35.60 27.83 5.16
C ARG E 349 -35.81 29.08 4.31
N LEU E 350 -36.96 29.74 4.45
CA LEU E 350 -37.16 31.03 3.79
C LEU E 350 -36.18 32.07 4.31
N LYS E 351 -35.97 32.11 5.62
CA LYS E 351 -35.01 33.04 6.20
C LYS E 351 -33.59 32.75 5.70
N GLU E 352 -33.22 31.47 5.64
CA GLU E 352 -31.89 31.11 5.16
C GLU E 352 -31.71 31.48 3.69
N GLU E 353 -32.74 31.28 2.87
CA GLU E 353 -32.66 31.68 1.47
C GLU E 353 -32.53 33.18 1.33
N GLU E 354 -33.25 33.94 2.16
CA GLU E 354 -33.11 35.40 2.15
C GLU E 354 -31.69 35.81 2.54
N GLU E 355 -31.13 35.17 3.56
CA GLU E 355 -29.76 35.47 3.97
C GLU E 355 -28.77 35.12 2.87
N ASP E 356 -28.98 34.01 2.18
CA ASP E 356 -28.11 33.63 1.07
C ASP E 356 -28.19 34.63 -0.07
N LYS E 357 -29.40 35.10 -0.38
CA LYS E 357 -29.55 36.12 -1.41
C LYS E 357 -28.86 37.42 -1.01
N LYS E 358 -28.98 37.81 0.26
CA LYS E 358 -28.29 39.00 0.74
C LYS E 358 -26.78 38.86 0.62
N ARG E 359 -26.26 37.68 1.00
CA ARG E 359 -24.83 37.43 0.86
C ARG E 359 -24.38 37.48 -0.59
N LYS E 360 -25.19 36.91 -1.49
CA LYS E 360 -24.85 36.92 -2.90
C LYS E 360 -24.84 38.34 -3.47
N GLU E 361 -25.82 39.16 -3.10
CA GLU E 361 -25.85 40.52 -3.62
C GLU E 361 -24.73 41.37 -3.03
N GLU E 362 -24.39 41.15 -1.75
CA GLU E 362 -23.24 41.83 -1.18
C GLU E 362 -21.96 41.42 -1.89
N GLU E 363 -21.82 40.13 -2.21
CA GLU E 363 -20.63 39.66 -2.92
C GLU E 363 -20.55 40.27 -4.32
N GLU E 364 -21.69 40.36 -5.00
CA GLU E 364 -21.72 41.00 -6.31
C GLU E 364 -21.35 42.47 -6.22
N ALA E 365 -21.85 43.18 -5.19
CA ALA E 365 -21.50 44.57 -5.00
C ALA E 365 -20.01 44.74 -4.73
N GLU E 366 -19.42 43.84 -3.94
CA GLU E 366 -17.98 43.87 -3.72
C GLU E 366 -17.21 43.61 -5.02
N ASP E 367 -17.72 42.70 -5.85
CA ASP E 367 -17.09 42.44 -7.14
C ASP E 367 -17.14 43.66 -8.06
N LYS E 368 -18.25 44.39 -8.05
CA LYS E 368 -18.40 45.53 -8.94
C LYS E 368 -17.36 46.61 -8.64
N GLU E 369 -17.06 46.84 -7.37
CA GLU E 369 -16.07 47.84 -6.98
C GLU E 369 -14.66 47.43 -7.44
#